data_1WEP
#
_entry.id   1WEP
#
loop_
_entity.id
_entity.type
_entity.pdbx_description
1 polymer PHF8
2 non-polymer 'ZINC ION'
#
_entity_poly.entity_id   1
_entity_poly.type   'polypeptide(L)'
_entity_poly.pdbx_seq_one_letter_code
;GSSGSSGMALVPVYCLCRQPYNVNHFMIECGLCQDWFHGSCVGIEEENAVDIDIYHCPDCEAVFGPSIMKNWHSGPSSG
;
_entity_poly.pdbx_strand_id   A
#
# COMPACT_ATOMS: atom_id res chain seq x y z
N GLY A 1 -30.39 -6.75 10.24
CA GLY A 1 -30.15 -8.08 10.77
C GLY A 1 -31.09 -9.12 10.20
N SER A 2 -30.58 -9.98 9.34
CA SER A 2 -31.39 -11.02 8.71
C SER A 2 -30.51 -12.05 8.01
N SER A 3 -30.86 -13.32 8.18
CA SER A 3 -30.10 -14.41 7.57
C SER A 3 -29.73 -14.07 6.13
N GLY A 4 -30.72 -13.64 5.35
CA GLY A 4 -30.47 -13.29 3.96
C GLY A 4 -29.83 -11.93 3.81
N SER A 5 -29.97 -11.34 2.63
CA SER A 5 -29.39 -10.03 2.37
C SER A 5 -27.86 -10.10 2.33
N SER A 6 -27.35 -11.14 1.69
CA SER A 6 -25.89 -11.33 1.59
C SER A 6 -25.29 -10.37 0.57
N GLY A 7 -23.96 -10.31 0.53
CA GLY A 7 -23.29 -9.43 -0.40
C GLY A 7 -22.86 -10.14 -1.66
N MET A 8 -22.52 -11.42 -1.54
CA MET A 8 -22.09 -12.21 -2.69
C MET A 8 -20.85 -11.61 -3.34
N ALA A 9 -19.90 -11.19 -2.51
CA ALA A 9 -18.66 -10.60 -3.00
C ALA A 9 -17.45 -11.23 -2.32
N LEU A 10 -16.47 -11.64 -3.13
CA LEU A 10 -15.25 -12.25 -2.60
C LEU A 10 -14.05 -11.37 -2.88
N VAL A 11 -13.16 -11.27 -1.88
CA VAL A 11 -11.95 -10.45 -2.02
C VAL A 11 -10.80 -11.05 -1.21
N PRO A 12 -9.71 -11.40 -1.90
CA PRO A 12 -8.53 -11.98 -1.27
C PRO A 12 -7.77 -10.97 -0.41
N VAL A 13 -6.99 -11.48 0.54
CA VAL A 13 -6.22 -10.62 1.43
C VAL A 13 -4.85 -10.30 0.83
N TYR A 14 -4.39 -9.07 1.02
CA TYR A 14 -3.10 -8.64 0.50
C TYR A 14 -2.17 -8.24 1.63
N CYS A 15 -2.71 -7.49 2.60
CA CYS A 15 -1.92 -7.04 3.74
C CYS A 15 -1.34 -8.23 4.51
N LEU A 16 -0.48 -7.93 5.48
CA LEU A 16 0.14 -8.98 6.29
C LEU A 16 -0.82 -9.49 7.36
N CYS A 17 -1.81 -8.66 7.69
CA CYS A 17 -2.81 -9.03 8.69
C CYS A 17 -3.93 -9.86 8.08
N ARG A 18 -3.63 -10.52 6.97
CA ARG A 18 -4.62 -11.34 6.29
C ARG A 18 -5.93 -10.60 6.11
N GLN A 19 -5.85 -9.37 5.61
CA GLN A 19 -7.03 -8.55 5.40
C GLN A 19 -7.13 -8.10 3.94
N PRO A 20 -8.36 -8.04 3.42
CA PRO A 20 -8.62 -7.62 2.04
C PRO A 20 -8.35 -6.14 1.82
N TYR A 21 -8.96 -5.30 2.66
CA TYR A 21 -8.80 -3.86 2.55
C TYR A 21 -9.54 -3.14 3.67
N ASN A 22 -9.08 -1.94 4.01
CA ASN A 22 -9.71 -1.15 5.07
C ASN A 22 -9.90 0.30 4.61
N VAL A 23 -11.16 0.68 4.41
CA VAL A 23 -11.49 2.04 3.98
C VAL A 23 -11.02 3.06 5.01
N ASN A 24 -11.59 3.00 6.21
CA ASN A 24 -11.23 3.92 7.28
C ASN A 24 -9.75 4.29 7.20
N HIS A 25 -8.90 3.29 7.02
CA HIS A 25 -7.46 3.50 6.94
C HIS A 25 -7.01 3.57 5.48
N PHE A 26 -5.80 4.06 5.26
CA PHE A 26 -5.25 4.16 3.91
C PHE A 26 -4.37 2.96 3.58
N MET A 27 -4.34 2.59 2.31
CA MET A 27 -3.54 1.44 1.86
C MET A 27 -2.72 1.81 0.64
N ILE A 28 -1.48 1.34 0.60
CA ILE A 28 -0.59 1.61 -0.53
C ILE A 28 -0.46 0.40 -1.44
N GLU A 29 0.11 0.61 -2.62
CA GLU A 29 0.29 -0.47 -3.59
C GLU A 29 1.77 -0.68 -3.90
N CYS A 30 2.27 -1.88 -3.64
CA CYS A 30 3.67 -2.20 -3.88
C CYS A 30 3.95 -2.25 -5.39
N GLY A 31 4.97 -1.50 -5.81
CA GLY A 31 5.33 -1.48 -7.23
C GLY A 31 6.28 -2.60 -7.60
N LEU A 32 6.27 -3.68 -6.83
CA LEU A 32 7.13 -4.82 -7.08
C LEU A 32 6.32 -6.11 -7.22
N CYS A 33 5.40 -6.32 -6.27
CA CYS A 33 4.56 -7.51 -6.27
C CYS A 33 3.10 -7.14 -6.54
N GLN A 34 2.83 -5.84 -6.57
CA GLN A 34 1.47 -5.36 -6.81
C GLN A 34 0.53 -5.80 -5.69
N ASP A 35 0.98 -5.61 -4.45
CA ASP A 35 0.18 -5.99 -3.29
C ASP A 35 -0.21 -4.76 -2.48
N TRP A 36 -1.40 -4.81 -1.87
CA TRP A 36 -1.89 -3.70 -1.07
C TRP A 36 -1.64 -3.95 0.42
N PHE A 37 -1.31 -2.89 1.14
CA PHE A 37 -1.04 -2.99 2.57
C PHE A 37 -1.53 -1.75 3.31
N HIS A 38 -1.69 -1.86 4.62
CA HIS A 38 -2.14 -0.75 5.44
C HIS A 38 -0.98 0.13 5.86
N GLY A 39 -1.10 1.43 5.61
CA GLY A 39 -0.05 2.36 5.97
C GLY A 39 0.43 2.18 7.39
N SER A 40 -0.46 1.67 8.25
CA SER A 40 -0.12 1.45 9.66
C SER A 40 0.59 0.11 9.84
N CYS A 41 0.18 -0.88 9.07
CA CYS A 41 0.77 -2.21 9.15
C CYS A 41 2.18 -2.21 8.55
N VAL A 42 2.41 -1.31 7.60
CA VAL A 42 3.71 -1.21 6.94
C VAL A 42 4.53 -0.08 7.53
N GLY A 43 3.86 1.03 7.85
CA GLY A 43 4.54 2.18 8.42
C GLY A 43 4.66 3.32 7.43
N ILE A 44 3.67 3.46 6.56
CA ILE A 44 3.67 4.52 5.57
C ILE A 44 2.47 5.44 5.75
N GLU A 45 2.73 6.73 5.97
CA GLU A 45 1.68 7.71 6.17
C GLU A 45 1.08 8.13 4.82
N GLU A 46 -0.25 8.22 4.78
CA GLU A 46 -0.94 8.61 3.56
C GLU A 46 -0.43 9.95 3.04
N GLU A 47 -0.17 10.87 3.97
CA GLU A 47 0.32 12.19 3.61
C GLU A 47 1.69 12.10 2.92
N ASN A 48 2.40 11.02 3.20
CA ASN A 48 3.72 10.81 2.61
C ASN A 48 3.62 9.96 1.35
N ALA A 49 2.63 9.08 1.30
CA ALA A 49 2.43 8.21 0.16
C ALA A 49 2.39 9.02 -1.15
N VAL A 50 1.63 10.12 -1.12
CA VAL A 50 1.49 10.97 -2.29
C VAL A 50 2.87 11.31 -2.89
N ASP A 51 3.90 11.16 -2.07
CA ASP A 51 5.27 11.44 -2.52
C ASP A 51 5.98 10.16 -2.94
N ILE A 52 5.50 9.03 -2.42
CA ILE A 52 6.09 7.73 -2.75
C ILE A 52 5.72 7.29 -4.15
N ASP A 53 6.63 7.49 -5.10
CA ASP A 53 6.38 7.11 -6.49
C ASP A 53 6.17 5.61 -6.61
N ILE A 54 7.03 4.84 -5.95
CA ILE A 54 6.93 3.39 -5.99
C ILE A 54 7.09 2.79 -4.59
N TYR A 55 5.97 2.53 -3.93
CA TYR A 55 5.98 1.95 -2.59
C TYR A 55 6.52 0.52 -2.61
N HIS A 56 7.42 0.22 -1.67
CA HIS A 56 8.00 -1.11 -1.59
C HIS A 56 7.57 -1.80 -0.30
N CYS A 57 6.77 -2.86 -0.44
CA CYS A 57 6.30 -3.61 0.72
C CYS A 57 7.46 -4.10 1.57
N PRO A 58 7.18 -4.37 2.85
CA PRO A 58 8.20 -4.85 3.80
C PRO A 58 8.64 -6.29 3.49
N ASP A 59 8.20 -6.80 2.35
CA ASP A 59 8.55 -8.16 1.94
C ASP A 59 9.51 -8.13 0.75
N CYS A 60 9.46 -7.06 -0.03
CA CYS A 60 10.32 -6.91 -1.20
C CYS A 60 11.53 -6.05 -0.88
N GLU A 61 11.35 -5.10 0.04
CA GLU A 61 12.43 -4.21 0.44
C GLU A 61 13.65 -5.00 0.90
N ALA A 62 13.41 -6.24 1.33
CA ALA A 62 14.49 -7.11 1.80
C ALA A 62 15.32 -7.63 0.64
N VAL A 63 14.94 -7.26 -0.58
CA VAL A 63 15.64 -7.69 -1.78
C VAL A 63 15.87 -6.52 -2.74
N PHE A 64 14.82 -5.73 -2.94
CA PHE A 64 14.90 -4.58 -3.84
C PHE A 64 15.48 -3.37 -3.12
N GLY A 65 14.94 -3.07 -1.94
CA GLY A 65 15.41 -1.94 -1.16
C GLY A 65 14.28 -1.05 -0.69
N PRO A 66 14.60 0.22 -0.42
CA PRO A 66 13.61 1.20 0.05
C PRO A 66 12.60 1.57 -1.03
N SER A 67 11.60 2.37 -0.66
CA SER A 67 10.57 2.80 -1.59
C SER A 67 11.03 4.02 -2.38
N ILE A 68 10.80 3.98 -3.69
CA ILE A 68 11.19 5.10 -4.55
C ILE A 68 10.35 6.34 -4.26
N MET A 69 10.87 7.50 -4.61
CA MET A 69 10.18 8.77 -4.40
C MET A 69 10.05 9.55 -5.69
N LYS A 70 8.91 10.20 -5.88
CA LYS A 70 8.66 10.99 -7.08
C LYS A 70 9.70 12.10 -7.22
N ASN A 71 9.52 12.93 -8.24
CA ASN A 71 10.45 14.03 -8.49
C ASN A 71 9.93 15.33 -7.87
N TRP A 72 8.64 15.60 -8.06
CA TRP A 72 8.03 16.80 -7.53
C TRP A 72 8.98 17.99 -7.60
N HIS A 73 9.58 18.18 -8.77
CA HIS A 73 10.52 19.29 -8.98
C HIS A 73 9.80 20.51 -9.53
N SER A 74 9.19 21.28 -8.64
CA SER A 74 8.46 22.48 -9.05
C SER A 74 9.04 23.72 -8.36
N GLY A 75 10.11 24.25 -8.92
CA GLY A 75 10.75 25.43 -8.35
C GLY A 75 11.92 25.09 -7.45
N PRO A 76 12.81 26.05 -7.24
CA PRO A 76 13.99 25.88 -6.39
C PRO A 76 13.64 25.74 -4.92
N SER A 77 14.30 24.81 -4.23
CA SER A 77 14.06 24.59 -2.82
C SER A 77 14.08 25.90 -2.04
N SER A 78 13.17 26.03 -1.08
CA SER A 78 13.08 27.23 -0.27
C SER A 78 13.47 26.94 1.18
N GLY A 79 14.52 26.16 1.36
CA GLY A 79 14.98 25.81 2.68
C GLY A 79 14.52 24.43 3.12
N GLY A 1 -19.40 -10.92 8.27
CA GLY A 1 -19.17 -12.35 8.28
C GLY A 1 -20.34 -13.13 7.70
N SER A 2 -20.03 -14.07 6.80
CA SER A 2 -21.06 -14.88 6.17
C SER A 2 -21.01 -16.32 6.69
N SER A 3 -19.81 -16.89 6.71
CA SER A 3 -19.63 -18.26 7.17
C SER A 3 -20.68 -19.18 6.57
N GLY A 4 -20.96 -19.00 5.28
CA GLY A 4 -21.94 -19.83 4.62
C GLY A 4 -21.34 -20.62 3.47
N SER A 5 -22.12 -21.57 2.95
CA SER A 5 -21.65 -22.41 1.84
C SER A 5 -22.29 -21.97 0.53
N SER A 6 -21.67 -20.99 -0.12
CA SER A 6 -22.18 -20.47 -1.39
C SER A 6 -21.09 -19.70 -2.13
N GLY A 7 -21.39 -19.32 -3.37
CA GLY A 7 -20.43 -18.58 -4.17
C GLY A 7 -20.08 -17.24 -3.57
N MET A 8 -20.28 -16.18 -4.35
CA MET A 8 -19.98 -14.82 -3.89
C MET A 8 -18.52 -14.69 -3.48
N ALA A 9 -17.63 -15.06 -4.40
CA ALA A 9 -16.19 -14.99 -4.14
C ALA A 9 -15.86 -13.80 -3.27
N LEU A 10 -14.95 -14.00 -2.30
CA LEU A 10 -14.55 -12.94 -1.40
C LEU A 10 -13.14 -12.45 -1.73
N VAL A 11 -13.04 -11.19 -2.15
CA VAL A 11 -11.75 -10.59 -2.49
C VAL A 11 -10.64 -11.15 -1.61
N PRO A 12 -9.51 -11.52 -2.24
CA PRO A 12 -8.36 -12.07 -1.53
C PRO A 12 -7.65 -11.02 -0.69
N VAL A 13 -6.83 -11.48 0.25
CA VAL A 13 -6.09 -10.59 1.13
C VAL A 13 -4.72 -10.26 0.55
N TYR A 14 -4.25 -9.04 0.79
CA TYR A 14 -2.96 -8.60 0.29
C TYR A 14 -2.05 -8.17 1.44
N CYS A 15 -2.64 -7.53 2.44
CA CYS A 15 -1.89 -7.06 3.60
C CYS A 15 -1.39 -8.23 4.44
N LEU A 16 -0.64 -7.93 5.49
CA LEU A 16 -0.10 -8.96 6.37
C LEU A 16 -1.12 -9.35 7.44
N CYS A 17 -2.04 -8.43 7.73
CA CYS A 17 -3.07 -8.67 8.72
C CYS A 17 -4.12 -9.65 8.19
N ARG A 18 -3.93 -10.11 6.96
CA ARG A 18 -4.86 -11.04 6.34
C ARG A 18 -6.18 -10.35 6.01
N GLN A 19 -6.10 -9.11 5.52
CA GLN A 19 -7.29 -8.35 5.17
C GLN A 19 -7.31 -8.03 3.67
N PRO A 20 -8.52 -8.02 3.09
CA PRO A 20 -8.70 -7.74 1.66
C PRO A 20 -8.42 -6.28 1.33
N TYR A 21 -9.09 -5.38 2.03
CA TYR A 21 -8.92 -3.94 1.80
C TYR A 21 -9.75 -3.13 2.78
N ASN A 22 -9.35 -1.88 3.01
CA ASN A 22 -10.06 -1.00 3.93
C ASN A 22 -10.20 0.40 3.34
N VAL A 23 -11.45 0.82 3.13
CA VAL A 23 -11.71 2.14 2.57
C VAL A 23 -11.42 3.24 3.58
N ASN A 24 -11.86 3.03 4.82
CA ASN A 24 -11.64 4.00 5.88
C ASN A 24 -10.16 4.14 6.20
N HIS A 25 -9.44 3.02 6.15
CA HIS A 25 -8.01 3.01 6.43
C HIS A 25 -7.20 3.20 5.14
N PHE A 26 -6.14 4.00 5.23
CA PHE A 26 -5.29 4.26 4.07
C PHE A 26 -4.59 2.99 3.61
N MET A 27 -4.31 2.92 2.31
CA MET A 27 -3.64 1.75 1.74
C MET A 27 -2.80 2.15 0.54
N ILE A 28 -1.76 1.37 0.27
CA ILE A 28 -0.86 1.63 -0.86
C ILE A 28 -0.67 0.39 -1.71
N GLU A 29 0.08 0.53 -2.80
CA GLU A 29 0.35 -0.58 -3.69
C GLU A 29 1.85 -0.72 -3.96
N CYS A 30 2.37 -1.92 -3.78
CA CYS A 30 3.79 -2.18 -3.99
C CYS A 30 4.11 -2.21 -5.49
N GLY A 31 5.03 -1.34 -5.90
CA GLY A 31 5.41 -1.28 -7.30
C GLY A 31 6.44 -2.34 -7.67
N LEU A 32 6.41 -3.46 -6.95
CA LEU A 32 7.34 -4.55 -7.20
C LEU A 32 6.59 -5.88 -7.35
N CYS A 33 5.66 -6.13 -6.43
CA CYS A 33 4.87 -7.35 -6.45
C CYS A 33 3.41 -7.05 -6.77
N GLN A 34 3.07 -5.77 -6.82
CA GLN A 34 1.70 -5.35 -7.10
C GLN A 34 0.75 -5.84 -6.03
N ASP A 35 1.09 -5.55 -4.77
CA ASP A 35 0.26 -5.96 -3.64
C ASP A 35 -0.37 -4.75 -2.96
N TRP A 36 -1.05 -4.99 -1.84
CA TRP A 36 -1.69 -3.92 -1.10
C TRP A 36 -1.48 -4.09 0.40
N PHE A 37 -1.18 -2.99 1.09
CA PHE A 37 -0.96 -3.03 2.52
C PHE A 37 -1.51 -1.78 3.20
N HIS A 38 -1.51 -1.77 4.52
CA HIS A 38 -2.01 -0.63 5.28
C HIS A 38 -0.86 0.25 5.77
N GLY A 39 -1.16 1.52 6.02
CA GLY A 39 -0.14 2.45 6.49
C GLY A 39 0.30 2.15 7.90
N SER A 40 -0.60 1.62 8.71
CA SER A 40 -0.29 1.31 10.11
C SER A 40 0.45 -0.02 10.21
N CYS A 41 0.29 -0.87 9.19
CA CYS A 41 0.95 -2.16 9.16
C CYS A 41 2.32 -2.06 8.52
N VAL A 42 2.46 -1.14 7.56
CA VAL A 42 3.73 -0.94 6.87
C VAL A 42 4.46 0.29 7.41
N GLY A 43 3.69 1.26 7.89
CA GLY A 43 4.28 2.48 8.43
C GLY A 43 4.28 3.60 7.42
N ILE A 44 3.20 3.72 6.65
CA ILE A 44 3.08 4.78 5.66
C ILE A 44 1.83 5.62 5.90
N GLU A 45 1.90 6.89 5.50
CA GLU A 45 0.79 7.80 5.67
C GLU A 45 0.30 8.33 4.31
N GLU A 46 -1.01 8.51 4.20
CA GLU A 46 -1.61 8.99 2.96
C GLU A 46 -0.92 10.28 2.50
N GLU A 47 -0.58 11.14 3.45
CA GLU A 47 0.09 12.40 3.14
C GLU A 47 1.44 12.15 2.47
N ASN A 48 2.05 11.02 2.81
CA ASN A 48 3.35 10.67 2.23
C ASN A 48 3.18 9.88 0.93
N ALA A 49 2.13 9.08 0.87
CA ALA A 49 1.86 8.28 -0.31
C ALA A 49 1.94 9.12 -1.58
N VAL A 50 1.20 10.23 -1.60
CA VAL A 50 1.20 11.13 -2.74
C VAL A 50 2.62 11.47 -3.17
N ASP A 51 3.57 11.26 -2.28
CA ASP A 51 4.97 11.55 -2.57
C ASP A 51 5.74 10.28 -2.92
N ILE A 52 5.26 9.15 -2.40
CA ILE A 52 5.89 7.87 -2.66
C ILE A 52 5.70 7.43 -4.11
N ASP A 53 6.66 7.75 -4.95
CA ASP A 53 6.59 7.39 -6.36
C ASP A 53 6.38 5.90 -6.54
N ILE A 54 7.03 5.11 -5.70
CA ILE A 54 6.90 3.66 -5.75
C ILE A 54 7.06 3.04 -4.37
N TYR A 55 5.95 2.61 -3.79
CA TYR A 55 5.96 1.99 -2.46
C TYR A 55 6.52 0.57 -2.53
N HIS A 56 7.37 0.23 -1.57
CA HIS A 56 7.98 -1.09 -1.51
C HIS A 56 7.56 -1.83 -0.25
N CYS A 57 6.77 -2.89 -0.41
CA CYS A 57 6.29 -3.68 0.72
C CYS A 57 7.46 -4.19 1.56
N PRO A 58 7.19 -4.48 2.83
CA PRO A 58 8.21 -4.98 3.76
C PRO A 58 8.66 -6.40 3.43
N ASP A 59 8.17 -6.92 2.31
CA ASP A 59 8.52 -8.26 1.87
C ASP A 59 9.50 -8.22 0.69
N CYS A 60 9.46 -7.12 -0.05
CA CYS A 60 10.35 -6.95 -1.20
C CYS A 60 11.56 -6.10 -0.83
N GLU A 61 11.37 -5.17 0.09
CA GLU A 61 12.44 -4.29 0.52
C GLU A 61 13.65 -5.10 1.00
N ALA A 62 13.39 -6.34 1.42
CA ALA A 62 14.44 -7.22 1.90
C ALA A 62 15.32 -7.70 0.75
N VAL A 63 14.97 -7.29 -0.47
CA VAL A 63 15.72 -7.68 -1.65
C VAL A 63 15.96 -6.49 -2.57
N PHE A 64 14.90 -5.73 -2.83
CA PHE A 64 14.99 -4.57 -3.69
C PHE A 64 15.56 -3.37 -2.94
N GLY A 65 15.01 -3.09 -1.77
CA GLY A 65 15.47 -1.98 -0.96
C GLY A 65 14.33 -1.12 -0.44
N PRO A 66 14.64 0.14 -0.11
CA PRO A 66 13.65 1.09 0.41
C PRO A 66 12.64 1.51 -0.65
N SER A 67 11.63 2.26 -0.23
CA SER A 67 10.60 2.73 -1.14
C SER A 67 11.06 3.97 -1.89
N ILE A 68 10.81 3.99 -3.20
CA ILE A 68 11.20 5.13 -4.03
C ILE A 68 10.35 6.35 -3.72
N MET A 69 10.88 7.53 -4.04
CA MET A 69 10.17 8.79 -3.80
C MET A 69 10.24 9.69 -5.02
N LYS A 70 9.12 10.34 -5.32
CA LYS A 70 9.05 11.25 -6.48
C LYS A 70 10.10 12.35 -6.37
N ASN A 71 10.24 13.13 -7.42
CA ASN A 71 11.21 14.22 -7.46
C ASN A 71 10.51 15.57 -7.45
N TRP A 72 9.70 15.81 -6.41
CA TRP A 72 8.98 17.06 -6.28
C TRP A 72 9.94 18.24 -6.17
N HIS A 73 10.77 18.23 -5.14
CA HIS A 73 11.74 19.30 -4.92
C HIS A 73 13.13 18.73 -4.66
N SER A 74 14.04 18.94 -5.60
CA SER A 74 15.41 18.44 -5.48
C SER A 74 16.18 19.23 -4.43
N GLY A 75 16.09 20.55 -4.50
CA GLY A 75 16.79 21.39 -3.54
C GLY A 75 18.29 21.27 -3.64
N PRO A 76 19.01 21.90 -2.70
CA PRO A 76 20.47 21.87 -2.67
C PRO A 76 21.03 20.51 -2.31
N SER A 77 20.50 19.92 -1.24
CA SER A 77 20.94 18.61 -0.78
C SER A 77 19.76 17.65 -0.65
N SER A 78 18.84 17.97 0.25
CA SER A 78 17.67 17.15 0.48
C SER A 78 16.71 17.82 1.46
N GLY A 79 15.42 17.80 1.14
CA GLY A 79 14.43 18.40 2.01
C GLY A 79 13.55 17.38 2.69
N GLY A 1 -15.01 0.00 17.43
CA GLY A 1 -16.34 0.25 16.88
C GLY A 1 -16.97 -0.99 16.29
N SER A 2 -17.98 -0.80 15.44
CA SER A 2 -18.66 -1.92 14.82
C SER A 2 -19.20 -1.52 13.44
N SER A 3 -18.60 -2.08 12.39
CA SER A 3 -19.02 -1.77 11.03
C SER A 3 -19.26 -3.06 10.23
N GLY A 4 -20.06 -2.95 9.18
CA GLY A 4 -20.36 -4.11 8.36
C GLY A 4 -21.80 -4.55 8.47
N SER A 5 -22.59 -4.27 7.44
CA SER A 5 -24.00 -4.63 7.44
C SER A 5 -24.27 -5.72 6.41
N SER A 6 -23.96 -5.44 5.15
CA SER A 6 -24.17 -6.40 4.07
C SER A 6 -23.32 -6.04 2.86
N GLY A 7 -22.62 -7.03 2.32
CA GLY A 7 -21.78 -6.81 1.15
C GLY A 7 -20.96 -8.03 0.79
N MET A 8 -21.51 -8.88 -0.06
CA MET A 8 -20.81 -10.09 -0.49
C MET A 8 -20.02 -9.83 -1.77
N ALA A 9 -18.75 -10.21 -1.76
CA ALA A 9 -17.89 -10.03 -2.92
C ALA A 9 -16.62 -10.87 -2.80
N LEU A 10 -16.10 -11.32 -3.93
CA LEU A 10 -14.89 -12.13 -3.96
C LEU A 10 -13.65 -11.26 -4.14
N VAL A 11 -12.81 -11.21 -3.12
CA VAL A 11 -11.58 -10.41 -3.16
C VAL A 11 -10.51 -11.01 -2.28
N PRO A 12 -9.36 -11.35 -2.89
CA PRO A 12 -8.22 -11.94 -2.18
C PRO A 12 -7.54 -10.95 -1.25
N VAL A 13 -6.72 -11.45 -0.33
CA VAL A 13 -6.01 -10.61 0.61
C VAL A 13 -4.64 -10.21 0.08
N TYR A 14 -4.09 -9.13 0.62
CA TYR A 14 -2.79 -8.64 0.19
C TYR A 14 -1.91 -8.29 1.40
N CYS A 15 -2.48 -7.53 2.33
CA CYS A 15 -1.75 -7.13 3.53
C CYS A 15 -1.36 -8.35 4.36
N LEU A 16 -0.55 -8.12 5.39
CA LEU A 16 -0.09 -9.20 6.26
C LEU A 16 -1.20 -9.65 7.19
N CYS A 17 -2.20 -8.78 7.38
CA CYS A 17 -3.32 -9.10 8.25
C CYS A 17 -4.31 -10.02 7.55
N ARG A 18 -3.91 -10.54 6.40
CA ARG A 18 -4.76 -11.45 5.63
C ARG A 18 -6.10 -10.79 5.32
N GLN A 19 -6.07 -9.50 5.02
CA GLN A 19 -7.29 -8.75 4.70
C GLN A 19 -7.29 -8.31 3.25
N PRO A 20 -8.48 -8.25 2.65
CA PRO A 20 -8.66 -7.84 1.25
C PRO A 20 -8.37 -6.35 1.05
N TYR A 21 -9.04 -5.51 1.82
CA TYR A 21 -8.87 -4.06 1.73
C TYR A 21 -9.70 -3.34 2.79
N ASN A 22 -9.22 -2.18 3.23
CA ASN A 22 -9.92 -1.39 4.23
C ASN A 22 -10.18 0.02 3.73
N VAL A 23 -11.37 0.24 3.16
CA VAL A 23 -11.74 1.54 2.64
C VAL A 23 -11.55 2.63 3.70
N ASN A 24 -11.92 2.32 4.94
CA ASN A 24 -11.80 3.26 6.03
C ASN A 24 -10.34 3.70 6.22
N HIS A 25 -9.46 2.71 6.38
CA HIS A 25 -8.03 3.00 6.56
C HIS A 25 -7.35 3.21 5.22
N PHE A 26 -6.13 3.76 5.26
CA PHE A 26 -5.38 4.02 4.05
C PHE A 26 -4.51 2.81 3.67
N MET A 27 -4.34 2.60 2.37
CA MET A 27 -3.54 1.48 1.89
C MET A 27 -2.71 1.90 0.67
N ILE A 28 -1.52 1.32 0.54
CA ILE A 28 -0.64 1.62 -0.57
C ILE A 28 -0.57 0.46 -1.56
N GLU A 29 0.24 0.62 -2.61
CA GLU A 29 0.39 -0.42 -3.62
C GLU A 29 1.87 -0.64 -3.96
N CYS A 30 2.37 -1.83 -3.65
CA CYS A 30 3.76 -2.15 -3.92
C CYS A 30 4.03 -2.19 -5.42
N GLY A 31 5.09 -1.50 -5.85
CA GLY A 31 5.43 -1.47 -7.26
C GLY A 31 6.34 -2.62 -7.66
N LEU A 32 6.34 -3.68 -6.85
CA LEU A 32 7.16 -4.84 -7.13
C LEU A 32 6.31 -6.10 -7.28
N CYS A 33 5.38 -6.28 -6.34
CA CYS A 33 4.50 -7.45 -6.37
C CYS A 33 3.05 -7.01 -6.53
N GLN A 34 2.83 -5.72 -6.72
CA GLN A 34 1.50 -5.18 -6.89
C GLN A 34 0.58 -5.63 -5.76
N ASP A 35 1.06 -5.49 -4.52
CA ASP A 35 0.28 -5.89 -3.36
C ASP A 35 -0.10 -4.67 -2.53
N TRP A 36 -1.28 -4.73 -1.91
CA TRP A 36 -1.77 -3.63 -1.08
C TRP A 36 -1.53 -3.92 0.40
N PHE A 37 -1.29 -2.86 1.18
CA PHE A 37 -1.06 -3.00 2.61
C PHE A 37 -1.58 -1.79 3.37
N HIS A 38 -1.73 -1.95 4.68
CA HIS A 38 -2.22 -0.85 5.52
C HIS A 38 -1.07 0.06 5.94
N GLY A 39 -1.20 1.34 5.61
CA GLY A 39 -0.17 2.30 5.96
C GLY A 39 0.29 2.16 7.40
N SER A 40 -0.54 1.52 8.22
CA SER A 40 -0.21 1.32 9.63
C SER A 40 0.67 0.08 9.82
N CYS A 41 0.36 -0.97 9.09
CA CYS A 41 1.11 -2.21 9.16
C CYS A 41 2.50 -2.06 8.52
N VAL A 42 2.56 -1.20 7.50
CA VAL A 42 3.82 -0.96 6.80
C VAL A 42 4.51 0.29 7.34
N GLY A 43 3.72 1.29 7.70
CA GLY A 43 4.28 2.52 8.22
C GLY A 43 4.31 3.64 7.19
N ILE A 44 3.27 3.71 6.37
CA ILE A 44 3.18 4.73 5.33
C ILE A 44 1.84 5.47 5.40
N GLU A 45 1.90 6.77 5.68
CA GLU A 45 0.71 7.60 5.77
C GLU A 45 0.24 8.03 4.39
N GLU A 46 -1.07 8.23 4.24
CA GLU A 46 -1.64 8.65 2.97
C GLU A 46 -1.01 9.96 2.50
N GLU A 47 -0.68 10.82 3.45
CA GLU A 47 -0.08 12.11 3.14
C GLU A 47 1.34 11.93 2.57
N ASN A 48 1.96 10.80 2.91
CA ASN A 48 3.30 10.51 2.42
C ASN A 48 3.26 9.76 1.09
N ALA A 49 2.22 8.95 0.92
CA ALA A 49 2.06 8.18 -0.31
C ALA A 49 2.17 9.08 -1.54
N VAL A 50 1.38 10.15 -1.55
CA VAL A 50 1.39 11.09 -2.67
C VAL A 50 2.81 11.42 -3.10
N ASP A 51 3.75 11.23 -2.19
CA ASP A 51 5.15 11.51 -2.47
C ASP A 51 5.90 10.24 -2.86
N ILE A 52 5.39 9.10 -2.39
CA ILE A 52 6.00 7.81 -2.69
C ILE A 52 5.70 7.38 -4.11
N ASP A 53 6.65 7.62 -5.02
CA ASP A 53 6.49 7.25 -6.42
C ASP A 53 6.27 5.74 -6.55
N ILE A 54 7.12 4.96 -5.88
CA ILE A 54 7.02 3.51 -5.93
C ILE A 54 7.15 2.90 -4.54
N TYR A 55 6.01 2.57 -3.94
CA TYR A 55 6.00 1.98 -2.61
C TYR A 55 6.55 0.55 -2.64
N HIS A 56 7.37 0.22 -1.65
CA HIS A 56 7.96 -1.11 -1.55
C HIS A 56 7.52 -1.81 -0.28
N CYS A 57 6.72 -2.87 -0.43
CA CYS A 57 6.22 -3.63 0.71
C CYS A 57 7.38 -4.12 1.58
N PRO A 58 7.09 -4.41 2.85
CA PRO A 58 8.08 -4.89 3.81
C PRO A 58 8.54 -6.32 3.49
N ASP A 59 8.07 -6.84 2.37
CA ASP A 59 8.42 -8.20 1.96
C ASP A 59 9.42 -8.17 0.81
N CYS A 60 9.41 -7.08 0.05
CA CYS A 60 10.32 -6.93 -1.08
C CYS A 60 11.52 -6.07 -0.70
N GLU A 61 11.30 -5.10 0.18
CA GLU A 61 12.37 -4.20 0.62
C GLU A 61 13.56 -5.01 1.13
N ALA A 62 13.30 -6.19 1.65
CA ALA A 62 14.35 -7.06 2.17
C ALA A 62 15.21 -7.61 1.04
N VAL A 63 14.89 -7.22 -0.19
CA VAL A 63 15.62 -7.68 -1.36
C VAL A 63 15.91 -6.52 -2.31
N PHE A 64 14.89 -5.72 -2.58
CA PHE A 64 15.04 -4.58 -3.49
C PHE A 64 15.58 -3.36 -2.73
N GLY A 65 14.97 -3.07 -1.59
CA GLY A 65 15.40 -1.93 -0.79
C GLY A 65 14.26 -1.03 -0.40
N PRO A 66 14.56 0.26 -0.20
CA PRO A 66 13.55 1.27 0.19
C PRO A 66 12.57 1.56 -0.94
N SER A 67 11.60 2.43 -0.67
CA SER A 67 10.61 2.81 -1.65
C SER A 67 11.02 4.07 -2.40
N ILE A 68 10.82 4.07 -3.72
CA ILE A 68 11.18 5.21 -4.55
C ILE A 68 10.32 6.42 -4.22
N MET A 69 10.85 7.61 -4.47
CA MET A 69 10.12 8.85 -4.21
C MET A 69 9.96 9.67 -5.48
N LYS A 70 8.82 10.35 -5.60
CA LYS A 70 8.55 11.17 -6.77
C LYS A 70 9.52 12.35 -6.85
N ASN A 71 9.40 13.14 -7.91
CA ASN A 71 10.26 14.30 -8.10
C ASN A 71 9.44 15.58 -8.19
N TRP A 72 8.38 15.65 -7.39
CA TRP A 72 7.50 16.83 -7.38
C TRP A 72 8.31 18.10 -7.54
N HIS A 73 7.66 19.17 -8.00
CA HIS A 73 8.32 20.45 -8.19
C HIS A 73 8.15 21.33 -6.96
N SER A 74 9.17 21.34 -6.11
CA SER A 74 9.13 22.14 -4.88
C SER A 74 9.93 23.43 -5.06
N GLY A 75 11.23 23.29 -5.29
CA GLY A 75 12.09 24.44 -5.47
C GLY A 75 12.71 24.91 -4.18
N PRO A 76 12.63 26.22 -3.91
CA PRO A 76 13.19 26.83 -2.70
C PRO A 76 12.41 26.43 -1.45
N SER A 77 13.07 26.55 -0.29
CA SER A 77 12.43 26.20 0.98
C SER A 77 11.49 27.31 1.44
N SER A 78 10.27 26.92 1.80
CA SER A 78 9.27 27.87 2.25
C SER A 78 8.69 27.45 3.60
N GLY A 79 8.69 26.15 3.85
CA GLY A 79 8.16 25.64 5.10
C GLY A 79 8.89 24.39 5.58
N GLY A 1 -24.92 -25.23 -21.43
CA GLY A 1 -24.37 -24.48 -20.32
C GLY A 1 -22.96 -24.92 -19.95
N SER A 2 -22.29 -24.13 -19.12
CA SER A 2 -20.93 -24.45 -18.71
C SER A 2 -20.90 -24.88 -17.24
N SER A 3 -19.98 -25.78 -16.92
CA SER A 3 -19.85 -26.29 -15.55
C SER A 3 -19.64 -25.13 -14.57
N GLY A 4 -18.61 -24.35 -14.81
CA GLY A 4 -18.32 -23.22 -13.93
C GLY A 4 -19.45 -22.21 -13.90
N SER A 5 -19.95 -21.93 -12.70
CA SER A 5 -21.05 -20.97 -12.54
C SER A 5 -20.51 -19.58 -12.22
N SER A 6 -20.38 -18.76 -13.27
CA SER A 6 -19.87 -17.40 -13.11
C SER A 6 -20.73 -16.62 -12.12
N GLY A 7 -20.23 -15.46 -11.70
CA GLY A 7 -20.96 -14.62 -10.77
C GLY A 7 -20.18 -14.33 -9.51
N MET A 8 -20.76 -14.66 -8.35
CA MET A 8 -20.10 -14.43 -7.07
C MET A 8 -18.66 -14.94 -7.11
N ALA A 9 -17.76 -14.17 -6.49
CA ALA A 9 -16.34 -14.55 -6.45
C ALA A 9 -15.68 -14.00 -5.20
N LEU A 10 -14.52 -14.55 -4.85
CA LEU A 10 -13.78 -14.11 -3.68
C LEU A 10 -12.50 -13.37 -4.09
N VAL A 11 -11.83 -12.77 -3.10
CA VAL A 11 -10.61 -12.03 -3.36
C VAL A 11 -9.55 -12.33 -2.30
N PRO A 12 -8.35 -12.69 -2.76
CA PRO A 12 -7.22 -13.01 -1.87
C PRO A 12 -6.70 -11.78 -1.12
N VAL A 13 -6.06 -12.01 0.01
CA VAL A 13 -5.50 -10.93 0.81
C VAL A 13 -4.18 -10.44 0.23
N TYR A 14 -3.73 -9.27 0.68
CA TYR A 14 -2.48 -8.69 0.21
C TYR A 14 -1.58 -8.29 1.38
N CYS A 15 -2.17 -7.58 2.34
CA CYS A 15 -1.43 -7.13 3.52
C CYS A 15 -0.91 -8.32 4.32
N LEU A 16 -0.08 -8.04 5.32
CA LEU A 16 0.49 -9.09 6.16
C LEU A 16 -0.53 -9.60 7.16
N CYS A 17 -1.54 -8.78 7.44
CA CYS A 17 -2.59 -9.15 8.38
C CYS A 17 -3.64 -10.03 7.71
N ARG A 18 -3.29 -10.57 6.55
CA ARG A 18 -4.21 -11.45 5.80
C ARG A 18 -5.52 -10.73 5.53
N GLN A 19 -5.43 -9.54 4.95
CA GLN A 19 -6.63 -8.76 4.62
C GLN A 19 -6.62 -8.32 3.17
N PRO A 20 -7.80 -8.36 2.53
CA PRO A 20 -7.95 -7.98 1.12
C PRO A 20 -7.77 -6.48 0.91
N TYR A 21 -8.60 -5.69 1.57
CA TYR A 21 -8.54 -4.23 1.45
C TYR A 21 -9.46 -3.55 2.46
N ASN A 22 -9.10 -2.34 2.86
CA ASN A 22 -9.89 -1.59 3.83
C ASN A 22 -10.02 -0.13 3.39
N VAL A 23 -11.27 0.33 3.26
CA VAL A 23 -11.53 1.70 2.85
C VAL A 23 -11.27 2.67 4.00
N ASN A 24 -11.35 2.16 5.23
CA ASN A 24 -11.12 2.98 6.41
C ASN A 24 -9.65 3.34 6.54
N HIS A 25 -8.80 2.34 6.71
CA HIS A 25 -7.36 2.56 6.84
C HIS A 25 -6.69 2.63 5.47
N PHE A 26 -6.05 3.77 5.20
CA PHE A 26 -5.37 3.97 3.93
C PHE A 26 -4.51 2.76 3.57
N MET A 27 -4.44 2.44 2.29
CA MET A 27 -3.65 1.31 1.82
C MET A 27 -2.87 1.68 0.57
N ILE A 28 -1.57 1.37 0.58
CA ILE A 28 -0.71 1.66 -0.57
C ILE A 28 -0.67 0.49 -1.54
N GLU A 29 0.10 0.66 -2.61
CA GLU A 29 0.23 -0.39 -3.62
C GLU A 29 1.70 -0.70 -3.91
N CYS A 30 2.10 -1.94 -3.68
CA CYS A 30 3.47 -2.36 -3.91
C CYS A 30 3.74 -2.54 -5.41
N GLY A 31 4.69 -1.78 -5.93
CA GLY A 31 5.03 -1.87 -7.34
C GLY A 31 5.99 -3.01 -7.63
N LEU A 32 5.92 -4.07 -6.83
CA LEU A 32 6.79 -5.22 -7.01
C LEU A 32 5.97 -6.51 -7.04
N CYS A 33 5.08 -6.66 -6.08
CA CYS A 33 4.24 -7.85 -5.99
C CYS A 33 2.77 -7.51 -6.27
N GLN A 34 2.50 -6.22 -6.44
CA GLN A 34 1.14 -5.75 -6.71
C GLN A 34 0.22 -6.07 -5.54
N ASP A 35 0.71 -5.90 -4.32
CA ASP A 35 -0.08 -6.17 -3.12
C ASP A 35 -0.26 -4.90 -2.29
N TRP A 36 -1.49 -4.66 -1.87
CA TRP A 36 -1.80 -3.48 -1.07
C TRP A 36 -1.58 -3.76 0.42
N PHE A 37 -1.08 -2.74 1.13
CA PHE A 37 -0.83 -2.89 2.55
C PHE A 37 -1.33 -1.66 3.31
N HIS A 38 -1.68 -1.87 4.58
CA HIS A 38 -2.18 -0.78 5.42
C HIS A 38 -1.03 0.11 5.89
N GLY A 39 -1.12 1.40 5.55
CA GLY A 39 -0.08 2.33 5.94
C GLY A 39 0.35 2.15 7.39
N SER A 40 -0.51 1.51 8.18
CA SER A 40 -0.21 1.28 9.59
C SER A 40 0.61 0.02 9.77
N CYS A 41 0.25 -1.04 9.04
CA CYS A 41 0.96 -2.31 9.13
C CYS A 41 2.36 -2.19 8.56
N VAL A 42 2.53 -1.28 7.60
CA VAL A 42 3.83 -1.06 6.97
C VAL A 42 4.52 0.18 7.56
N GLY A 43 3.73 1.22 7.80
CA GLY A 43 4.29 2.45 8.35
C GLY A 43 4.38 3.56 7.33
N ILE A 44 3.39 3.63 6.45
CA ILE A 44 3.37 4.65 5.41
C ILE A 44 2.09 5.49 5.49
N GLU A 45 2.25 6.80 5.61
CA GLU A 45 1.11 7.70 5.70
C GLU A 45 0.60 8.07 4.31
N GLU A 46 -0.69 8.38 4.22
CA GLU A 46 -1.30 8.74 2.95
C GLU A 46 -0.71 10.03 2.40
N GLU A 47 -0.32 10.93 3.31
CA GLU A 47 0.26 12.20 2.92
C GLU A 47 1.60 12.00 2.23
N ASN A 48 2.28 10.90 2.57
CA ASN A 48 3.58 10.59 1.98
C ASN A 48 3.41 9.76 0.72
N ALA A 49 2.37 8.94 0.69
CA ALA A 49 2.10 8.09 -0.47
C ALA A 49 2.06 8.91 -1.76
N VAL A 50 1.34 10.02 -1.72
CA VAL A 50 1.24 10.90 -2.88
C VAL A 50 2.61 11.23 -3.45
N ASP A 51 3.63 11.11 -2.62
CA ASP A 51 5.00 11.41 -3.05
C ASP A 51 5.74 10.11 -3.38
N ILE A 52 5.23 9.00 -2.89
CA ILE A 52 5.85 7.70 -3.14
C ILE A 52 5.51 7.19 -4.54
N ASP A 53 6.38 7.45 -5.50
CA ASP A 53 6.17 7.01 -6.87
C ASP A 53 5.96 5.51 -6.92
N ILE A 54 6.78 4.77 -6.18
CA ILE A 54 6.68 3.32 -6.16
C ILE A 54 6.88 2.78 -4.75
N TYR A 55 5.79 2.33 -4.14
CA TYR A 55 5.85 1.79 -2.77
C TYR A 55 6.38 0.36 -2.78
N HIS A 56 7.26 0.06 -1.84
CA HIS A 56 7.84 -1.27 -1.73
C HIS A 56 7.49 -1.91 -0.39
N CYS A 57 6.67 -2.95 -0.43
CA CYS A 57 6.25 -3.65 0.77
C CYS A 57 7.46 -4.11 1.58
N PRO A 58 7.26 -4.33 2.89
CA PRO A 58 8.32 -4.77 3.79
C PRO A 58 8.73 -6.21 3.53
N ASP A 59 8.20 -6.79 2.46
CA ASP A 59 8.52 -8.17 2.10
C ASP A 59 9.41 -8.22 0.86
N CYS A 60 9.34 -7.17 0.04
CA CYS A 60 10.14 -7.10 -1.17
C CYS A 60 11.39 -6.24 -0.95
N GLU A 61 11.27 -5.26 -0.07
CA GLU A 61 12.40 -4.37 0.24
C GLU A 61 13.61 -5.17 0.68
N ALA A 62 13.37 -6.40 1.15
CA ALA A 62 14.46 -7.27 1.61
C ALA A 62 15.23 -7.85 0.42
N VAL A 63 14.79 -7.52 -0.79
CA VAL A 63 15.44 -8.00 -2.00
C VAL A 63 15.63 -6.88 -3.02
N PHE A 64 14.57 -6.10 -3.21
CA PHE A 64 14.60 -4.99 -4.17
C PHE A 64 15.23 -3.76 -3.52
N GLY A 65 14.75 -3.40 -2.34
CA GLY A 65 15.26 -2.23 -1.64
C GLY A 65 14.17 -1.30 -1.17
N PRO A 66 14.52 -0.01 -1.00
CA PRO A 66 13.57 1.00 -0.55
C PRO A 66 12.52 1.34 -1.61
N SER A 67 11.57 2.19 -1.26
CA SER A 67 10.51 2.59 -2.18
C SER A 67 10.91 3.84 -2.96
N ILE A 68 10.57 3.86 -4.24
CA ILE A 68 10.88 4.99 -5.10
C ILE A 68 10.03 6.21 -4.74
N MET A 69 10.57 7.39 -4.98
CA MET A 69 9.86 8.63 -4.69
C MET A 69 9.73 9.49 -5.94
N LYS A 70 8.55 10.06 -6.14
CA LYS A 70 8.29 10.91 -7.30
C LYS A 70 9.29 12.07 -7.35
N ASN A 71 9.16 12.90 -8.39
CA ASN A 71 10.05 14.05 -8.56
C ASN A 71 9.26 15.34 -8.59
N TRP A 72 7.99 15.24 -8.98
CA TRP A 72 7.12 16.41 -9.05
C TRP A 72 7.91 17.65 -9.48
N HIS A 73 8.69 17.50 -10.55
CA HIS A 73 9.49 18.62 -11.06
C HIS A 73 8.60 19.77 -11.50
N SER A 74 8.68 20.88 -10.76
CA SER A 74 7.89 22.06 -11.07
C SER A 74 8.04 22.45 -12.53
N GLY A 75 7.17 23.36 -12.99
CA GLY A 75 7.23 23.80 -14.37
C GLY A 75 5.97 24.51 -14.80
N PRO A 76 6.10 25.43 -15.77
CA PRO A 76 4.96 26.21 -16.29
C PRO A 76 4.00 25.34 -17.10
N SER A 77 4.55 24.55 -18.01
CA SER A 77 3.74 23.67 -18.86
C SER A 77 2.60 23.05 -18.05
N SER A 78 2.93 22.57 -16.85
CA SER A 78 1.93 21.95 -15.99
C SER A 78 2.42 21.91 -14.54
N GLY A 79 1.50 22.11 -13.61
CA GLY A 79 1.85 22.09 -12.21
C GLY A 79 1.14 23.17 -11.42
N GLY A 1 -5.94 -23.23 15.83
CA GLY A 1 -5.45 -22.80 14.53
C GLY A 1 -6.52 -22.14 13.69
N SER A 2 -6.36 -22.21 12.37
CA SER A 2 -7.32 -21.61 11.45
C SER A 2 -7.18 -22.20 10.05
N SER A 3 -8.16 -21.92 9.20
CA SER A 3 -8.15 -22.43 7.83
C SER A 3 -9.02 -21.57 6.92
N GLY A 4 -8.62 -21.46 5.66
CA GLY A 4 -9.38 -20.67 4.71
C GLY A 4 -8.55 -20.26 3.51
N SER A 5 -8.24 -18.96 3.42
CA SER A 5 -7.45 -18.44 2.32
C SER A 5 -8.03 -18.89 0.98
N SER A 6 -9.35 -18.83 0.86
CA SER A 6 -10.04 -19.23 -0.36
C SER A 6 -11.53 -18.96 -0.27
N GLY A 7 -12.12 -18.55 -1.39
CA GLY A 7 -13.55 -18.26 -1.41
C GLY A 7 -14.07 -18.09 -2.82
N MET A 8 -15.23 -17.44 -2.94
CA MET A 8 -15.85 -17.22 -4.24
C MET A 8 -16.04 -15.73 -4.51
N ALA A 9 -16.73 -15.05 -3.59
CA ALA A 9 -16.98 -13.62 -3.73
C ALA A 9 -16.32 -12.85 -2.60
N LEU A 10 -15.64 -13.56 -1.71
CA LEU A 10 -14.97 -12.94 -0.57
C LEU A 10 -13.62 -12.37 -0.98
N VAL A 11 -13.58 -11.08 -1.32
CA VAL A 11 -12.35 -10.43 -1.73
C VAL A 11 -11.15 -11.02 -0.99
N PRO A 12 -10.07 -11.30 -1.74
CA PRO A 12 -8.84 -11.86 -1.18
C PRO A 12 -8.09 -10.86 -0.32
N VAL A 13 -7.11 -11.36 0.44
CA VAL A 13 -6.31 -10.50 1.31
C VAL A 13 -4.98 -10.16 0.66
N TYR A 14 -4.45 -8.99 0.98
CA TYR A 14 -3.18 -8.54 0.43
C TYR A 14 -2.21 -8.15 1.55
N CYS A 15 -2.72 -7.45 2.55
CA CYS A 15 -1.90 -7.03 3.68
C CYS A 15 -1.33 -8.23 4.43
N LEU A 16 -0.49 -7.95 5.42
CA LEU A 16 0.14 -9.02 6.21
C LEU A 16 -0.82 -9.52 7.28
N CYS A 17 -1.80 -8.69 7.64
CA CYS A 17 -2.78 -9.05 8.65
C CYS A 17 -3.91 -9.89 8.04
N ARG A 18 -3.62 -10.54 6.92
CA ARG A 18 -4.61 -11.36 6.25
C ARG A 18 -5.94 -10.63 6.13
N GLN A 19 -5.89 -9.39 5.64
CA GLN A 19 -7.09 -8.58 5.47
C GLN A 19 -7.26 -8.15 4.02
N PRO A 20 -8.52 -8.10 3.56
CA PRO A 20 -8.85 -7.70 2.19
C PRO A 20 -8.61 -6.22 1.94
N TYR A 21 -9.20 -5.37 2.78
CA TYR A 21 -9.04 -3.93 2.64
C TYR A 21 -9.79 -3.20 3.76
N ASN A 22 -9.16 -2.15 4.29
CA ASN A 22 -9.77 -1.36 5.36
C ASN A 22 -9.97 0.08 4.92
N VAL A 23 -11.17 0.38 4.44
CA VAL A 23 -11.50 1.73 3.99
C VAL A 23 -11.11 2.77 5.03
N ASN A 24 -11.39 2.47 6.29
CA ASN A 24 -11.06 3.39 7.38
C ASN A 24 -9.60 3.82 7.30
N HIS A 25 -8.70 2.84 7.27
CA HIS A 25 -7.27 3.12 7.19
C HIS A 25 -6.80 3.20 5.74
N PHE A 26 -5.72 3.93 5.51
CA PHE A 26 -5.18 4.09 4.16
C PHE A 26 -4.35 2.87 3.77
N MET A 27 -4.28 2.61 2.46
CA MET A 27 -3.54 1.47 1.95
C MET A 27 -2.73 1.86 0.72
N ILE A 28 -1.52 1.32 0.60
CA ILE A 28 -0.64 1.61 -0.52
C ILE A 28 -0.55 0.41 -1.47
N GLU A 29 0.13 0.61 -2.59
CA GLU A 29 0.31 -0.45 -3.58
C GLU A 29 1.78 -0.64 -3.92
N CYS A 30 2.29 -1.85 -3.70
CA CYS A 30 3.68 -2.16 -3.99
C CYS A 30 3.94 -2.16 -5.49
N GLY A 31 4.95 -1.41 -5.91
CA GLY A 31 5.28 -1.35 -7.32
C GLY A 31 6.23 -2.44 -7.75
N LEU A 32 6.27 -3.52 -6.97
CA LEU A 32 7.15 -4.65 -7.27
C LEU A 32 6.36 -5.94 -7.37
N CYS A 33 5.43 -6.14 -6.44
CA CYS A 33 4.62 -7.35 -6.41
C CYS A 33 3.15 -7.00 -6.69
N GLN A 34 2.85 -5.71 -6.76
CA GLN A 34 1.50 -5.25 -7.03
C GLN A 34 0.54 -5.70 -5.91
N ASP A 35 0.96 -5.49 -4.67
CA ASP A 35 0.14 -5.87 -3.52
C ASP A 35 -0.31 -4.65 -2.74
N TRP A 36 -1.35 -4.81 -1.93
CA TRP A 36 -1.88 -3.71 -1.13
C TRP A 36 -1.65 -3.97 0.35
N PHE A 37 -1.22 -2.92 1.07
CA PHE A 37 -0.96 -3.03 2.50
C PHE A 37 -1.54 -1.83 3.25
N HIS A 38 -1.50 -1.90 4.57
CA HIS A 38 -2.02 -0.82 5.41
C HIS A 38 -0.89 0.11 5.86
N GLY A 39 -1.04 1.39 5.56
CA GLY A 39 -0.03 2.37 5.94
C GLY A 39 0.42 2.19 7.37
N SER A 40 -0.44 1.61 8.20
CA SER A 40 -0.12 1.40 9.62
C SER A 40 0.65 0.09 9.79
N CYS A 41 0.22 -0.94 9.07
CA CYS A 41 0.87 -2.24 9.16
C CYS A 41 2.27 -2.20 8.55
N VAL A 42 2.47 -1.32 7.58
CA VAL A 42 3.75 -1.17 6.92
C VAL A 42 4.55 -0.01 7.52
N GLY A 43 3.86 1.09 7.80
CA GLY A 43 4.52 2.24 8.37
C GLY A 43 4.59 3.40 7.40
N ILE A 44 3.59 3.52 6.53
CA ILE A 44 3.54 4.59 5.56
C ILE A 44 2.30 5.46 5.75
N GLU A 45 2.51 6.76 5.91
CA GLU A 45 1.41 7.70 6.10
C GLU A 45 0.82 8.14 4.76
N GLU A 46 -0.48 8.41 4.74
CA GLU A 46 -1.15 8.83 3.52
C GLU A 46 -0.54 10.13 2.98
N GLU A 47 -0.10 10.99 3.90
CA GLU A 47 0.51 12.26 3.52
C GLU A 47 1.80 12.04 2.74
N ASN A 48 2.51 10.97 3.09
CA ASN A 48 3.77 10.64 2.43
C ASN A 48 3.52 9.83 1.17
N ALA A 49 2.48 9.01 1.19
CA ALA A 49 2.13 8.18 0.05
C ALA A 49 2.12 8.99 -1.24
N VAL A 50 1.32 10.05 -1.26
CA VAL A 50 1.22 10.91 -2.43
C VAL A 50 2.60 11.30 -2.96
N ASP A 51 3.60 11.18 -2.10
CA ASP A 51 4.97 11.51 -2.48
C ASP A 51 5.74 10.26 -2.87
N ILE A 52 5.31 9.12 -2.38
CA ILE A 52 5.95 7.85 -2.68
C ILE A 52 5.65 7.41 -4.11
N ASP A 53 6.60 7.64 -5.01
CA ASP A 53 6.43 7.26 -6.41
C ASP A 53 6.22 5.76 -6.54
N ILE A 54 7.06 4.99 -5.88
CA ILE A 54 6.97 3.53 -5.93
C ILE A 54 7.11 2.92 -4.54
N TYR A 55 5.98 2.60 -3.92
CA TYR A 55 5.98 2.02 -2.58
C TYR A 55 6.49 0.59 -2.61
N HIS A 56 7.37 0.25 -1.67
CA HIS A 56 7.94 -1.08 -1.59
C HIS A 56 7.52 -1.78 -0.29
N CYS A 57 6.70 -2.81 -0.43
CA CYS A 57 6.21 -3.57 0.73
C CYS A 57 7.38 -4.06 1.58
N PRO A 58 7.11 -4.32 2.87
CA PRO A 58 8.12 -4.81 3.81
C PRO A 58 8.56 -6.23 3.50
N ASP A 59 8.08 -6.77 2.39
CA ASP A 59 8.42 -8.14 1.99
C ASP A 59 9.42 -8.11 0.84
N CYS A 60 9.39 -7.06 0.04
CA CYS A 60 10.28 -6.92 -1.10
C CYS A 60 11.50 -6.07 -0.73
N GLU A 61 11.32 -5.14 0.19
CA GLU A 61 12.39 -4.26 0.64
C GLU A 61 13.58 -5.08 1.15
N ALA A 62 13.30 -6.29 1.61
CA ALA A 62 14.34 -7.18 2.12
C ALA A 62 15.22 -7.70 0.98
N VAL A 63 14.83 -7.40 -0.25
CA VAL A 63 15.59 -7.84 -1.42
C VAL A 63 15.90 -6.67 -2.34
N PHE A 64 14.87 -5.91 -2.70
CA PHE A 64 15.04 -4.76 -3.58
C PHE A 64 15.63 -3.58 -2.82
N GLY A 65 15.04 -3.26 -1.67
CA GLY A 65 15.53 -2.15 -0.87
C GLY A 65 14.42 -1.18 -0.48
N PRO A 66 14.77 0.10 -0.35
CA PRO A 66 13.82 1.15 0.02
C PRO A 66 12.82 1.44 -1.09
N SER A 67 11.85 2.32 -0.80
CA SER A 67 10.84 2.68 -1.78
C SER A 67 11.20 3.97 -2.50
N ILE A 68 10.91 4.01 -3.79
CA ILE A 68 11.21 5.20 -4.60
C ILE A 68 10.35 6.38 -4.18
N MET A 69 10.82 7.58 -4.47
CA MET A 69 10.09 8.81 -4.13
C MET A 69 9.94 9.70 -5.35
N LYS A 70 8.77 10.32 -5.49
CA LYS A 70 8.50 11.20 -6.61
C LYS A 70 9.44 12.40 -6.60
N ASN A 71 9.43 13.17 -7.68
CA ASN A 71 10.29 14.34 -7.79
C ASN A 71 9.48 15.58 -8.16
N TRP A 72 8.41 15.83 -7.40
CA TRP A 72 7.56 16.99 -7.64
C TRP A 72 8.38 18.25 -7.80
N HIS A 73 7.70 19.37 -8.04
CA HIS A 73 8.37 20.65 -8.21
C HIS A 73 8.32 21.47 -6.93
N SER A 74 9.47 21.59 -6.27
CA SER A 74 9.55 22.34 -5.02
C SER A 74 10.91 23.03 -4.89
N GLY A 75 11.00 23.96 -3.95
CA GLY A 75 12.24 24.68 -3.75
C GLY A 75 12.81 24.48 -2.36
N PRO A 76 13.67 25.42 -1.91
CA PRO A 76 14.30 25.35 -0.60
C PRO A 76 13.30 25.59 0.54
N SER A 77 12.39 26.54 0.33
CA SER A 77 11.39 26.87 1.34
C SER A 77 12.00 26.89 2.73
N SER A 78 13.19 27.47 2.84
CA SER A 78 13.89 27.57 4.11
C SER A 78 13.70 26.28 4.92
N GLY A 79 13.79 25.14 4.25
CA GLY A 79 13.63 23.87 4.93
C GLY A 79 14.44 22.76 4.27
N GLY A 1 -16.86 2.15 18.59
CA GLY A 1 -17.18 2.45 17.20
C GLY A 1 -18.25 1.54 16.64
N SER A 2 -19.18 2.11 15.89
CA SER A 2 -20.27 1.34 15.29
C SER A 2 -20.30 1.52 13.77
N SER A 3 -19.44 0.77 13.08
CA SER A 3 -19.37 0.85 11.62
C SER A 3 -18.47 -0.25 11.07
N GLY A 4 -18.92 -0.88 9.99
CA GLY A 4 -18.14 -1.95 9.37
C GLY A 4 -18.96 -2.77 8.40
N SER A 5 -19.45 -2.12 7.34
CA SER A 5 -20.26 -2.79 6.34
C SER A 5 -19.63 -2.65 4.96
N SER A 6 -18.30 -2.82 4.90
CA SER A 6 -17.58 -2.70 3.63
C SER A 6 -17.25 -4.08 3.07
N GLY A 7 -17.65 -4.32 1.83
CA GLY A 7 -17.39 -5.61 1.20
C GLY A 7 -18.32 -5.87 0.03
N MET A 8 -19.40 -6.60 0.30
CA MET A 8 -20.37 -6.93 -0.73
C MET A 8 -19.69 -7.15 -2.07
N ALA A 9 -18.57 -7.87 -2.05
CA ALA A 9 -17.83 -8.16 -3.27
C ALA A 9 -16.70 -9.15 -3.01
N LEU A 10 -16.57 -10.14 -3.89
CA LEU A 10 -15.54 -11.16 -3.75
C LEU A 10 -14.16 -10.59 -4.09
N VAL A 11 -13.32 -10.45 -3.07
CA VAL A 11 -11.97 -9.92 -3.27
C VAL A 11 -10.98 -10.59 -2.31
N PRO A 12 -9.84 -11.03 -2.87
CA PRO A 12 -8.79 -11.69 -2.09
C PRO A 12 -8.08 -10.74 -1.14
N VAL A 13 -7.31 -11.30 -0.21
CA VAL A 13 -6.56 -10.49 0.75
C VAL A 13 -5.16 -10.18 0.25
N TYR A 14 -4.57 -9.12 0.78
CA TYR A 14 -3.23 -8.72 0.39
C TYR A 14 -2.36 -8.42 1.61
N CYS A 15 -2.77 -7.42 2.38
CA CYS A 15 -2.03 -7.04 3.58
C CYS A 15 -1.67 -8.27 4.42
N LEU A 16 -0.86 -8.07 5.45
CA LEU A 16 -0.44 -9.15 6.32
C LEU A 16 -1.57 -9.54 7.29
N CYS A 17 -2.48 -8.61 7.51
CA CYS A 17 -3.61 -8.86 8.41
C CYS A 17 -4.59 -9.85 7.79
N ARG A 18 -4.33 -10.22 6.54
CA ARG A 18 -5.19 -11.17 5.83
C ARG A 18 -6.54 -10.53 5.50
N GLN A 19 -6.51 -9.26 5.11
CA GLN A 19 -7.73 -8.54 4.78
C GLN A 19 -7.70 -8.08 3.32
N PRO A 20 -8.89 -7.97 2.71
CA PRO A 20 -9.03 -7.54 1.32
C PRO A 20 -8.69 -6.07 1.13
N TYR A 21 -9.34 -5.20 1.90
CA TYR A 21 -9.10 -3.77 1.82
C TYR A 21 -9.92 -3.02 2.86
N ASN A 22 -9.35 -1.94 3.40
CA ASN A 22 -10.02 -1.14 4.40
C ASN A 22 -10.24 0.29 3.91
N VAL A 23 -11.41 0.52 3.30
CA VAL A 23 -11.74 1.85 2.77
C VAL A 23 -11.62 2.90 3.86
N ASN A 24 -11.73 2.49 5.11
CA ASN A 24 -11.62 3.41 6.24
C ASN A 24 -10.17 3.77 6.53
N HIS A 25 -9.29 2.77 6.42
CA HIS A 25 -7.86 3.00 6.67
C HIS A 25 -7.12 3.23 5.35
N PHE A 26 -5.95 3.85 5.44
CA PHE A 26 -5.14 4.13 4.26
C PHE A 26 -4.41 2.88 3.80
N MET A 27 -4.15 2.80 2.50
CA MET A 27 -3.45 1.66 1.92
C MET A 27 -2.61 2.08 0.72
N ILE A 28 -1.60 1.29 0.40
CA ILE A 28 -0.72 1.58 -0.72
C ILE A 28 -0.59 0.37 -1.65
N GLU A 29 0.21 0.52 -2.69
CA GLU A 29 0.42 -0.56 -3.66
C GLU A 29 1.91 -0.76 -3.93
N CYS A 30 2.36 -2.00 -3.82
CA CYS A 30 3.76 -2.33 -4.06
C CYS A 30 4.05 -2.42 -5.55
N GLY A 31 5.05 -1.67 -6.01
CA GLY A 31 5.41 -1.69 -7.41
C GLY A 31 6.26 -2.88 -7.79
N LEU A 32 6.21 -3.92 -6.96
CA LEU A 32 6.98 -5.14 -7.20
C LEU A 32 6.09 -6.37 -7.20
N CYS A 33 5.09 -6.35 -6.31
CA CYS A 33 4.16 -7.47 -6.21
C CYS A 33 2.74 -7.05 -6.62
N GLN A 34 2.53 -5.74 -6.73
CA GLN A 34 1.23 -5.21 -7.11
C GLN A 34 0.19 -5.50 -6.05
N ASP A 35 0.64 -5.69 -4.81
CA ASP A 35 -0.25 -5.98 -3.70
C ASP A 35 -0.60 -4.71 -2.94
N TRP A 36 -1.45 -4.85 -1.93
CA TRP A 36 -1.87 -3.71 -1.11
C TRP A 36 -1.61 -3.96 0.37
N PHE A 37 -1.36 -2.90 1.13
CA PHE A 37 -1.10 -3.02 2.55
C PHE A 37 -1.55 -1.76 3.29
N HIS A 38 -1.71 -1.88 4.60
CA HIS A 38 -2.13 -0.75 5.43
C HIS A 38 -0.94 0.11 5.83
N GLY A 39 -1.12 1.42 5.77
CA GLY A 39 -0.04 2.34 6.12
C GLY A 39 0.41 2.16 7.56
N SER A 40 -0.45 1.56 8.38
CA SER A 40 -0.13 1.34 9.79
C SER A 40 0.67 0.05 9.97
N CYS A 41 0.36 -0.95 9.15
CA CYS A 41 1.05 -2.24 9.21
C CYS A 41 2.43 -2.15 8.56
N VAL A 42 2.55 -1.28 7.57
CA VAL A 42 3.82 -1.10 6.87
C VAL A 42 4.60 0.09 7.43
N GLY A 43 3.88 1.16 7.77
CA GLY A 43 4.52 2.34 8.31
C GLY A 43 4.54 3.49 7.34
N ILE A 44 3.46 3.63 6.57
CA ILE A 44 3.36 4.70 5.58
C ILE A 44 2.10 5.54 5.81
N GLU A 45 2.25 6.86 5.69
CA GLU A 45 1.13 7.77 5.89
C GLU A 45 0.55 8.21 4.55
N GLU A 46 -0.72 8.62 4.56
CA GLU A 46 -1.39 9.06 3.35
C GLU A 46 -0.73 10.33 2.79
N GLU A 47 -0.34 11.22 3.69
CA GLU A 47 0.30 12.47 3.29
C GLU A 47 1.63 12.20 2.57
N ASN A 48 2.23 11.05 2.87
CA ASN A 48 3.49 10.67 2.25
C ASN A 48 3.26 9.90 0.95
N ALA A 49 2.18 9.12 0.92
CA ALA A 49 1.83 8.33 -0.25
C ALA A 49 1.91 9.17 -1.52
N VAL A 50 1.26 10.33 -1.50
CA VAL A 50 1.25 11.23 -2.65
C VAL A 50 2.66 11.50 -3.14
N ASP A 51 3.64 11.32 -2.26
CA ASP A 51 5.04 11.55 -2.60
C ASP A 51 5.72 10.24 -2.98
N ILE A 52 5.10 9.12 -2.61
CA ILE A 52 5.65 7.81 -2.91
C ILE A 52 5.29 7.37 -4.32
N ASP A 53 6.27 7.44 -5.23
CA ASP A 53 6.06 7.05 -6.62
C ASP A 53 5.87 5.55 -6.74
N ILE A 54 6.76 4.79 -6.09
CA ILE A 54 6.69 3.33 -6.13
C ILE A 54 6.90 2.74 -4.74
N TYR A 55 5.80 2.40 -4.08
CA TYR A 55 5.87 1.82 -2.74
C TYR A 55 6.45 0.40 -2.78
N HIS A 56 7.22 0.07 -1.75
CA HIS A 56 7.84 -1.25 -1.67
C HIS A 56 7.38 -1.98 -0.42
N CYS A 57 6.56 -3.03 -0.61
CA CYS A 57 6.06 -3.81 0.51
C CYS A 57 7.17 -4.20 1.47
N PRO A 58 6.81 -4.49 2.72
CA PRO A 58 7.77 -4.88 3.76
C PRO A 58 8.37 -6.25 3.50
N ASP A 59 8.07 -6.83 2.34
CA ASP A 59 8.58 -8.14 1.98
C ASP A 59 9.65 -8.02 0.89
N CYS A 60 9.57 -6.95 0.11
CA CYS A 60 10.53 -6.72 -0.97
C CYS A 60 11.69 -5.86 -0.50
N GLU A 61 11.40 -4.93 0.42
CA GLU A 61 12.43 -4.05 0.95
C GLU A 61 13.56 -4.85 1.58
N ALA A 62 13.29 -6.12 1.87
CA ALA A 62 14.29 -6.99 2.48
C ALA A 62 15.30 -7.46 1.43
N VAL A 63 15.06 -7.13 0.18
CA VAL A 63 15.95 -7.52 -0.91
C VAL A 63 16.21 -6.35 -1.86
N PHE A 64 15.14 -5.71 -2.30
CA PHE A 64 15.25 -4.57 -3.21
C PHE A 64 15.77 -3.34 -2.49
N GLY A 65 15.16 -3.03 -1.34
CA GLY A 65 15.58 -1.88 -0.57
C GLY A 65 14.43 -0.94 -0.26
N PRO A 66 14.73 0.36 -0.15
CA PRO A 66 13.72 1.39 0.16
C PRO A 66 12.77 1.61 -1.02
N SER A 67 11.71 2.37 -0.77
CA SER A 67 10.72 2.66 -1.79
C SER A 67 11.10 3.92 -2.58
N ILE A 68 10.66 3.98 -3.83
CA ILE A 68 10.95 5.12 -4.68
C ILE A 68 10.10 6.33 -4.30
N MET A 69 10.56 7.52 -4.70
CA MET A 69 9.84 8.75 -4.41
C MET A 69 9.75 9.64 -5.64
N LYS A 70 8.56 10.18 -5.88
CA LYS A 70 8.34 11.05 -7.03
C LYS A 70 9.39 12.16 -7.09
N ASN A 71 9.32 12.98 -8.13
CA ASN A 71 10.27 14.08 -8.30
C ASN A 71 9.56 15.43 -8.13
N TRP A 72 9.13 15.70 -6.90
CA TRP A 72 8.44 16.96 -6.60
C TRP A 72 9.44 18.10 -6.44
N HIS A 73 10.42 18.16 -7.33
CA HIS A 73 11.45 19.20 -7.28
C HIS A 73 11.79 19.54 -5.84
N SER A 74 11.95 18.50 -5.01
CA SER A 74 12.28 18.70 -3.61
C SER A 74 13.73 18.31 -3.35
N GLY A 75 14.31 18.87 -2.28
CA GLY A 75 15.69 18.58 -1.93
C GLY A 75 15.81 17.36 -1.03
N PRO A 76 16.68 16.42 -1.41
CA PRO A 76 16.91 15.19 -0.64
C PRO A 76 17.63 15.46 0.67
N SER A 77 17.17 14.80 1.73
CA SER A 77 17.77 14.96 3.05
C SER A 77 17.41 13.79 3.96
N SER A 78 18.01 13.77 5.14
CA SER A 78 17.76 12.71 6.10
C SER A 78 16.82 13.18 7.21
N GLY A 79 15.95 12.28 7.66
CA GLY A 79 14.99 12.62 8.69
C GLY A 79 14.86 11.53 9.74
N GLY A 1 -26.59 11.51 -2.67
CA GLY A 1 -27.87 10.83 -2.72
C GLY A 1 -27.73 9.32 -2.76
N SER A 2 -28.24 8.65 -1.73
CA SER A 2 -28.16 7.20 -1.65
C SER A 2 -29.52 6.61 -1.30
N SER A 3 -29.80 5.42 -1.82
CA SER A 3 -31.06 4.74 -1.56
C SER A 3 -30.83 3.28 -1.16
N GLY A 4 -29.98 2.60 -1.91
CA GLY A 4 -29.68 1.21 -1.61
C GLY A 4 -29.06 0.48 -2.79
N SER A 5 -28.07 -0.38 -2.50
CA SER A 5 -27.38 -1.13 -3.53
C SER A 5 -27.48 -2.62 -3.28
N SER A 6 -28.04 -3.36 -4.24
CA SER A 6 -28.20 -4.80 -4.12
C SER A 6 -27.10 -5.53 -4.88
N GLY A 7 -26.39 -6.41 -4.18
CA GLY A 7 -25.32 -7.17 -4.82
C GLY A 7 -24.33 -7.71 -3.81
N MET A 8 -23.71 -8.85 -4.14
CA MET A 8 -22.75 -9.48 -3.26
C MET A 8 -21.39 -9.61 -3.95
N ALA A 9 -20.53 -8.62 -3.75
CA ALA A 9 -19.19 -8.62 -4.35
C ALA A 9 -18.20 -9.39 -3.48
N LEU A 10 -17.02 -9.64 -4.03
CA LEU A 10 -15.99 -10.37 -3.30
C LEU A 10 -14.61 -9.77 -3.58
N VAL A 11 -13.81 -9.63 -2.53
CA VAL A 11 -12.47 -9.08 -2.68
C VAL A 11 -11.46 -9.84 -1.82
N PRO A 12 -10.38 -10.30 -2.45
CA PRO A 12 -9.32 -11.06 -1.78
C PRO A 12 -8.51 -10.19 -0.82
N VAL A 13 -7.73 -10.84 0.04
CA VAL A 13 -6.91 -10.12 1.01
C VAL A 13 -5.52 -9.84 0.44
N TYR A 14 -4.87 -8.81 0.98
CA TYR A 14 -3.54 -8.42 0.51
C TYR A 14 -2.61 -8.19 1.70
N CYS A 15 -2.98 -7.26 2.57
CA CYS A 15 -2.18 -6.94 3.74
C CYS A 15 -1.86 -8.20 4.54
N LEU A 16 -0.99 -8.05 5.53
CA LEU A 16 -0.60 -9.18 6.38
C LEU A 16 -1.74 -9.57 7.33
N CYS A 17 -2.65 -8.63 7.55
CA CYS A 17 -3.79 -8.88 8.43
C CYS A 17 -4.83 -9.76 7.75
N ARG A 18 -4.48 -10.27 6.57
CA ARG A 18 -5.38 -11.13 5.82
C ARG A 18 -6.72 -10.44 5.57
N GLN A 19 -6.66 -9.13 5.33
CA GLN A 19 -7.88 -8.36 5.09
C GLN A 19 -7.93 -7.88 3.64
N PRO A 20 -9.16 -7.71 3.12
CA PRO A 20 -9.38 -7.26 1.74
C PRO A 20 -8.97 -5.80 1.53
N TYR A 21 -9.53 -4.92 2.36
CA TYR A 21 -9.23 -3.50 2.27
C TYR A 21 -9.91 -2.72 3.39
N ASN A 22 -9.28 -1.63 3.82
CA ASN A 22 -9.82 -0.80 4.89
C ASN A 22 -10.00 0.64 4.41
N VAL A 23 -11.22 1.13 4.50
CA VAL A 23 -11.53 2.50 4.09
C VAL A 23 -11.10 3.51 5.15
N ASN A 24 -11.31 3.16 6.41
CA ASN A 24 -10.94 4.03 7.52
C ASN A 24 -9.43 4.22 7.57
N HIS A 25 -8.69 3.15 7.33
CA HIS A 25 -7.23 3.20 7.34
C HIS A 25 -6.67 3.40 5.93
N PHE A 26 -5.48 3.98 5.85
CA PHE A 26 -4.85 4.23 4.57
C PHE A 26 -4.16 2.97 4.05
N MET A 27 -4.01 2.88 2.73
CA MET A 27 -3.37 1.73 2.11
C MET A 27 -2.53 2.16 0.92
N ILE A 28 -1.57 1.31 0.53
CA ILE A 28 -0.70 1.61 -0.61
C ILE A 28 -0.56 0.40 -1.52
N GLU A 29 0.12 0.58 -2.65
CA GLU A 29 0.31 -0.49 -3.60
C GLU A 29 1.80 -0.70 -3.89
N CYS A 30 2.26 -1.93 -3.75
CA CYS A 30 3.67 -2.26 -3.99
C CYS A 30 3.96 -2.33 -5.49
N GLY A 31 4.93 -1.55 -5.94
CA GLY A 31 5.28 -1.55 -7.35
C GLY A 31 6.17 -2.73 -7.72
N LEU A 32 6.13 -3.78 -6.90
CA LEU A 32 6.94 -4.97 -7.16
C LEU A 32 6.06 -6.22 -7.18
N CYS A 33 5.07 -6.26 -6.29
CA CYS A 33 4.16 -7.39 -6.20
C CYS A 33 2.76 -7.00 -6.63
N GLN A 34 2.54 -5.70 -6.81
CA GLN A 34 1.24 -5.18 -7.21
C GLN A 34 0.18 -5.50 -6.16
N ASP A 35 0.61 -5.63 -4.91
CA ASP A 35 -0.31 -5.92 -3.82
C ASP A 35 -0.62 -4.66 -3.01
N TRP A 36 -1.34 -4.83 -1.91
CA TRP A 36 -1.70 -3.70 -1.06
C TRP A 36 -1.38 -4.00 0.40
N PHE A 37 -1.25 -2.95 1.20
CA PHE A 37 -0.94 -3.10 2.62
C PHE A 37 -1.28 -1.82 3.38
N HIS A 38 -1.82 -1.99 4.58
CA HIS A 38 -2.19 -0.85 5.41
C HIS A 38 -0.98 0.00 5.76
N GLY A 39 -1.05 1.29 5.44
CA GLY A 39 0.06 2.18 5.73
C GLY A 39 0.53 2.10 7.17
N SER A 40 -0.30 1.50 8.02
CA SER A 40 0.03 1.36 9.43
C SER A 40 0.82 0.09 9.68
N CYS A 41 0.37 -1.01 9.10
CA CYS A 41 1.04 -2.30 9.26
C CYS A 41 2.40 -2.29 8.58
N VAL A 42 2.57 -1.40 7.60
CA VAL A 42 3.83 -1.29 6.88
C VAL A 42 4.69 -0.17 7.44
N GLY A 43 4.05 0.95 7.77
CA GLY A 43 4.77 2.08 8.32
C GLY A 43 4.78 3.27 7.38
N ILE A 44 3.79 3.34 6.50
CA ILE A 44 3.68 4.43 5.54
C ILE A 44 2.40 5.23 5.76
N GLU A 45 2.54 6.55 5.75
CA GLU A 45 1.40 7.44 5.94
C GLU A 45 0.80 7.87 4.59
N GLU A 46 -0.46 8.27 4.61
CA GLU A 46 -1.14 8.71 3.40
C GLU A 46 -0.53 9.99 2.86
N GLU A 47 -0.05 10.84 3.78
CA GLU A 47 0.56 12.10 3.39
C GLU A 47 1.92 11.87 2.73
N ASN A 48 2.48 10.69 2.94
CA ASN A 48 3.78 10.35 2.36
C ASN A 48 3.60 9.64 1.02
N ALA A 49 2.54 8.85 0.91
CA ALA A 49 2.26 8.11 -0.31
C ALA A 49 2.33 9.04 -1.54
N VAL A 50 1.60 10.14 -1.48
CA VAL A 50 1.57 11.10 -2.57
C VAL A 50 2.98 11.38 -3.08
N ASP A 51 3.97 11.16 -2.22
CA ASP A 51 5.37 11.39 -2.58
C ASP A 51 6.03 10.09 -3.00
N ILE A 52 5.51 8.97 -2.51
CA ILE A 52 6.05 7.66 -2.83
C ILE A 52 5.66 7.23 -4.24
N ASP A 53 6.58 7.42 -5.19
CA ASP A 53 6.33 7.05 -6.58
C ASP A 53 6.09 5.54 -6.70
N ILE A 54 6.93 4.76 -6.05
CA ILE A 54 6.82 3.31 -6.08
C ILE A 54 6.97 2.71 -4.69
N TYR A 55 5.84 2.47 -4.03
CA TYR A 55 5.85 1.89 -2.69
C TYR A 55 6.42 0.48 -2.70
N HIS A 56 7.22 0.15 -1.70
CA HIS A 56 7.82 -1.17 -1.61
C HIS A 56 7.32 -1.91 -0.36
N CYS A 57 6.51 -2.93 -0.58
CA CYS A 57 5.96 -3.72 0.51
C CYS A 57 7.04 -4.10 1.52
N PRO A 58 6.63 -4.42 2.75
CA PRO A 58 7.55 -4.81 3.82
C PRO A 58 8.18 -6.18 3.58
N ASP A 59 7.92 -6.74 2.39
CA ASP A 59 8.46 -8.05 2.05
C ASP A 59 9.54 -7.91 0.97
N CYS A 60 9.47 -6.84 0.20
CA CYS A 60 10.44 -6.59 -0.86
C CYS A 60 11.58 -5.70 -0.36
N GLU A 61 11.27 -4.81 0.57
CA GLU A 61 12.26 -3.91 1.13
C GLU A 61 13.41 -4.69 1.78
N ALA A 62 13.21 -5.99 1.93
CA ALA A 62 14.21 -6.85 2.54
C ALA A 62 15.23 -7.31 1.50
N VAL A 63 14.93 -7.09 0.23
CA VAL A 63 15.82 -7.48 -0.86
C VAL A 63 16.09 -6.31 -1.79
N PHE A 64 15.03 -5.64 -2.23
CA PHE A 64 15.15 -4.49 -3.13
C PHE A 64 15.68 -3.27 -2.38
N GLY A 65 15.01 -2.90 -1.30
CA GLY A 65 15.42 -1.77 -0.52
C GLY A 65 14.27 -0.83 -0.19
N PRO A 66 14.57 0.47 -0.06
CA PRO A 66 13.57 1.49 0.24
C PRO A 66 12.61 1.73 -0.93
N SER A 67 11.55 2.49 -0.67
CA SER A 67 10.55 2.79 -1.69
C SER A 67 10.98 4.00 -2.52
N ILE A 68 10.75 3.93 -3.82
CA ILE A 68 11.11 5.02 -4.72
C ILE A 68 10.27 6.26 -4.44
N MET A 69 10.79 7.42 -4.81
CA MET A 69 10.08 8.68 -4.61
C MET A 69 9.96 9.45 -5.92
N LYS A 70 8.87 10.20 -6.06
CA LYS A 70 8.63 10.99 -7.26
C LYS A 70 9.68 12.09 -7.41
N ASN A 71 9.81 12.63 -8.61
CA ASN A 71 10.77 13.68 -8.89
C ASN A 71 10.11 15.06 -8.82
N TRP A 72 9.33 15.28 -7.77
CA TRP A 72 8.63 16.56 -7.60
C TRP A 72 9.59 17.72 -7.78
N HIS A 73 9.51 18.38 -8.94
CA HIS A 73 10.37 19.52 -9.24
C HIS A 73 9.63 20.83 -8.98
N SER A 74 9.72 21.33 -7.75
CA SER A 74 9.07 22.57 -7.37
C SER A 74 10.07 23.72 -7.30
N GLY A 75 11.12 23.54 -6.50
CA GLY A 75 12.13 24.56 -6.36
C GLY A 75 13.37 24.06 -5.64
N PRO A 76 13.74 24.74 -4.55
CA PRO A 76 14.92 24.38 -3.76
C PRO A 76 14.72 23.08 -2.99
N SER A 77 15.82 22.39 -2.70
CA SER A 77 15.77 21.12 -1.98
C SER A 77 15.69 21.37 -0.48
N SER A 78 14.90 22.37 -0.09
CA SER A 78 14.74 22.70 1.32
C SER A 78 16.03 22.46 2.09
N GLY A 79 17.15 22.84 1.48
CA GLY A 79 18.45 22.66 2.12
C GLY A 79 18.41 22.96 3.61
N GLY A 1 -13.63 -32.99 10.30
CA GLY A 1 -13.72 -32.37 9.00
C GLY A 1 -15.02 -31.62 8.80
N SER A 2 -15.01 -30.64 7.89
CA SER A 2 -16.20 -29.85 7.61
C SER A 2 -16.41 -29.69 6.12
N SER A 3 -17.55 -29.12 5.73
CA SER A 3 -17.88 -28.92 4.33
C SER A 3 -18.26 -27.46 4.07
N GLY A 4 -17.69 -26.89 3.02
CA GLY A 4 -17.97 -25.51 2.68
C GLY A 4 -17.08 -24.98 1.57
N SER A 5 -17.55 -25.06 0.34
CA SER A 5 -16.78 -24.60 -0.81
C SER A 5 -17.70 -24.29 -2.00
N SER A 6 -17.10 -23.85 -3.10
CA SER A 6 -17.86 -23.53 -4.30
C SER A 6 -18.85 -22.38 -4.02
N GLY A 7 -18.34 -21.32 -3.39
CA GLY A 7 -19.18 -20.18 -3.09
C GLY A 7 -19.08 -19.09 -4.13
N MET A 8 -18.91 -17.85 -3.68
CA MET A 8 -18.79 -16.71 -4.60
C MET A 8 -17.36 -16.17 -4.62
N ALA A 9 -17.13 -15.17 -5.45
CA ALA A 9 -15.81 -14.57 -5.58
C ALA A 9 -15.62 -13.45 -4.56
N LEU A 10 -14.50 -13.48 -3.86
CA LEU A 10 -14.20 -12.46 -2.86
C LEU A 10 -12.76 -11.98 -2.99
N VAL A 11 -12.59 -10.69 -3.29
CA VAL A 11 -11.27 -10.11 -3.45
C VAL A 11 -10.27 -10.74 -2.50
N PRO A 12 -9.13 -11.19 -3.04
CA PRO A 12 -8.08 -11.83 -2.25
C PRO A 12 -7.36 -10.85 -1.33
N VAL A 13 -6.81 -11.36 -0.24
CA VAL A 13 -6.10 -10.53 0.72
C VAL A 13 -4.71 -10.17 0.21
N TYR A 14 -4.16 -9.06 0.72
CA TYR A 14 -2.84 -8.61 0.31
C TYR A 14 -1.98 -8.26 1.54
N CYS A 15 -2.55 -7.46 2.43
CA CYS A 15 -1.84 -7.05 3.64
C CYS A 15 -1.52 -8.26 4.52
N LEU A 16 -0.71 -8.04 5.55
CA LEU A 16 -0.33 -9.10 6.47
C LEU A 16 -1.50 -9.48 7.37
N CYS A 17 -2.41 -8.54 7.59
CA CYS A 17 -3.57 -8.77 8.43
C CYS A 17 -4.51 -9.80 7.80
N ARG A 18 -4.22 -10.15 6.54
CA ARG A 18 -5.04 -11.13 5.82
C ARG A 18 -6.37 -10.52 5.42
N GLN A 19 -6.34 -9.25 5.02
CA GLN A 19 -7.56 -8.55 4.61
C GLN A 19 -7.49 -8.16 3.14
N PRO A 20 -8.65 -8.12 2.48
CA PRO A 20 -8.76 -7.76 1.07
C PRO A 20 -8.45 -6.29 0.82
N TYR A 21 -9.15 -5.41 1.52
CA TYR A 21 -8.95 -3.97 1.38
C TYR A 21 -9.83 -3.20 2.37
N ASN A 22 -9.43 -1.97 2.66
CA ASN A 22 -10.17 -1.12 3.59
C ASN A 22 -10.28 0.30 3.06
N VAL A 23 -11.47 0.64 2.56
CA VAL A 23 -11.71 1.97 2.01
C VAL A 23 -11.57 3.04 3.10
N ASN A 24 -11.83 2.65 4.33
CA ASN A 24 -11.73 3.57 5.46
C ASN A 24 -10.28 3.75 5.90
N HIS A 25 -9.53 2.65 5.88
CA HIS A 25 -8.12 2.68 6.28
C HIS A 25 -7.23 2.87 5.06
N PHE A 26 -6.40 3.91 5.08
CA PHE A 26 -5.50 4.20 3.98
C PHE A 26 -4.72 2.95 3.57
N MET A 27 -4.40 2.85 2.29
CA MET A 27 -3.67 1.71 1.76
C MET A 27 -2.84 2.11 0.55
N ILE A 28 -1.72 1.42 0.35
CA ILE A 28 -0.83 1.70 -0.78
C ILE A 28 -0.61 0.45 -1.63
N GLU A 29 0.16 0.61 -2.71
CA GLU A 29 0.45 -0.51 -3.60
C GLU A 29 1.94 -0.60 -3.87
N CYS A 30 2.48 -1.81 -3.75
CA CYS A 30 3.90 -2.03 -4.00
C CYS A 30 4.21 -2.01 -5.49
N GLY A 31 5.13 -1.13 -5.90
CA GLY A 31 5.49 -1.04 -7.29
C GLY A 31 6.51 -2.09 -7.70
N LEU A 32 6.52 -3.20 -6.98
CA LEU A 32 7.45 -4.29 -7.27
C LEU A 32 6.71 -5.61 -7.45
N CYS A 33 5.78 -5.89 -6.53
CA CYS A 33 5.01 -7.11 -6.60
C CYS A 33 3.53 -6.81 -6.84
N GLN A 34 3.19 -5.53 -6.89
CA GLN A 34 1.82 -5.10 -7.12
C GLN A 34 0.90 -5.62 -6.01
N ASP A 35 1.30 -5.41 -4.77
CA ASP A 35 0.52 -5.86 -3.62
C ASP A 35 -0.14 -4.68 -2.92
N TRP A 36 -0.77 -4.95 -1.79
CA TRP A 36 -1.46 -3.91 -1.03
C TRP A 36 -1.27 -4.12 0.47
N PHE A 37 -1.16 -3.02 1.22
CA PHE A 37 -0.98 -3.10 2.66
C PHE A 37 -1.50 -1.83 3.34
N HIS A 38 -1.61 -1.89 4.66
CA HIS A 38 -2.10 -0.75 5.44
C HIS A 38 -0.94 0.12 5.91
N GLY A 39 -1.10 1.43 5.77
CA GLY A 39 -0.05 2.35 6.19
C GLY A 39 0.30 2.19 7.65
N SER A 40 -0.61 1.60 8.42
CA SER A 40 -0.39 1.40 9.84
C SER A 40 0.38 0.10 10.10
N CYS A 41 0.31 -0.82 9.14
CA CYS A 41 0.99 -2.10 9.26
C CYS A 41 2.39 -2.02 8.65
N VAL A 42 2.55 -1.16 7.65
CA VAL A 42 3.83 -0.99 6.98
C VAL A 42 4.59 0.21 7.54
N GLY A 43 3.85 1.26 7.89
CA GLY A 43 4.45 2.46 8.42
C GLY A 43 4.42 3.62 7.45
N ILE A 44 3.32 3.75 6.74
CA ILE A 44 3.16 4.83 5.76
C ILE A 44 1.90 5.64 6.04
N GLU A 45 1.99 6.94 5.82
CA GLU A 45 0.84 7.83 6.05
C GLU A 45 0.32 8.39 4.73
N GLU A 46 -0.99 8.60 4.66
CA GLU A 46 -1.61 9.14 3.45
C GLU A 46 -0.92 10.43 3.00
N GLU A 47 -0.56 11.27 3.97
CA GLU A 47 0.11 12.53 3.67
C GLU A 47 1.45 12.29 2.99
N ASN A 48 2.10 11.19 3.36
CA ASN A 48 3.40 10.84 2.78
C ASN A 48 3.22 10.05 1.49
N ALA A 49 2.11 9.34 1.38
CA ALA A 49 1.83 8.55 0.20
C ALA A 49 1.98 9.37 -1.07
N VAL A 50 1.34 10.54 -1.09
CA VAL A 50 1.40 11.44 -2.24
C VAL A 50 2.85 11.73 -2.63
N ASP A 51 3.76 11.45 -1.71
CA ASP A 51 5.18 11.68 -1.97
C ASP A 51 5.88 10.38 -2.37
N ILE A 52 5.24 9.26 -2.07
CA ILE A 52 5.80 7.95 -2.38
C ILE A 52 5.48 7.56 -3.83
N ASP A 53 6.45 7.76 -4.72
CA ASP A 53 6.27 7.42 -6.12
C ASP A 53 6.09 5.92 -6.30
N ILE A 54 6.96 5.14 -5.67
CA ILE A 54 6.90 3.69 -5.76
C ILE A 54 7.07 3.05 -4.40
N TYR A 55 5.95 2.72 -3.76
CA TYR A 55 5.97 2.09 -2.44
C TYR A 55 6.56 0.68 -2.52
N HIS A 56 7.32 0.31 -1.50
CA HIS A 56 7.94 -1.01 -1.45
C HIS A 56 7.47 -1.79 -0.22
N CYS A 57 6.71 -2.85 -0.46
CA CYS A 57 6.19 -3.68 0.62
C CYS A 57 7.32 -4.20 1.50
N PRO A 58 6.99 -4.53 2.75
CA PRO A 58 7.96 -5.03 3.73
C PRO A 58 8.44 -6.44 3.38
N ASP A 59 8.04 -6.93 2.21
CA ASP A 59 8.43 -8.25 1.76
C ASP A 59 9.47 -8.17 0.65
N CYS A 60 9.46 -7.05 -0.08
CA CYS A 60 10.40 -6.84 -1.16
C CYS A 60 11.60 -6.01 -0.71
N GLU A 61 11.35 -5.08 0.21
CA GLU A 61 12.40 -4.22 0.73
C GLU A 61 13.56 -5.05 1.27
N ALA A 62 13.26 -6.28 1.68
CA ALA A 62 14.27 -7.17 2.23
C ALA A 62 15.23 -7.64 1.13
N VAL A 63 14.96 -7.23 -0.10
CA VAL A 63 15.80 -7.60 -1.24
C VAL A 63 16.10 -6.40 -2.12
N PHE A 64 15.05 -5.68 -2.50
CA PHE A 64 15.20 -4.51 -3.35
C PHE A 64 15.73 -3.32 -2.55
N GLY A 65 15.13 -3.08 -1.39
CA GLY A 65 15.57 -1.98 -0.55
C GLY A 65 14.42 -1.05 -0.17
N PRO A 66 14.74 0.23 0.04
CA PRO A 66 13.75 1.24 0.41
C PRO A 66 12.78 1.56 -0.73
N SER A 67 11.77 2.37 -0.44
CA SER A 67 10.78 2.75 -1.44
C SER A 67 11.17 4.05 -2.12
N ILE A 68 10.87 4.14 -3.42
CA ILE A 68 11.19 5.34 -4.19
C ILE A 68 10.30 6.51 -3.79
N MET A 69 10.75 7.73 -4.08
CA MET A 69 10.00 8.93 -3.75
C MET A 69 9.83 9.82 -4.97
N LYS A 70 8.65 10.41 -5.11
CA LYS A 70 8.36 11.29 -6.23
C LYS A 70 9.39 12.41 -6.33
N ASN A 71 9.35 13.16 -7.43
CA ASN A 71 10.28 14.26 -7.64
C ASN A 71 9.58 15.60 -7.43
N TRP A 72 8.59 15.62 -6.54
CA TRP A 72 7.85 16.84 -6.25
C TRP A 72 7.19 16.75 -4.88
N HIS A 73 7.51 17.71 -4.02
CA HIS A 73 6.94 17.74 -2.67
C HIS A 73 5.86 18.81 -2.56
N SER A 74 5.06 18.73 -1.51
CA SER A 74 3.98 19.69 -1.29
C SER A 74 3.56 19.71 0.18
N GLY A 75 3.73 20.86 0.81
CA GLY A 75 3.36 21.00 2.22
C GLY A 75 4.25 20.17 3.13
N PRO A 76 4.63 20.74 4.27
CA PRO A 76 5.48 20.07 5.25
C PRO A 76 4.76 18.93 5.97
N SER A 77 4.99 17.71 5.49
CA SER A 77 4.36 16.53 6.08
C SER A 77 5.40 15.65 6.78
N SER A 78 6.45 15.29 6.05
CA SER A 78 7.50 14.45 6.59
C SER A 78 8.82 14.71 5.88
N GLY A 79 9.90 14.82 6.66
CA GLY A 79 11.21 15.07 6.09
C GLY A 79 11.71 13.91 5.26
N GLY A 1 -28.55 -11.10 15.93
CA GLY A 1 -27.25 -11.75 15.96
C GLY A 1 -26.12 -10.75 16.04
N SER A 2 -24.94 -11.17 15.55
CA SER A 2 -23.76 -10.30 15.57
C SER A 2 -23.08 -10.29 14.21
N SER A 3 -22.82 -11.48 13.67
CA SER A 3 -22.18 -11.61 12.38
C SER A 3 -22.35 -13.02 11.81
N GLY A 4 -22.16 -13.15 10.50
CA GLY A 4 -22.31 -14.44 9.86
C GLY A 4 -22.93 -14.34 8.48
N SER A 5 -22.08 -14.41 7.46
CA SER A 5 -22.55 -14.31 6.08
C SER A 5 -21.59 -15.02 5.12
N SER A 6 -22.04 -15.25 3.91
CA SER A 6 -21.22 -15.93 2.89
C SER A 6 -21.84 -15.76 1.51
N GLY A 7 -21.06 -16.13 0.49
CA GLY A 7 -21.54 -16.02 -0.88
C GLY A 7 -20.48 -16.40 -1.90
N MET A 8 -20.03 -15.42 -2.68
CA MET A 8 -19.02 -15.67 -3.69
C MET A 8 -17.62 -15.49 -3.12
N ALA A 9 -16.61 -15.91 -3.88
CA ALA A 9 -15.23 -15.79 -3.44
C ALA A 9 -15.01 -14.52 -2.62
N LEU A 10 -14.38 -14.66 -1.46
CA LEU A 10 -14.12 -13.53 -0.58
C LEU A 10 -12.78 -12.89 -0.91
N VAL A 11 -12.80 -11.59 -1.22
CA VAL A 11 -11.59 -10.86 -1.55
C VAL A 11 -10.39 -11.40 -0.77
N PRO A 12 -9.28 -11.63 -1.47
CA PRO A 12 -8.05 -12.15 -0.85
C PRO A 12 -7.38 -11.12 0.04
N VAL A 13 -6.54 -11.60 0.95
CA VAL A 13 -5.83 -10.72 1.88
C VAL A 13 -4.49 -10.27 1.29
N TYR A 14 -4.16 -9.01 1.48
CA TYR A 14 -2.91 -8.46 0.96
C TYR A 14 -2.00 -8.01 2.10
N CYS A 15 -2.60 -7.36 3.10
CA CYS A 15 -1.85 -6.89 4.26
C CYS A 15 -1.25 -8.04 5.04
N LEU A 16 -0.46 -7.72 6.06
CA LEU A 16 0.18 -8.74 6.89
C LEU A 16 -0.78 -9.24 7.97
N CYS A 17 -1.84 -8.47 8.22
CA CYS A 17 -2.83 -8.83 9.23
C CYS A 17 -3.86 -9.80 8.65
N ARG A 18 -3.47 -10.49 7.58
CA ARG A 18 -4.36 -11.45 6.93
C ARG A 18 -5.75 -10.85 6.71
N GLN A 19 -5.78 -9.63 6.17
CA GLN A 19 -7.05 -8.95 5.92
C GLN A 19 -7.18 -8.60 4.44
N PRO A 20 -8.43 -8.62 3.94
CA PRO A 20 -8.71 -8.31 2.54
C PRO A 20 -8.50 -6.83 2.21
N TYR A 21 -9.14 -5.97 3.00
CA TYR A 21 -9.03 -4.53 2.79
C TYR A 21 -9.79 -3.76 3.87
N ASN A 22 -9.23 -2.64 4.30
CA ASN A 22 -9.85 -1.82 5.33
C ASN A 22 -10.74 -0.75 4.70
N VAL A 23 -11.88 -0.49 5.33
CA VAL A 23 -12.82 0.50 4.84
C VAL A 23 -12.53 1.88 5.43
N ASN A 24 -12.15 2.82 4.57
CA ASN A 24 -11.85 4.18 5.01
C ASN A 24 -10.50 4.22 5.74
N HIS A 25 -9.49 3.59 5.16
CA HIS A 25 -8.17 3.56 5.75
C HIS A 25 -7.08 3.58 4.67
N PHE A 26 -6.10 4.45 4.83
CA PHE A 26 -5.01 4.57 3.87
C PHE A 26 -4.53 3.20 3.43
N MET A 27 -4.17 3.08 2.15
CA MET A 27 -3.69 1.83 1.59
C MET A 27 -2.89 2.07 0.32
N ILE A 28 -1.68 1.52 0.28
CA ILE A 28 -0.82 1.69 -0.88
C ILE A 28 -0.69 0.37 -1.65
N GLU A 29 0.01 0.42 -2.78
CA GLU A 29 0.21 -0.76 -3.61
C GLU A 29 1.68 -0.92 -4.00
N CYS A 30 2.26 -2.06 -3.61
CA CYS A 30 3.65 -2.33 -3.92
C CYS A 30 3.88 -2.41 -5.42
N GLY A 31 4.86 -1.66 -5.91
CA GLY A 31 5.16 -1.66 -7.33
C GLY A 31 6.15 -2.75 -7.72
N LEU A 32 6.19 -3.81 -6.91
CA LEU A 32 7.10 -4.93 -7.18
C LEU A 32 6.33 -6.25 -7.25
N CYS A 33 5.43 -6.46 -6.31
CA CYS A 33 4.63 -7.67 -6.26
C CYS A 33 3.17 -7.37 -6.55
N GLN A 34 2.84 -6.08 -6.67
CA GLN A 34 1.48 -5.66 -6.94
C GLN A 34 0.55 -6.06 -5.80
N ASP A 35 0.96 -5.74 -4.57
CA ASP A 35 0.16 -6.05 -3.39
C ASP A 35 -0.27 -4.79 -2.66
N TRP A 36 -1.30 -4.91 -1.83
CA TRP A 36 -1.81 -3.77 -1.07
C TRP A 36 -1.57 -3.96 0.41
N PHE A 37 -1.34 -2.86 1.12
CA PHE A 37 -1.09 -2.91 2.55
C PHE A 37 -1.54 -1.61 3.22
N HIS A 38 -1.75 -1.68 4.54
CA HIS A 38 -2.18 -0.51 5.30
C HIS A 38 -0.99 0.36 5.69
N GLY A 39 -1.28 1.60 6.07
CA GLY A 39 -0.22 2.51 6.46
C GLY A 39 0.29 2.25 7.86
N SER A 40 -0.55 1.64 8.70
CA SER A 40 -0.19 1.34 10.07
C SER A 40 0.54 0.00 10.16
N CYS A 41 0.15 -0.92 9.28
CA CYS A 41 0.76 -2.24 9.26
C CYS A 41 2.17 -2.18 8.67
N VAL A 42 2.36 -1.33 7.67
CA VAL A 42 3.65 -1.18 7.02
C VAL A 42 4.40 0.02 7.59
N GLY A 43 3.69 1.11 7.81
CA GLY A 43 4.31 2.31 8.35
C GLY A 43 4.40 3.43 7.32
N ILE A 44 3.34 3.58 6.52
CA ILE A 44 3.30 4.62 5.50
C ILE A 44 2.06 5.48 5.63
N GLU A 45 2.25 6.79 5.70
CA GLU A 45 1.14 7.73 5.83
C GLU A 45 0.68 8.22 4.46
N GLU A 46 -0.56 8.70 4.40
CA GLU A 46 -1.12 9.20 3.15
C GLU A 46 -0.35 10.41 2.65
N GLU A 47 0.09 11.25 3.58
CA GLU A 47 0.84 12.46 3.23
C GLU A 47 2.12 12.10 2.46
N ASN A 48 2.70 10.94 2.79
CA ASN A 48 3.91 10.48 2.14
C ASN A 48 3.59 9.74 0.85
N ALA A 49 2.52 8.95 0.88
CA ALA A 49 2.10 8.17 -0.29
C ALA A 49 2.11 9.04 -1.54
N VAL A 50 1.38 10.16 -1.49
CA VAL A 50 1.31 11.07 -2.63
C VAL A 50 2.70 11.36 -3.19
N ASP A 51 3.72 11.18 -2.36
CA ASP A 51 5.09 11.43 -2.78
C ASP A 51 5.78 10.12 -3.17
N ILE A 52 5.34 9.02 -2.57
CA ILE A 52 5.91 7.71 -2.85
C ILE A 52 5.60 7.27 -4.28
N ASP A 53 6.55 7.49 -5.18
CA ASP A 53 6.37 7.11 -6.58
C ASP A 53 6.16 5.60 -6.72
N ILE A 54 6.91 4.84 -5.93
CA ILE A 54 6.82 3.38 -5.97
C ILE A 54 7.00 2.79 -4.58
N TYR A 55 5.90 2.35 -3.98
CA TYR A 55 5.93 1.75 -2.65
C TYR A 55 6.52 0.35 -2.70
N HIS A 56 7.40 0.05 -1.75
CA HIS A 56 8.04 -1.27 -1.68
C HIS A 56 7.69 -1.96 -0.37
N CYS A 57 6.85 -2.98 -0.45
CA CYS A 57 6.44 -3.73 0.73
C CYS A 57 7.65 -4.21 1.52
N PRO A 58 7.46 -4.47 2.81
CA PRO A 58 8.53 -4.94 3.71
C PRO A 58 8.97 -6.37 3.39
N ASP A 59 8.44 -6.91 2.29
CA ASP A 59 8.78 -8.26 1.88
C ASP A 59 9.70 -8.24 0.66
N CYS A 60 9.59 -7.20 -0.15
CA CYS A 60 10.41 -7.06 -1.34
C CYS A 60 11.66 -6.23 -1.05
N GLU A 61 11.51 -5.25 -0.16
CA GLU A 61 12.63 -4.38 0.21
C GLU A 61 13.81 -5.20 0.71
N ALA A 62 13.54 -6.43 1.12
CA ALA A 62 14.59 -7.31 1.62
C ALA A 62 15.44 -7.85 0.48
N VAL A 63 15.06 -7.51 -0.75
CA VAL A 63 15.80 -7.96 -1.93
C VAL A 63 16.00 -6.81 -2.91
N PHE A 64 14.93 -6.08 -3.21
CA PHE A 64 15.00 -4.96 -4.14
C PHE A 64 15.65 -3.75 -3.48
N GLY A 65 15.19 -3.41 -2.29
CA GLY A 65 15.73 -2.27 -1.56
C GLY A 65 14.66 -1.33 -1.06
N PRO A 66 15.02 -0.05 -0.88
CA PRO A 66 14.09 0.97 -0.38
C PRO A 66 13.01 1.31 -1.41
N SER A 67 12.05 2.12 -1.00
CA SER A 67 10.95 2.52 -1.87
C SER A 67 11.30 3.80 -2.63
N ILE A 68 10.94 3.84 -3.90
CA ILE A 68 11.21 5.00 -4.74
C ILE A 68 10.37 6.19 -4.30
N MET A 69 10.83 7.39 -4.68
CA MET A 69 10.13 8.62 -4.33
C MET A 69 10.03 9.55 -5.53
N LYS A 70 8.86 10.14 -5.73
CA LYS A 70 8.63 11.05 -6.85
C LYS A 70 9.62 12.21 -6.80
N ASN A 71 10.02 12.67 -7.98
CA ASN A 71 10.97 13.79 -8.08
C ASN A 71 10.25 15.09 -8.41
N TRP A 72 9.15 15.35 -7.69
CA TRP A 72 8.38 16.56 -7.91
C TRP A 72 9.29 17.75 -8.22
N HIS A 73 8.73 18.76 -8.89
CA HIS A 73 9.49 19.94 -9.25
C HIS A 73 10.13 20.58 -8.02
N SER A 74 11.42 20.87 -8.10
CA SER A 74 12.13 21.48 -7.00
C SER A 74 11.36 22.66 -6.42
N GLY A 75 10.73 22.44 -5.27
CA GLY A 75 9.95 23.49 -4.64
C GLY A 75 10.62 24.03 -3.40
N PRO A 76 9.82 24.59 -2.47
CA PRO A 76 10.31 25.16 -1.22
C PRO A 76 10.83 24.09 -0.26
N SER A 77 11.82 24.46 0.54
CA SER A 77 12.40 23.53 1.51
C SER A 77 11.68 23.60 2.85
N SER A 78 10.35 23.62 2.79
CA SER A 78 9.53 23.70 4.00
C SER A 78 8.81 22.38 4.24
N GLY A 79 8.26 21.80 3.18
CA GLY A 79 7.55 20.54 3.30
C GLY A 79 8.45 19.39 3.72
N GLY A 1 -29.31 1.52 -22.25
CA GLY A 1 -29.55 0.48 -21.27
C GLY A 1 -28.52 -0.64 -21.37
N SER A 2 -28.47 -1.48 -20.34
CA SER A 2 -27.53 -2.60 -20.31
C SER A 2 -27.79 -3.49 -19.10
N SER A 3 -27.26 -4.72 -19.16
CA SER A 3 -27.44 -5.67 -18.07
C SER A 3 -26.16 -6.47 -17.84
N GLY A 4 -25.88 -6.79 -16.58
CA GLY A 4 -24.69 -7.55 -16.25
C GLY A 4 -24.89 -8.43 -15.04
N SER A 5 -23.95 -9.36 -14.82
CA SER A 5 -24.02 -10.28 -13.70
C SER A 5 -22.94 -9.97 -12.67
N SER A 6 -23.26 -10.17 -11.39
CA SER A 6 -22.31 -9.91 -10.32
C SER A 6 -22.14 -11.15 -9.45
N GLY A 7 -21.23 -12.03 -9.85
CA GLY A 7 -20.99 -13.25 -9.09
C GLY A 7 -20.63 -12.96 -7.64
N MET A 8 -20.25 -14.00 -6.92
CA MET A 8 -19.89 -13.86 -5.50
C MET A 8 -18.44 -14.29 -5.27
N ALA A 9 -17.51 -13.40 -5.58
CA ALA A 9 -16.09 -13.68 -5.41
C ALA A 9 -15.57 -13.08 -4.10
N LEU A 10 -14.80 -13.87 -3.36
CA LEU A 10 -14.24 -13.43 -2.09
C LEU A 10 -12.89 -12.76 -2.30
N VAL A 11 -12.90 -11.43 -2.35
CA VAL A 11 -11.66 -10.67 -2.55
C VAL A 11 -10.54 -11.21 -1.67
N PRO A 12 -9.42 -11.57 -2.31
CA PRO A 12 -8.25 -12.11 -1.60
C PRO A 12 -7.54 -11.05 -0.77
N VAL A 13 -6.72 -11.50 0.18
CA VAL A 13 -5.98 -10.60 1.05
C VAL A 13 -4.63 -10.24 0.45
N TYR A 14 -4.17 -9.02 0.73
CA TYR A 14 -2.88 -8.56 0.21
C TYR A 14 -1.97 -8.11 1.35
N CYS A 15 -2.56 -7.58 2.41
CA CYS A 15 -1.81 -7.12 3.57
C CYS A 15 -1.32 -8.30 4.40
N LEU A 16 -0.55 -8.00 5.44
CA LEU A 16 -0.02 -9.03 6.32
C LEU A 16 -1.05 -9.45 7.37
N CYS A 17 -1.93 -8.51 7.72
CA CYS A 17 -2.98 -8.79 8.70
C CYS A 17 -4.00 -9.79 8.15
N ARG A 18 -3.84 -10.16 6.89
CA ARG A 18 -4.73 -11.12 6.25
C ARG A 18 -6.08 -10.46 5.95
N GLN A 19 -6.04 -9.24 5.41
CA GLN A 19 -7.26 -8.51 5.07
C GLN A 19 -7.31 -8.21 3.58
N PRO A 20 -8.53 -8.22 3.03
CA PRO A 20 -8.75 -7.94 1.60
C PRO A 20 -8.48 -6.48 1.25
N TYR A 21 -9.16 -5.57 1.94
CA TYR A 21 -8.99 -4.14 1.70
C TYR A 21 -9.82 -3.32 2.69
N ASN A 22 -9.56 -2.02 2.72
CA ASN A 22 -10.28 -1.13 3.62
C ASN A 22 -10.29 0.30 3.09
N VAL A 23 -11.43 0.74 2.57
CA VAL A 23 -11.57 2.08 2.03
C VAL A 23 -11.44 3.14 3.13
N ASN A 24 -11.85 2.76 4.35
CA ASN A 24 -11.79 3.67 5.48
C ASN A 24 -10.35 3.91 5.91
N HIS A 25 -9.53 2.85 5.85
CA HIS A 25 -8.13 2.93 6.23
C HIS A 25 -7.24 3.07 5.01
N PHE A 26 -6.32 4.02 5.05
CA PHE A 26 -5.39 4.25 3.94
C PHE A 26 -4.75 2.94 3.49
N MET A 27 -4.31 2.92 2.24
CA MET A 27 -3.67 1.73 1.69
C MET A 27 -2.86 2.08 0.44
N ILE A 28 -1.73 1.40 0.26
CA ILE A 28 -0.86 1.64 -0.88
C ILE A 28 -0.69 0.37 -1.71
N GLU A 29 0.08 0.48 -2.79
CA GLU A 29 0.34 -0.66 -3.66
C GLU A 29 1.83 -0.81 -3.95
N CYS A 30 2.34 -2.02 -3.75
CA CYS A 30 3.76 -2.31 -3.98
C CYS A 30 4.05 -2.39 -5.47
N GLY A 31 5.10 -1.68 -5.90
CA GLY A 31 5.47 -1.69 -7.31
C GLY A 31 6.42 -2.82 -7.65
N LEU A 32 6.35 -3.90 -6.87
CA LEU A 32 7.20 -5.07 -7.10
C LEU A 32 6.36 -6.34 -7.21
N CYS A 33 5.47 -6.54 -6.26
CA CYS A 33 4.62 -7.72 -6.24
C CYS A 33 3.15 -7.33 -6.47
N GLN A 34 2.90 -6.03 -6.52
CA GLN A 34 1.54 -5.53 -6.72
C GLN A 34 0.63 -5.94 -5.58
N ASP A 35 1.13 -5.80 -4.35
CA ASP A 35 0.35 -6.16 -3.17
C ASP A 35 -0.04 -4.92 -2.37
N TRP A 36 -1.28 -4.87 -1.92
CA TRP A 36 -1.78 -3.73 -1.15
C TRP A 36 -1.55 -3.96 0.34
N PHE A 37 -1.21 -2.89 1.06
CA PHE A 37 -0.97 -2.98 2.49
C PHE A 37 -1.51 -1.74 3.21
N HIS A 38 -1.53 -1.79 4.54
CA HIS A 38 -2.02 -0.67 5.34
C HIS A 38 -0.87 0.23 5.78
N GLY A 39 -1.18 1.50 6.02
CA GLY A 39 -0.16 2.43 6.45
C GLY A 39 0.34 2.16 7.85
N SER A 40 -0.50 1.51 8.66
CA SER A 40 -0.15 1.20 10.04
C SER A 40 0.64 -0.10 10.11
N CYS A 41 0.35 -1.01 9.17
CA CYS A 41 1.04 -2.30 9.13
C CYS A 41 2.41 -2.17 8.48
N VAL A 42 2.54 -1.19 7.58
CA VAL A 42 3.80 -0.97 6.89
C VAL A 42 4.53 0.26 7.45
N GLY A 43 3.75 1.29 7.81
CA GLY A 43 4.34 2.49 8.36
C GLY A 43 4.34 3.63 7.36
N ILE A 44 3.29 3.73 6.57
CA ILE A 44 3.17 4.79 5.57
C ILE A 44 1.91 5.62 5.78
N GLU A 45 2.04 6.92 5.60
CA GLU A 45 0.90 7.83 5.78
C GLU A 45 0.35 8.27 4.43
N GLU A 46 -0.95 8.53 4.37
CA GLU A 46 -1.60 8.97 3.15
C GLU A 46 -0.93 10.22 2.60
N GLU A 47 -0.62 11.16 3.48
CA GLU A 47 0.02 12.41 3.07
C GLU A 47 1.41 12.15 2.50
N ASN A 48 1.97 10.99 2.84
CA ASN A 48 3.29 10.62 2.37
C ASN A 48 3.20 9.75 1.12
N ALA A 49 2.08 9.05 0.97
CA ALA A 49 1.87 8.19 -0.19
C ALA A 49 1.90 8.99 -1.48
N VAL A 50 1.28 10.17 -1.46
CA VAL A 50 1.24 11.03 -2.64
C VAL A 50 2.65 11.40 -3.11
N ASP A 51 3.63 11.13 -2.25
CA ASP A 51 5.03 11.42 -2.59
C ASP A 51 5.79 10.14 -2.91
N ILE A 52 5.15 9.00 -2.69
CA ILE A 52 5.77 7.71 -2.96
C ILE A 52 5.43 7.23 -4.38
N ASP A 53 6.37 7.41 -5.29
CA ASP A 53 6.18 7.00 -6.68
C ASP A 53 6.00 5.49 -6.78
N ILE A 54 6.88 4.75 -6.13
CA ILE A 54 6.81 3.29 -6.13
C ILE A 54 7.00 2.72 -4.73
N TYR A 55 5.90 2.39 -4.07
CA TYR A 55 5.94 1.84 -2.73
C TYR A 55 6.51 0.42 -2.74
N HIS A 56 7.34 0.12 -1.75
CA HIS A 56 7.95 -1.20 -1.64
C HIS A 56 7.53 -1.90 -0.35
N CYS A 57 6.71 -2.93 -0.48
CA CYS A 57 6.22 -3.68 0.67
C CYS A 57 7.39 -4.14 1.54
N PRO A 58 7.10 -4.39 2.83
CA PRO A 58 8.11 -4.84 3.79
C PRO A 58 8.57 -6.27 3.52
N ASP A 59 8.15 -6.81 2.38
CA ASP A 59 8.52 -8.18 2.01
C ASP A 59 9.51 -8.16 0.86
N CYS A 60 9.45 -7.13 0.03
CA CYS A 60 10.35 -7.00 -1.11
C CYS A 60 11.56 -6.16 -0.75
N GLU A 61 11.36 -5.17 0.12
CA GLU A 61 12.45 -4.29 0.53
C GLU A 61 13.62 -5.10 1.08
N ALA A 62 13.32 -6.31 1.56
CA ALA A 62 14.35 -7.18 2.11
C ALA A 62 15.26 -7.73 1.01
N VAL A 63 14.94 -7.39 -0.24
CA VAL A 63 15.73 -7.84 -1.37
C VAL A 63 15.99 -6.70 -2.35
N PHE A 64 14.93 -6.01 -2.74
CA PHE A 64 15.04 -4.89 -3.67
C PHE A 64 15.64 -3.67 -2.97
N GLY A 65 15.12 -3.35 -1.80
CA GLY A 65 15.61 -2.20 -1.06
C GLY A 65 14.51 -1.24 -0.68
N PRO A 66 14.85 0.05 -0.56
CA PRO A 66 13.89 1.10 -0.20
C PRO A 66 12.88 1.37 -1.32
N SER A 67 11.85 2.15 -1.00
CA SER A 67 10.82 2.48 -1.97
C SER A 67 11.16 3.75 -2.72
N ILE A 68 10.80 3.80 -3.99
CA ILE A 68 11.06 4.96 -4.83
C ILE A 68 10.09 6.09 -4.53
N MET A 69 10.55 7.33 -4.66
CA MET A 69 9.71 8.50 -4.40
C MET A 69 9.48 9.29 -5.69
N LYS A 70 8.39 10.05 -5.72
CA LYS A 70 8.05 10.86 -6.89
C LYS A 70 9.04 12.00 -7.06
N ASN A 71 8.80 12.84 -8.06
CA ASN A 71 9.67 13.97 -8.33
C ASN A 71 8.85 15.26 -8.53
N TRP A 72 7.84 15.44 -7.69
CA TRP A 72 6.99 16.61 -7.77
C TRP A 72 6.28 16.87 -6.44
N HIS A 73 6.21 18.13 -6.05
CA HIS A 73 5.56 18.51 -4.79
C HIS A 73 4.50 19.59 -5.04
N SER A 74 3.28 19.32 -4.61
CA SER A 74 2.18 20.27 -4.78
C SER A 74 2.32 21.43 -3.81
N GLY A 75 2.08 21.16 -2.53
CA GLY A 75 2.17 22.19 -1.52
C GLY A 75 0.98 22.19 -0.57
N PRO A 76 0.94 21.18 0.32
CA PRO A 76 -0.14 21.04 1.30
C PRO A 76 -0.09 22.12 2.38
N SER A 77 -1.25 22.52 2.86
CA SER A 77 -1.33 23.54 3.90
C SER A 77 -0.53 23.13 5.13
N SER A 78 0.71 23.61 5.19
CA SER A 78 1.58 23.29 6.32
C SER A 78 1.88 24.54 7.15
N GLY A 79 2.43 24.34 8.34
CA GLY A 79 2.74 25.46 9.21
C GLY A 79 2.53 25.13 10.68
N GLY A 1 -30.25 -20.55 -25.11
CA GLY A 1 -29.38 -20.78 -23.97
C GLY A 1 -29.46 -19.67 -22.95
N SER A 2 -29.23 -20.00 -21.69
CA SER A 2 -29.29 -19.02 -20.61
C SER A 2 -28.61 -19.56 -19.35
N SER A 3 -27.97 -18.66 -18.61
CA SER A 3 -27.27 -19.05 -17.38
C SER A 3 -26.97 -17.83 -16.52
N GLY A 4 -26.62 -18.07 -15.26
CA GLY A 4 -26.31 -16.98 -14.36
C GLY A 4 -25.84 -17.46 -13.00
N SER A 5 -24.58 -17.21 -12.68
CA SER A 5 -24.01 -17.63 -11.40
C SER A 5 -24.31 -16.60 -10.31
N SER A 6 -24.04 -16.98 -9.07
CA SER A 6 -24.27 -16.09 -7.93
C SER A 6 -23.20 -15.00 -7.87
N GLY A 7 -23.63 -13.79 -7.50
CA GLY A 7 -22.70 -12.67 -7.41
C GLY A 7 -21.89 -12.71 -6.12
N MET A 8 -22.54 -13.11 -5.03
CA MET A 8 -21.87 -13.18 -3.74
C MET A 8 -20.41 -13.59 -3.90
N ALA A 9 -19.51 -12.64 -3.68
CA ALA A 9 -18.07 -12.90 -3.79
C ALA A 9 -17.31 -12.33 -2.61
N LEU A 10 -16.31 -13.08 -2.15
CA LEU A 10 -15.50 -12.64 -1.00
C LEU A 10 -14.15 -12.13 -1.47
N VAL A 11 -13.98 -10.81 -1.45
CA VAL A 11 -12.72 -10.20 -1.86
C VAL A 11 -11.54 -10.79 -1.11
N PRO A 12 -10.48 -11.13 -1.86
CA PRO A 12 -9.26 -11.71 -1.28
C PRO A 12 -8.48 -10.70 -0.44
N VAL A 13 -7.52 -11.20 0.33
CA VAL A 13 -6.70 -10.35 1.18
C VAL A 13 -5.36 -10.04 0.52
N TYR A 14 -4.74 -8.95 0.96
CA TYR A 14 -3.45 -8.55 0.41
C TYR A 14 -2.48 -8.17 1.52
N CYS A 15 -2.97 -7.44 2.52
CA CYS A 15 -2.15 -7.02 3.64
C CYS A 15 -1.65 -8.23 4.44
N LEU A 16 -0.74 -7.98 5.37
CA LEU A 16 -0.18 -9.04 6.19
C LEU A 16 -1.17 -9.48 7.27
N CYS A 17 -2.04 -8.56 7.67
CA CYS A 17 -3.05 -8.85 8.69
C CYS A 17 -4.11 -9.80 8.15
N ARG A 18 -4.00 -10.15 6.88
CA ARG A 18 -4.94 -11.07 6.24
C ARG A 18 -6.30 -10.39 6.06
N GLN A 19 -6.28 -9.15 5.62
CA GLN A 19 -7.51 -8.39 5.39
C GLN A 19 -7.62 -7.95 3.94
N PRO A 20 -8.87 -7.84 3.46
CA PRO A 20 -9.15 -7.43 2.07
C PRO A 20 -8.82 -5.96 1.83
N TYR A 21 -9.38 -5.09 2.66
CA TYR A 21 -9.15 -3.66 2.53
C TYR A 21 -9.85 -2.90 3.66
N ASN A 22 -9.31 -1.72 3.99
CA ASN A 22 -9.88 -0.89 5.05
C ASN A 22 -9.88 0.58 4.64
N VAL A 23 -11.07 1.10 4.34
CA VAL A 23 -11.21 2.49 3.93
C VAL A 23 -10.72 3.43 5.03
N ASN A 24 -10.86 2.99 6.28
CA ASN A 24 -10.45 3.79 7.43
C ASN A 24 -8.93 3.95 7.45
N HIS A 25 -8.22 2.82 7.35
CA HIS A 25 -6.76 2.83 7.36
C HIS A 25 -6.22 2.87 5.93
N PHE A 26 -5.65 4.01 5.55
CA PHE A 26 -5.08 4.17 4.21
C PHE A 26 -4.34 2.90 3.78
N MET A 27 -4.20 2.74 2.47
CA MET A 27 -3.50 1.57 1.93
C MET A 27 -2.66 1.96 0.72
N ILE A 28 -1.52 1.28 0.57
CA ILE A 28 -0.62 1.56 -0.54
C ILE A 28 -0.54 0.36 -1.49
N GLU A 29 0.23 0.52 -2.57
CA GLU A 29 0.39 -0.55 -3.56
C GLU A 29 1.86 -0.78 -3.86
N CYS A 30 2.33 -2.00 -3.63
CA CYS A 30 3.72 -2.35 -3.89
C CYS A 30 3.99 -2.44 -5.39
N GLY A 31 5.01 -1.70 -5.85
CA GLY A 31 5.35 -1.71 -7.25
C GLY A 31 6.19 -2.92 -7.64
N LEU A 32 6.08 -3.99 -6.87
CA LEU A 32 6.83 -5.20 -7.13
C LEU A 32 5.91 -6.43 -7.10
N CYS A 33 4.94 -6.41 -6.19
CA CYS A 33 3.99 -7.52 -6.05
C CYS A 33 2.60 -7.08 -6.47
N GLN A 34 2.41 -5.78 -6.64
CA GLN A 34 1.11 -5.24 -7.04
C GLN A 34 0.05 -5.54 -5.99
N ASP A 35 0.48 -5.67 -4.74
CA ASP A 35 -0.44 -5.97 -3.64
C ASP A 35 -0.85 -4.68 -2.91
N TRP A 36 -1.58 -4.84 -1.82
CA TRP A 36 -2.04 -3.70 -1.05
C TRP A 36 -1.83 -3.93 0.44
N PHE A 37 -1.41 -2.89 1.14
CA PHE A 37 -1.15 -2.98 2.59
C PHE A 37 -1.55 -1.68 3.28
N HIS A 38 -1.81 -1.78 4.58
CA HIS A 38 -2.20 -0.61 5.38
C HIS A 38 -0.97 0.19 5.80
N GLY A 39 -1.05 1.51 5.65
CA GLY A 39 0.07 2.36 6.02
C GLY A 39 0.51 2.14 7.45
N SER A 40 -0.40 1.64 8.29
CA SER A 40 -0.09 1.38 9.69
C SER A 40 0.61 0.04 9.86
N CYS A 41 0.23 -0.92 9.04
CA CYS A 41 0.81 -2.26 9.11
C CYS A 41 2.21 -2.27 8.49
N VAL A 42 2.44 -1.35 7.55
CA VAL A 42 3.74 -1.25 6.89
C VAL A 42 4.55 -0.08 7.46
N GLY A 43 3.87 1.02 7.74
CA GLY A 43 4.56 2.19 8.28
C GLY A 43 4.65 3.32 7.27
N ILE A 44 3.62 3.47 6.46
CA ILE A 44 3.58 4.52 5.45
C ILE A 44 2.37 5.43 5.64
N GLU A 45 2.63 6.70 5.90
CA GLU A 45 1.56 7.67 6.10
C GLU A 45 0.96 8.10 4.76
N GLU A 46 -0.37 8.19 4.73
CA GLU A 46 -1.08 8.59 3.52
C GLU A 46 -0.53 9.92 2.98
N GLU A 47 -0.19 10.82 3.89
CA GLU A 47 0.33 12.12 3.51
C GLU A 47 1.68 11.99 2.80
N ASN A 48 2.38 10.89 3.10
CA ASN A 48 3.68 10.64 2.50
C ASN A 48 3.55 9.81 1.22
N ALA A 49 2.49 9.00 1.16
CA ALA A 49 2.23 8.17 0.00
C ALA A 49 2.27 8.99 -1.29
N VAL A 50 1.65 10.16 -1.25
CA VAL A 50 1.61 11.03 -2.42
C VAL A 50 3.02 11.33 -2.93
N ASP A 51 4.02 11.00 -2.12
CA ASP A 51 5.41 11.23 -2.49
C ASP A 51 6.08 9.93 -2.93
N ILE A 52 5.47 8.81 -2.57
CA ILE A 52 5.99 7.50 -2.93
C ILE A 52 5.52 7.08 -4.31
N ASP A 53 6.37 7.27 -5.32
CA ASP A 53 6.04 6.91 -6.69
C ASP A 53 5.85 5.41 -6.81
N ILE A 54 6.74 4.64 -6.20
CA ILE A 54 6.67 3.19 -6.23
C ILE A 54 6.89 2.58 -4.86
N TYR A 55 5.81 2.40 -4.11
CA TYR A 55 5.89 1.84 -2.77
C TYR A 55 6.43 0.41 -2.82
N HIS A 56 7.24 0.06 -1.81
CA HIS A 56 7.82 -1.27 -1.73
C HIS A 56 7.40 -1.98 -0.45
N CYS A 57 6.63 -3.05 -0.60
CA CYS A 57 6.15 -3.81 0.55
C CYS A 57 7.30 -4.19 1.47
N PRO A 58 6.99 -4.46 2.74
CA PRO A 58 7.98 -4.83 3.75
C PRO A 58 8.57 -6.22 3.50
N ASP A 59 8.23 -6.80 2.35
CA ASP A 59 8.72 -8.11 2.00
C ASP A 59 9.73 -8.04 0.85
N CYS A 60 9.62 -6.98 0.06
CA CYS A 60 10.52 -6.78 -1.07
C CYS A 60 11.70 -5.88 -0.68
N GLU A 61 11.46 -4.97 0.26
CA GLU A 61 12.50 -4.06 0.72
C GLU A 61 13.69 -4.83 1.28
N ALA A 62 13.46 -6.09 1.62
CA ALA A 62 14.52 -6.94 2.17
C ALA A 62 15.46 -7.42 1.07
N VAL A 63 15.12 -7.11 -0.18
CA VAL A 63 15.93 -7.50 -1.32
C VAL A 63 16.14 -6.34 -2.27
N PHE A 64 15.04 -5.70 -2.67
CA PHE A 64 15.11 -4.57 -3.59
C PHE A 64 15.63 -3.32 -2.88
N GLY A 65 15.04 -3.01 -1.73
CA GLY A 65 15.45 -1.84 -0.97
C GLY A 65 14.30 -0.93 -0.62
N PRO A 66 14.59 0.37 -0.49
CA PRO A 66 13.57 1.37 -0.15
C PRO A 66 12.58 1.60 -1.30
N SER A 67 11.54 2.38 -1.02
CA SER A 67 10.51 2.67 -2.02
C SER A 67 10.89 3.90 -2.83
N ILE A 68 10.63 3.85 -4.13
CA ILE A 68 10.94 4.96 -5.03
C ILE A 68 10.10 6.18 -4.69
N MET A 69 10.61 7.36 -5.04
CA MET A 69 9.90 8.61 -4.78
C MET A 69 9.53 9.31 -6.08
N LYS A 70 8.41 10.01 -6.06
CA LYS A 70 7.93 10.72 -7.25
C LYS A 70 8.86 11.89 -7.59
N ASN A 71 8.73 12.40 -8.81
CA ASN A 71 9.56 13.52 -9.25
C ASN A 71 8.70 14.73 -9.57
N TRP A 72 7.86 15.13 -8.62
CA TRP A 72 6.98 16.27 -8.81
C TRP A 72 6.41 16.75 -7.48
N HIS A 73 6.40 18.06 -7.28
CA HIS A 73 5.88 18.65 -6.04
C HIS A 73 4.87 19.75 -6.34
N SER A 74 3.59 19.42 -6.21
CA SER A 74 2.53 20.38 -6.46
C SER A 74 2.19 21.17 -5.21
N GLY A 75 2.18 20.48 -4.07
CA GLY A 75 1.87 21.14 -2.80
C GLY A 75 3.12 21.63 -2.09
N PRO A 76 3.81 20.71 -1.41
CA PRO A 76 5.03 21.04 -0.67
C PRO A 76 6.19 21.38 -1.58
N SER A 77 6.61 22.64 -1.58
CA SER A 77 7.71 23.10 -2.42
C SER A 77 8.97 23.33 -1.58
N SER A 78 8.80 23.95 -0.43
CA SER A 78 9.92 24.22 0.47
C SER A 78 9.87 23.34 1.70
N GLY A 79 11.01 22.76 2.05
CA GLY A 79 11.07 21.88 3.22
C GLY A 79 12.30 21.00 3.21
N GLY A 1 -11.65 -26.41 12.83
CA GLY A 1 -12.54 -27.00 11.85
C GLY A 1 -12.77 -26.08 10.66
N SER A 2 -13.39 -26.62 9.61
CA SER A 2 -13.66 -25.84 8.41
C SER A 2 -15.05 -26.15 7.88
N SER A 3 -15.75 -25.12 7.41
CA SER A 3 -17.10 -25.28 6.88
C SER A 3 -17.04 -25.67 5.40
N GLY A 4 -16.47 -24.79 4.58
CA GLY A 4 -16.37 -25.06 3.16
C GLY A 4 -17.19 -24.10 2.33
N SER A 5 -16.54 -23.10 1.75
CA SER A 5 -17.22 -22.11 0.93
C SER A 5 -16.65 -22.10 -0.49
N SER A 6 -17.41 -21.51 -1.42
CA SER A 6 -16.99 -21.44 -2.80
C SER A 6 -17.59 -20.21 -3.49
N GLY A 7 -16.73 -19.38 -4.09
CA GLY A 7 -17.19 -18.19 -4.76
C GLY A 7 -16.05 -17.40 -5.37
N MET A 8 -16.40 -16.46 -6.26
CA MET A 8 -15.40 -15.63 -6.92
C MET A 8 -15.55 -14.17 -6.51
N ALA A 9 -16.51 -13.91 -5.63
CA ALA A 9 -16.75 -12.55 -5.16
C ALA A 9 -15.96 -12.25 -3.90
N LEU A 10 -15.19 -13.24 -3.45
CA LEU A 10 -14.37 -13.09 -2.25
C LEU A 10 -13.01 -12.49 -2.59
N VAL A 11 -12.90 -11.16 -2.48
CA VAL A 11 -11.66 -10.47 -2.77
C VAL A 11 -10.51 -11.01 -1.92
N PRO A 12 -9.38 -11.29 -2.57
CA PRO A 12 -8.18 -11.81 -1.91
C PRO A 12 -7.53 -10.78 -0.99
N VAL A 13 -6.73 -11.26 -0.04
CA VAL A 13 -6.05 -10.38 0.90
C VAL A 13 -4.67 -9.98 0.37
N TYR A 14 -4.19 -8.83 0.82
CA TYR A 14 -2.89 -8.33 0.39
C TYR A 14 -2.02 -7.96 1.59
N CYS A 15 -2.62 -7.26 2.55
CA CYS A 15 -1.91 -6.84 3.74
C CYS A 15 -1.40 -8.05 4.54
N LEU A 16 -0.65 -7.78 5.59
CA LEU A 16 -0.10 -8.85 6.43
C LEU A 16 -1.11 -9.30 7.47
N CYS A 17 -2.15 -8.49 7.67
CA CYS A 17 -3.21 -8.81 8.63
C CYS A 17 -4.25 -9.73 8.02
N ARG A 18 -3.97 -10.21 6.81
CA ARG A 18 -4.89 -11.10 6.12
C ARG A 18 -6.22 -10.41 5.83
N GLN A 19 -6.14 -9.18 5.34
CA GLN A 19 -7.33 -8.40 5.02
C GLN A 19 -7.37 -8.04 3.55
N PRO A 20 -8.59 -8.03 2.98
CA PRO A 20 -8.80 -7.70 1.56
C PRO A 20 -8.53 -6.24 1.26
N TYR A 21 -9.24 -5.35 1.94
CA TYR A 21 -9.08 -3.92 1.74
C TYR A 21 -9.97 -3.13 2.69
N ASN A 22 -9.48 -1.99 3.15
CA ASN A 22 -10.24 -1.14 4.06
C ASN A 22 -10.53 0.21 3.42
N VAL A 23 -11.81 0.46 3.13
CA VAL A 23 -12.23 1.71 2.52
C VAL A 23 -12.40 2.81 3.57
N ASN A 24 -12.00 2.51 4.80
CA ASN A 24 -12.11 3.46 5.90
C ASN A 24 -10.73 4.00 6.28
N HIS A 25 -9.69 3.23 5.96
CA HIS A 25 -8.33 3.64 6.27
C HIS A 25 -7.51 3.81 4.99
N PHE A 26 -6.26 4.25 5.14
CA PHE A 26 -5.38 4.47 4.00
C PHE A 26 -4.69 3.17 3.59
N MET A 27 -4.38 3.04 2.31
CA MET A 27 -3.72 1.85 1.79
C MET A 27 -2.88 2.18 0.56
N ILE A 28 -1.84 1.40 0.33
CA ILE A 28 -0.97 1.60 -0.82
C ILE A 28 -0.85 0.34 -1.67
N GLU A 29 0.00 0.39 -2.69
CA GLU A 29 0.20 -0.75 -3.57
C GLU A 29 1.68 -0.91 -3.92
N CYS A 30 2.22 -2.09 -3.62
CA CYS A 30 3.63 -2.37 -3.91
C CYS A 30 3.87 -2.47 -5.41
N GLY A 31 4.83 -1.69 -5.89
CA GLY A 31 5.15 -1.70 -7.31
C GLY A 31 6.11 -2.80 -7.68
N LEU A 32 6.14 -3.85 -6.86
CA LEU A 32 7.04 -4.99 -7.11
C LEU A 32 6.25 -6.28 -7.22
N CYS A 33 5.34 -6.50 -6.27
CA CYS A 33 4.53 -7.71 -6.26
C CYS A 33 3.05 -7.36 -6.46
N GLN A 34 2.75 -6.06 -6.54
CA GLN A 34 1.39 -5.60 -6.73
C GLN A 34 0.51 -6.02 -5.55
N ASP A 35 1.04 -5.85 -4.34
CA ASP A 35 0.30 -6.19 -3.13
C ASP A 35 -0.01 -4.94 -2.30
N TRP A 36 -1.28 -4.78 -1.93
CA TRP A 36 -1.69 -3.63 -1.15
C TRP A 36 -1.47 -3.89 0.35
N PHE A 37 -1.34 -2.80 1.11
CA PHE A 37 -1.12 -2.91 2.55
C PHE A 37 -1.64 -1.67 3.26
N HIS A 38 -1.63 -1.71 4.59
CA HIS A 38 -2.09 -0.59 5.40
C HIS A 38 -0.92 0.25 5.89
N GLY A 39 -1.12 1.57 5.92
CA GLY A 39 -0.07 2.46 6.36
C GLY A 39 0.41 2.15 7.76
N SER A 40 -0.50 1.63 8.59
CA SER A 40 -0.18 1.29 9.97
C SER A 40 0.48 -0.09 10.05
N CYS A 41 0.24 -0.91 9.03
CA CYS A 41 0.80 -2.25 8.98
C CYS A 41 2.19 -2.24 8.36
N VAL A 42 2.44 -1.26 7.48
CA VAL A 42 3.73 -1.14 6.82
C VAL A 42 4.49 0.07 7.34
N GLY A 43 3.76 1.07 7.82
CA GLY A 43 4.39 2.27 8.34
C GLY A 43 4.43 3.39 7.32
N ILE A 44 3.34 3.57 6.59
CA ILE A 44 3.25 4.62 5.58
C ILE A 44 2.06 5.55 5.85
N GLU A 45 2.24 6.82 5.55
CA GLU A 45 1.18 7.80 5.75
C GLU A 45 0.62 8.29 4.42
N GLU A 46 -0.63 8.72 4.43
CA GLU A 46 -1.28 9.21 3.22
C GLU A 46 -0.53 10.40 2.63
N GLU A 47 -0.27 11.41 3.47
CA GLU A 47 0.45 12.59 3.04
C GLU A 47 1.79 12.23 2.41
N ASN A 48 2.36 11.10 2.84
CA ASN A 48 3.63 10.64 2.32
C ASN A 48 3.44 9.85 1.03
N ALA A 49 2.36 9.09 0.96
CA ALA A 49 2.06 8.29 -0.22
C ALA A 49 2.08 9.14 -1.48
N VAL A 50 1.36 10.26 -1.45
CA VAL A 50 1.29 11.16 -2.59
C VAL A 50 2.68 11.43 -3.15
N ASP A 51 3.70 11.23 -2.33
CA ASP A 51 5.08 11.45 -2.73
C ASP A 51 5.77 10.14 -3.08
N ILE A 52 5.22 9.04 -2.57
CA ILE A 52 5.78 7.72 -2.83
C ILE A 52 5.47 7.25 -4.24
N ASP A 53 6.41 7.47 -5.15
CA ASP A 53 6.23 7.08 -6.55
C ASP A 53 6.03 5.56 -6.66
N ILE A 54 6.81 4.81 -5.89
CA ILE A 54 6.71 3.36 -5.90
C ILE A 54 6.91 2.78 -4.51
N TYR A 55 5.82 2.33 -3.91
CA TYR A 55 5.85 1.75 -2.58
C TYR A 55 6.45 0.34 -2.60
N HIS A 56 7.33 0.06 -1.65
CA HIS A 56 7.98 -1.25 -1.57
C HIS A 56 7.61 -1.95 -0.28
N CYS A 57 6.79 -3.00 -0.39
CA CYS A 57 6.35 -3.76 0.77
C CYS A 57 7.55 -4.22 1.60
N PRO A 58 7.30 -4.50 2.89
CA PRO A 58 8.35 -4.96 3.82
C PRO A 58 8.82 -6.36 3.50
N ASP A 59 8.37 -6.90 2.37
CA ASP A 59 8.75 -8.25 1.96
C ASP A 59 9.70 -8.20 0.77
N CYS A 60 9.59 -7.14 -0.03
CA CYS A 60 10.43 -6.97 -1.20
C CYS A 60 11.66 -6.13 -0.88
N GLU A 61 11.49 -5.17 0.03
CA GLU A 61 12.58 -4.29 0.44
C GLU A 61 13.77 -5.11 0.95
N ALA A 62 13.51 -6.35 1.32
CA ALA A 62 14.56 -7.23 1.83
C ALA A 62 15.44 -7.72 0.69
N VAL A 63 15.07 -7.40 -0.54
CA VAL A 63 15.83 -7.83 -1.71
C VAL A 63 16.04 -6.65 -2.68
N PHE A 64 14.96 -5.95 -2.98
CA PHE A 64 15.02 -4.81 -3.89
C PHE A 64 15.62 -3.59 -3.20
N GLY A 65 15.11 -3.28 -2.01
CA GLY A 65 15.60 -2.13 -1.26
C GLY A 65 14.49 -1.20 -0.83
N PRO A 66 14.83 0.08 -0.65
CA PRO A 66 13.87 1.11 -0.22
C PRO A 66 12.83 1.42 -1.30
N SER A 67 11.83 2.21 -0.94
CA SER A 67 10.78 2.58 -1.89
C SER A 67 11.17 3.83 -2.67
N ILE A 68 10.69 3.91 -3.91
CA ILE A 68 10.99 5.05 -4.77
C ILE A 68 10.15 6.27 -4.39
N MET A 69 10.63 7.45 -4.73
CA MET A 69 9.93 8.68 -4.42
C MET A 69 9.80 9.56 -5.67
N LYS A 70 8.64 10.19 -5.83
CA LYS A 70 8.39 11.05 -6.97
C LYS A 70 9.40 12.18 -7.03
N ASN A 71 9.44 12.90 -8.15
CA ASN A 71 10.36 14.01 -8.33
C ASN A 71 9.62 15.29 -8.69
N TRP A 72 8.36 15.13 -9.11
CA TRP A 72 7.54 16.27 -9.50
C TRP A 72 8.39 17.38 -10.12
N HIS A 73 9.25 17.01 -11.05
CA HIS A 73 10.12 17.97 -11.72
C HIS A 73 9.38 19.27 -11.98
N SER A 74 9.67 20.29 -11.17
CA SER A 74 9.04 21.59 -11.30
C SER A 74 10.08 22.68 -11.56
N GLY A 75 11.16 22.65 -10.78
CA GLY A 75 12.20 23.64 -10.94
C GLY A 75 13.27 23.52 -9.87
N PRO A 76 14.50 23.97 -10.19
CA PRO A 76 15.63 23.93 -9.26
C PRO A 76 15.46 24.90 -8.10
N SER A 77 15.57 24.39 -6.87
CA SER A 77 15.44 25.23 -5.68
C SER A 77 16.80 25.70 -5.20
N SER A 78 17.08 26.99 -5.38
CA SER A 78 18.35 27.58 -4.97
C SER A 78 18.63 27.26 -3.51
N GLY A 79 17.69 27.60 -2.64
CA GLY A 79 17.86 27.35 -1.21
C GLY A 79 16.78 28.00 -0.37
N GLY A 1 -10.74 -32.44 9.75
CA GLY A 1 -10.78 -31.05 9.35
C GLY A 1 -10.58 -30.87 7.86
N SER A 2 -9.55 -31.50 7.32
CA SER A 2 -9.25 -31.40 5.89
C SER A 2 -10.46 -31.78 5.06
N SER A 3 -10.27 -31.83 3.75
CA SER A 3 -11.35 -32.19 2.82
C SER A 3 -12.47 -31.14 2.87
N GLY A 4 -12.08 -29.87 2.85
CA GLY A 4 -13.05 -28.80 2.88
C GLY A 4 -13.06 -27.98 1.61
N SER A 5 -13.97 -27.01 1.52
CA SER A 5 -14.07 -26.16 0.35
C SER A 5 -15.05 -25.02 0.60
N SER A 6 -14.94 -23.97 -0.21
CA SER A 6 -15.81 -22.80 -0.08
C SER A 6 -16.77 -22.70 -1.26
N GLY A 7 -17.92 -22.06 -1.03
CA GLY A 7 -18.90 -21.91 -2.08
C GLY A 7 -18.66 -20.67 -2.92
N MET A 8 -19.18 -19.53 -2.46
CA MET A 8 -19.01 -18.27 -3.16
C MET A 8 -17.54 -17.89 -3.27
N ALA A 9 -17.15 -17.40 -4.44
CA ALA A 9 -15.77 -16.99 -4.67
C ALA A 9 -15.23 -16.18 -3.51
N LEU A 10 -13.91 -16.10 -3.40
CA LEU A 10 -13.27 -15.35 -2.33
C LEU A 10 -12.02 -14.63 -2.83
N VAL A 11 -11.88 -13.36 -2.44
CA VAL A 11 -10.73 -12.57 -2.84
C VAL A 11 -9.56 -12.74 -1.88
N PRO A 12 -8.37 -13.02 -2.42
CA PRO A 12 -7.17 -13.21 -1.62
C PRO A 12 -6.68 -11.91 -0.99
N VAL A 13 -6.23 -12.00 0.26
CA VAL A 13 -5.73 -10.83 0.98
C VAL A 13 -4.41 -10.35 0.41
N TYR A 14 -4.04 -9.12 0.72
CA TYR A 14 -2.79 -8.53 0.23
C TYR A 14 -1.90 -8.11 1.39
N CYS A 15 -2.52 -7.53 2.42
CA CYS A 15 -1.78 -7.08 3.60
C CYS A 15 -1.31 -8.26 4.44
N LEU A 16 -0.52 -7.97 5.46
CA LEU A 16 -0.01 -9.01 6.35
C LEU A 16 -1.03 -9.38 7.41
N CYS A 17 -1.92 -8.44 7.72
CA CYS A 17 -2.96 -8.67 8.72
C CYS A 17 -3.97 -9.70 8.22
N ARG A 18 -3.78 -10.16 6.99
CA ARG A 18 -4.67 -11.15 6.40
C ARG A 18 -6.00 -10.50 5.99
N GLN A 19 -5.91 -9.36 5.32
CA GLN A 19 -7.11 -8.66 4.88
C GLN A 19 -6.99 -8.26 3.41
N PRO A 20 -8.13 -8.22 2.71
CA PRO A 20 -8.18 -7.86 1.29
C PRO A 20 -7.88 -6.38 1.05
N TYR A 21 -8.69 -5.52 1.63
CA TYR A 21 -8.50 -4.08 1.49
C TYR A 21 -9.52 -3.30 2.32
N ASN A 22 -9.22 -2.04 2.59
CA ASN A 22 -10.11 -1.20 3.37
C ASN A 22 -10.34 0.14 2.67
N VAL A 23 -11.61 0.48 2.45
CA VAL A 23 -11.98 1.73 1.80
C VAL A 23 -12.01 2.89 2.80
N ASN A 24 -12.23 2.56 4.07
CA ASN A 24 -12.30 3.57 5.11
C ASN A 24 -10.93 3.75 5.77
N HIS A 25 -9.88 3.37 5.05
CA HIS A 25 -8.51 3.49 5.56
C HIS A 25 -7.52 3.63 4.42
N PHE A 26 -6.35 4.19 4.73
CA PHE A 26 -5.31 4.38 3.74
C PHE A 26 -4.64 3.06 3.38
N MET A 27 -4.30 2.90 2.10
CA MET A 27 -3.65 1.69 1.63
C MET A 27 -2.84 1.95 0.37
N ILE A 28 -1.62 1.42 0.32
CA ILE A 28 -0.75 1.61 -0.83
C ILE A 28 -0.71 0.35 -1.69
N GLU A 29 0.15 0.36 -2.71
CA GLU A 29 0.29 -0.78 -3.60
C GLU A 29 1.75 -1.01 -3.97
N CYS A 30 2.24 -2.22 -3.71
CA CYS A 30 3.62 -2.57 -4.01
C CYS A 30 3.82 -2.77 -5.51
N GLY A 31 4.73 -1.98 -6.09
CA GLY A 31 5.00 -2.08 -7.51
C GLY A 31 5.85 -3.28 -7.86
N LEU A 32 5.85 -4.27 -6.98
CA LEU A 32 6.63 -5.49 -7.19
C LEU A 32 5.77 -6.73 -7.04
N CYS A 33 4.78 -6.66 -6.15
CA CYS A 33 3.88 -7.78 -5.91
C CYS A 33 2.45 -7.40 -6.27
N GLN A 34 2.22 -6.12 -6.52
CA GLN A 34 0.90 -5.63 -6.88
C GLN A 34 -0.09 -5.85 -5.73
N ASP A 35 0.43 -5.92 -4.51
CA ASP A 35 -0.39 -6.14 -3.33
C ASP A 35 -0.55 -4.85 -2.55
N TRP A 36 -1.69 -4.70 -1.87
CA TRP A 36 -1.97 -3.51 -1.08
C TRP A 36 -1.77 -3.78 0.41
N PHE A 37 -1.39 -2.73 1.15
CA PHE A 37 -1.17 -2.87 2.58
C PHE A 37 -1.60 -1.60 3.31
N HIS A 38 -1.73 -1.70 4.64
CA HIS A 38 -2.13 -0.56 5.46
C HIS A 38 -0.92 0.21 5.95
N GLY A 39 -0.97 1.53 5.84
CA GLY A 39 0.13 2.36 6.28
C GLY A 39 0.53 2.08 7.72
N SER A 40 -0.41 1.57 8.51
CA SER A 40 -0.14 1.25 9.91
C SER A 40 0.59 -0.07 10.04
N CYS A 41 0.24 -1.02 9.18
CA CYS A 41 0.87 -2.34 9.20
C CYS A 41 2.26 -2.29 8.58
N VAL A 42 2.45 -1.38 7.63
CA VAL A 42 3.74 -1.22 6.97
C VAL A 42 4.51 -0.04 7.54
N GLY A 43 3.84 1.10 7.65
CA GLY A 43 4.48 2.30 8.18
C GLY A 43 4.51 3.44 7.18
N ILE A 44 3.43 3.59 6.42
CA ILE A 44 3.33 4.65 5.43
C ILE A 44 2.17 5.58 5.73
N GLU A 45 2.34 6.86 5.37
CA GLU A 45 1.30 7.86 5.61
C GLU A 45 0.79 8.43 4.28
N GLU A 46 -0.50 8.72 4.22
CA GLU A 46 -1.11 9.27 3.02
C GLU A 46 -0.37 10.53 2.57
N GLU A 47 0.24 11.22 3.52
CA GLU A 47 0.97 12.45 3.22
C GLU A 47 2.28 12.13 2.51
N ASN A 48 2.82 10.95 2.78
CA ASN A 48 4.08 10.53 2.17
C ASN A 48 3.83 9.72 0.89
N ALA A 49 2.71 8.99 0.88
CA ALA A 49 2.34 8.18 -0.27
C ALA A 49 2.24 9.03 -1.54
N VAL A 50 1.63 10.20 -1.40
CA VAL A 50 1.46 11.11 -2.54
C VAL A 50 2.79 11.37 -3.22
N ASP A 51 3.89 11.09 -2.52
CA ASP A 51 5.23 11.29 -3.06
C ASP A 51 5.87 9.96 -3.45
N ILE A 52 5.27 8.87 -2.99
CA ILE A 52 5.79 7.54 -3.28
C ILE A 52 5.35 7.07 -4.67
N ASP A 53 6.26 7.14 -5.62
CA ASP A 53 5.98 6.73 -6.99
C ASP A 53 5.77 5.22 -7.07
N ILE A 54 6.67 4.47 -6.43
CA ILE A 54 6.58 3.02 -6.42
C ILE A 54 6.82 2.46 -5.03
N TYR A 55 5.73 2.13 -4.33
CA TYR A 55 5.83 1.59 -2.98
C TYR A 55 6.40 0.17 -3.00
N HIS A 56 7.20 -0.16 -2.01
CA HIS A 56 7.81 -1.47 -1.90
C HIS A 56 7.44 -2.15 -0.59
N CYS A 57 6.59 -3.17 -0.68
CA CYS A 57 6.14 -3.90 0.50
C CYS A 57 7.33 -4.22 1.42
N PRO A 58 7.03 -4.46 2.70
CA PRO A 58 8.04 -4.78 3.70
C PRO A 58 8.65 -6.16 3.49
N ASP A 59 8.30 -6.79 2.37
CA ASP A 59 8.81 -8.12 2.04
C ASP A 59 9.81 -8.05 0.91
N CYS A 60 9.67 -7.03 0.06
CA CYS A 60 10.56 -6.85 -1.08
C CYS A 60 11.75 -5.96 -0.71
N GLU A 61 11.51 -5.01 0.20
CA GLU A 61 12.55 -4.10 0.64
C GLU A 61 13.73 -4.87 1.22
N ALA A 62 13.51 -6.14 1.54
CA ALA A 62 14.56 -6.98 2.11
C ALA A 62 15.49 -7.51 1.02
N VAL A 63 15.15 -7.21 -0.23
CA VAL A 63 15.95 -7.64 -1.36
C VAL A 63 16.16 -6.52 -2.37
N PHE A 64 15.06 -5.89 -2.77
CA PHE A 64 15.12 -4.78 -3.73
C PHE A 64 15.70 -3.53 -3.08
N GLY A 65 15.17 -3.18 -1.92
CA GLY A 65 15.65 -2.00 -1.21
C GLY A 65 14.54 -1.05 -0.83
N PRO A 66 14.86 0.24 -0.74
CA PRO A 66 13.88 1.28 -0.37
C PRO A 66 12.84 1.50 -1.47
N SER A 67 11.81 2.28 -1.16
CA SER A 67 10.75 2.57 -2.11
C SER A 67 11.16 3.72 -3.03
N ILE A 68 10.51 3.80 -4.19
CA ILE A 68 10.80 4.85 -5.16
C ILE A 68 9.95 6.08 -4.91
N MET A 69 10.45 7.24 -5.31
CA MET A 69 9.73 8.50 -5.13
C MET A 69 9.39 9.13 -6.49
N LYS A 70 8.29 9.88 -6.52
CA LYS A 70 7.86 10.55 -7.74
C LYS A 70 8.86 11.62 -8.17
N ASN A 71 8.73 12.08 -9.41
CA ASN A 71 9.61 13.11 -9.93
C ASN A 71 8.91 14.46 -9.99
N TRP A 72 8.22 14.79 -8.91
CA TRP A 72 7.50 16.06 -8.82
C TRP A 72 8.39 17.22 -9.21
N HIS A 73 8.09 17.85 -10.35
CA HIS A 73 8.87 18.99 -10.83
C HIS A 73 9.12 19.99 -9.71
N SER A 74 8.04 20.54 -9.16
CA SER A 74 8.15 21.52 -8.08
C SER A 74 8.27 20.83 -6.74
N GLY A 75 9.06 19.76 -6.68
CA GLY A 75 9.25 19.03 -5.44
C GLY A 75 9.46 19.95 -4.25
N PRO A 76 8.43 20.06 -3.40
CA PRO A 76 8.48 20.91 -2.20
C PRO A 76 9.43 20.36 -1.15
N SER A 77 9.35 19.06 -0.90
CA SER A 77 10.19 18.41 0.10
C SER A 77 11.65 18.41 -0.36
N SER A 78 12.56 18.54 0.60
CA SER A 78 13.99 18.56 0.30
C SER A 78 14.71 17.44 1.06
N GLY A 79 14.52 17.42 2.38
CA GLY A 79 15.16 16.39 3.19
C GLY A 79 14.40 15.08 3.18
N GLY A 1 -37.44 0.50 -9.36
CA GLY A 1 -37.50 -0.14 -8.06
C GLY A 1 -36.72 -1.43 -8.00
N SER A 2 -35.47 -1.38 -8.42
CA SER A 2 -34.61 -2.57 -8.42
C SER A 2 -33.87 -2.70 -7.09
N SER A 3 -34.48 -3.40 -6.15
CA SER A 3 -33.89 -3.60 -4.83
C SER A 3 -32.79 -4.67 -4.89
N GLY A 4 -31.58 -4.25 -5.23
CA GLY A 4 -30.48 -5.19 -5.32
C GLY A 4 -30.78 -6.37 -6.21
N SER A 5 -29.88 -7.34 -6.23
CA SER A 5 -30.06 -8.54 -7.05
C SER A 5 -28.96 -9.56 -6.77
N SER A 6 -29.34 -10.84 -6.77
CA SER A 6 -28.39 -11.91 -6.51
C SER A 6 -27.12 -11.72 -7.34
N GLY A 7 -25.97 -11.77 -6.66
CA GLY A 7 -24.70 -11.62 -7.34
C GLY A 7 -23.88 -10.48 -6.77
N MET A 8 -22.72 -10.81 -6.21
CA MET A 8 -21.83 -9.81 -5.63
C MET A 8 -20.39 -10.05 -6.04
N ALA A 9 -19.53 -9.08 -5.76
CA ALA A 9 -18.11 -9.19 -6.11
C ALA A 9 -17.28 -9.60 -4.89
N LEU A 10 -16.19 -10.32 -5.13
CA LEU A 10 -15.32 -10.77 -4.07
C LEU A 10 -13.95 -10.11 -4.16
N VAL A 11 -13.37 -9.80 -3.01
CA VAL A 11 -12.06 -9.16 -2.96
C VAL A 11 -11.11 -9.91 -2.03
N PRO A 12 -10.01 -10.41 -2.59
CA PRO A 12 -9.01 -11.16 -1.83
C PRO A 12 -8.23 -10.27 -0.86
N VAL A 13 -7.58 -10.89 0.11
CA VAL A 13 -6.79 -10.15 1.09
C VAL A 13 -5.39 -9.87 0.57
N TYR A 14 -4.78 -8.80 1.09
CA TYR A 14 -3.44 -8.42 0.67
C TYR A 14 -2.54 -8.19 1.89
N CYS A 15 -2.82 -7.14 2.64
CA CYS A 15 -2.04 -6.80 3.82
C CYS A 15 -1.74 -8.05 4.65
N LEU A 16 -0.83 -7.93 5.59
CA LEU A 16 -0.45 -9.05 6.46
C LEU A 16 -1.61 -9.43 7.39
N CYS A 17 -2.47 -8.47 7.67
CA CYS A 17 -3.62 -8.71 8.54
C CYS A 17 -4.58 -9.70 7.90
N ARG A 18 -4.41 -9.95 6.61
CA ARG A 18 -5.26 -10.87 5.88
C ARG A 18 -6.62 -10.25 5.60
N GLN A 19 -6.61 -8.98 5.21
CA GLN A 19 -7.84 -8.26 4.91
C GLN A 19 -7.88 -7.83 3.45
N PRO A 20 -9.08 -7.72 2.88
CA PRO A 20 -9.29 -7.32 1.50
C PRO A 20 -8.94 -5.85 1.26
N TYR A 21 -9.61 -4.98 2.01
CA TYR A 21 -9.37 -3.54 1.89
C TYR A 21 -10.18 -2.76 2.92
N ASN A 22 -9.63 -1.64 3.37
CA ASN A 22 -10.30 -0.81 4.37
C ASN A 22 -10.27 0.66 3.95
N VAL A 23 -11.25 1.07 3.16
CA VAL A 23 -11.34 2.44 2.69
C VAL A 23 -11.22 3.43 3.85
N ASN A 24 -11.57 2.97 5.05
CA ASN A 24 -11.50 3.80 6.24
C ASN A 24 -10.04 4.10 6.61
N HIS A 25 -9.15 3.15 6.33
CA HIS A 25 -7.73 3.31 6.63
C HIS A 25 -6.93 3.48 5.35
N PHE A 26 -5.86 4.27 5.44
CA PHE A 26 -5.00 4.51 4.28
C PHE A 26 -4.33 3.22 3.81
N MET A 27 -4.17 3.09 2.50
CA MET A 27 -3.55 1.90 1.92
C MET A 27 -2.78 2.26 0.65
N ILE A 28 -1.70 1.52 0.40
CA ILE A 28 -0.87 1.75 -0.78
C ILE A 28 -0.73 0.49 -1.61
N GLU A 29 0.09 0.57 -2.65
CA GLU A 29 0.32 -0.58 -3.54
C GLU A 29 1.80 -0.76 -3.82
N CYS A 30 2.26 -2.00 -3.78
CA CYS A 30 3.67 -2.31 -4.03
C CYS A 30 3.95 -2.39 -5.53
N GLY A 31 4.93 -1.64 -5.99
CA GLY A 31 5.28 -1.64 -7.40
C GLY A 31 6.15 -2.82 -7.78
N LEU A 32 6.11 -3.87 -6.96
CA LEU A 32 6.90 -5.07 -7.22
C LEU A 32 6.02 -6.32 -7.23
N CYS A 33 5.00 -6.33 -6.37
CA CYS A 33 4.09 -7.45 -6.28
C CYS A 33 2.67 -7.03 -6.67
N GLN A 34 2.48 -5.73 -6.85
CA GLN A 34 1.18 -5.19 -7.22
C GLN A 34 0.13 -5.48 -6.14
N ASP A 35 0.61 -5.66 -4.92
CA ASP A 35 -0.28 -5.94 -3.79
C ASP A 35 -0.57 -4.68 -2.99
N TRP A 36 -1.26 -4.83 -1.87
CA TRP A 36 -1.61 -3.70 -1.02
C TRP A 36 -1.27 -3.99 0.43
N PHE A 37 -1.17 -2.93 1.24
CA PHE A 37 -0.85 -3.08 2.65
C PHE A 37 -1.20 -1.81 3.43
N HIS A 38 -1.83 -1.99 4.58
CA HIS A 38 -2.23 -0.85 5.41
C HIS A 38 -1.02 -0.01 5.79
N GLY A 39 -1.17 1.31 5.68
CA GLY A 39 -0.08 2.21 6.02
C GLY A 39 0.32 2.12 7.47
N SER A 40 -0.55 1.54 8.29
CA SER A 40 -0.29 1.40 9.71
C SER A 40 0.49 0.12 10.00
N CYS A 41 0.34 -0.86 9.12
CA CYS A 41 1.03 -2.14 9.28
C CYS A 41 2.39 -2.11 8.60
N VAL A 42 2.55 -1.21 7.62
CA VAL A 42 3.80 -1.08 6.89
C VAL A 42 4.59 0.13 7.39
N GLY A 43 3.88 1.14 7.87
CA GLY A 43 4.53 2.34 8.36
C GLY A 43 4.57 3.45 7.33
N ILE A 44 3.47 3.60 6.58
CA ILE A 44 3.39 4.63 5.55
C ILE A 44 2.14 5.49 5.74
N GLU A 45 2.34 6.80 5.74
CA GLU A 45 1.23 7.74 5.91
C GLU A 45 0.72 8.22 4.56
N GLU A 46 -0.50 8.77 4.55
CA GLU A 46 -1.10 9.27 3.33
C GLU A 46 -0.34 10.49 2.81
N GLU A 47 0.12 11.33 3.73
CA GLU A 47 0.85 12.54 3.37
C GLU A 47 2.14 12.19 2.64
N ASN A 48 2.66 10.99 2.90
CA ASN A 48 3.90 10.53 2.27
C ASN A 48 3.60 9.81 0.96
N ALA A 49 2.49 9.08 0.94
CA ALA A 49 2.10 8.33 -0.25
C ALA A 49 2.22 9.20 -1.51
N VAL A 50 1.64 10.39 -1.46
CA VAL A 50 1.69 11.30 -2.60
C VAL A 50 3.12 11.50 -3.08
N ASP A 51 4.08 11.30 -2.18
CA ASP A 51 5.49 11.45 -2.51
C ASP A 51 6.12 10.10 -2.85
N ILE A 52 5.42 9.03 -2.51
CA ILE A 52 5.90 7.68 -2.79
C ILE A 52 5.54 7.24 -4.21
N ASP A 53 6.46 7.42 -5.14
CA ASP A 53 6.23 7.05 -6.53
C ASP A 53 6.01 5.55 -6.65
N ILE A 54 6.88 4.77 -6.02
CA ILE A 54 6.79 3.32 -6.06
C ILE A 54 7.00 2.72 -4.67
N TYR A 55 5.90 2.36 -4.00
CA TYR A 55 5.97 1.78 -2.67
C TYR A 55 6.55 0.37 -2.73
N HIS A 56 7.33 0.02 -1.71
CA HIS A 56 7.95 -1.30 -1.63
C HIS A 56 7.49 -2.05 -0.38
N CYS A 57 6.64 -3.05 -0.58
CA CYS A 57 6.13 -3.85 0.53
C CYS A 57 7.25 -4.25 1.48
N PRO A 58 6.88 -4.59 2.72
CA PRO A 58 7.85 -5.01 3.75
C PRO A 58 8.44 -6.37 3.46
N ASP A 59 8.11 -6.92 2.30
CA ASP A 59 8.62 -8.23 1.89
C ASP A 59 9.66 -8.10 0.80
N CYS A 60 9.57 -7.00 0.04
CA CYS A 60 10.51 -6.76 -1.05
C CYS A 60 11.70 -5.92 -0.58
N GLU A 61 11.44 -5.03 0.39
CA GLU A 61 12.48 -4.17 0.93
C GLU A 61 13.61 -5.00 1.53
N ALA A 62 13.38 -6.30 1.67
CA ALA A 62 14.38 -7.20 2.22
C ALA A 62 15.35 -7.68 1.15
N VAL A 63 15.06 -7.34 -0.11
CA VAL A 63 15.90 -7.74 -1.23
C VAL A 63 16.15 -6.56 -2.16
N PHE A 64 15.09 -5.85 -2.51
CA PHE A 64 15.20 -4.69 -3.40
C PHE A 64 15.76 -3.49 -2.66
N GLY A 65 15.13 -3.15 -1.53
CA GLY A 65 15.57 -2.02 -0.74
C GLY A 65 14.44 -1.08 -0.38
N PRO A 66 14.76 0.21 -0.22
CA PRO A 66 13.77 1.23 0.13
C PRO A 66 12.80 1.51 -1.01
N SER A 67 11.72 2.22 -0.70
CA SER A 67 10.71 2.55 -1.69
C SER A 67 11.10 3.81 -2.46
N ILE A 68 10.84 3.81 -3.77
CA ILE A 68 11.16 4.95 -4.62
C ILE A 68 10.29 6.16 -4.27
N MET A 69 10.75 7.34 -4.68
CA MET A 69 10.01 8.57 -4.41
C MET A 69 9.80 9.36 -5.70
N LYS A 70 8.68 10.07 -5.78
CA LYS A 70 8.36 10.87 -6.95
C LYS A 70 9.39 11.99 -7.15
N ASN A 71 9.19 12.80 -8.18
CA ASN A 71 10.09 13.89 -8.48
C ASN A 71 9.35 15.22 -8.54
N TRP A 72 8.40 15.40 -7.64
CA TRP A 72 7.61 16.62 -7.59
C TRP A 72 6.98 16.82 -6.21
N HIS A 73 6.78 18.07 -5.82
CA HIS A 73 6.20 18.39 -4.52
C HIS A 73 5.31 19.62 -4.62
N SER A 74 4.55 19.88 -3.57
CA SER A 74 3.65 21.03 -3.53
C SER A 74 3.51 21.57 -2.11
N GLY A 75 3.00 22.79 -2.00
CA GLY A 75 2.83 23.41 -0.70
C GLY A 75 2.31 22.43 0.35
N PRO A 76 3.19 22.02 1.26
CA PRO A 76 2.83 21.07 2.33
C PRO A 76 1.90 21.70 3.36
N SER A 77 1.33 20.85 4.21
CA SER A 77 0.41 21.31 5.25
C SER A 77 0.99 21.08 6.63
N SER A 78 2.30 21.27 6.76
CA SER A 78 2.98 21.09 8.04
C SER A 78 2.63 22.20 9.01
N GLY A 79 2.28 21.82 10.24
CA GLY A 79 1.93 22.80 11.25
C GLY A 79 2.45 22.43 12.62
N GLY A 1 -27.73 -28.49 -13.74
CA GLY A 1 -28.18 -27.77 -12.57
C GLY A 1 -27.16 -26.76 -12.08
N SER A 2 -27.20 -25.56 -12.63
CA SER A 2 -26.27 -24.50 -12.25
C SER A 2 -26.70 -23.83 -10.95
N SER A 3 -26.05 -24.17 -9.85
CA SER A 3 -26.38 -23.60 -8.56
C SER A 3 -25.76 -22.22 -8.40
N GLY A 4 -26.61 -21.20 -8.37
CA GLY A 4 -26.13 -19.83 -8.23
C GLY A 4 -25.09 -19.47 -9.27
N SER A 5 -25.55 -18.92 -10.40
CA SER A 5 -24.65 -18.53 -11.48
C SER A 5 -23.46 -17.74 -10.94
N SER A 6 -23.75 -16.72 -10.13
CA SER A 6 -22.70 -15.89 -9.56
C SER A 6 -22.36 -16.35 -8.14
N GLY A 7 -23.37 -16.34 -7.26
CA GLY A 7 -23.15 -16.75 -5.89
C GLY A 7 -22.33 -15.76 -5.11
N MET A 8 -21.96 -16.13 -3.88
CA MET A 8 -21.17 -15.26 -3.03
C MET A 8 -19.69 -15.64 -3.07
N ALA A 9 -18.84 -14.80 -2.50
CA ALA A 9 -17.41 -15.04 -2.47
C ALA A 9 -16.72 -14.19 -1.41
N LEU A 10 -15.66 -14.74 -0.83
CA LEU A 10 -14.91 -14.03 0.20
C LEU A 10 -13.85 -13.13 -0.42
N VAL A 11 -13.86 -11.85 -0.02
CA VAL A 11 -12.90 -10.88 -0.54
C VAL A 11 -11.47 -11.32 -0.23
N PRO A 12 -10.59 -11.22 -1.25
CA PRO A 12 -9.18 -11.60 -1.12
C PRO A 12 -8.41 -10.64 -0.22
N VAL A 13 -7.68 -11.19 0.75
CA VAL A 13 -6.89 -10.38 1.67
C VAL A 13 -5.50 -10.11 1.11
N TYR A 14 -5.10 -8.85 1.10
CA TYR A 14 -3.79 -8.45 0.59
C TYR A 14 -2.83 -8.15 1.74
N CYS A 15 -3.22 -7.22 2.61
CA CYS A 15 -2.40 -6.84 3.74
C CYS A 15 -1.87 -8.08 4.48
N LEU A 16 -1.01 -7.85 5.45
CA LEU A 16 -0.43 -8.94 6.24
C LEU A 16 -1.39 -9.41 7.33
N CYS A 17 -2.37 -8.55 7.64
CA CYS A 17 -3.35 -8.87 8.67
C CYS A 17 -4.51 -9.68 8.09
N ARG A 18 -4.31 -10.18 6.87
CA ARG A 18 -5.34 -10.97 6.20
C ARG A 18 -6.63 -10.18 6.05
N GLN A 19 -6.52 -8.97 5.53
CA GLN A 19 -7.68 -8.11 5.32
C GLN A 19 -7.87 -7.79 3.85
N PRO A 20 -9.14 -7.71 3.42
CA PRO A 20 -9.48 -7.40 2.02
C PRO A 20 -9.16 -5.96 1.65
N TYR A 21 -9.73 -5.02 2.39
CA TYR A 21 -9.50 -3.60 2.14
C TYR A 21 -10.23 -2.74 3.17
N ASN A 22 -9.58 -1.63 3.56
CA ASN A 22 -10.16 -0.72 4.54
C ASN A 22 -10.03 0.72 4.08
N VAL A 23 -11.00 1.18 3.29
CA VAL A 23 -10.99 2.54 2.79
C VAL A 23 -10.63 3.54 3.88
N ASN A 24 -11.25 3.37 5.05
CA ASN A 24 -10.99 4.25 6.18
C ASN A 24 -9.51 4.23 6.57
N HIS A 25 -8.87 3.08 6.35
CA HIS A 25 -7.45 2.93 6.68
C HIS A 25 -6.59 3.09 5.42
N PHE A 26 -5.78 4.13 5.40
CA PHE A 26 -4.90 4.39 4.26
C PHE A 26 -4.22 3.10 3.79
N MET A 27 -4.00 3.00 2.49
CA MET A 27 -3.35 1.83 1.91
C MET A 27 -2.52 2.21 0.69
N ILE A 28 -1.61 1.33 0.31
CA ILE A 28 -0.76 1.57 -0.85
C ILE A 28 -0.62 0.32 -1.71
N GLU A 29 0.16 0.43 -2.79
CA GLU A 29 0.37 -0.70 -3.69
C GLU A 29 1.85 -0.89 -3.99
N CYS A 30 2.33 -2.11 -3.77
CA CYS A 30 3.74 -2.42 -4.02
C CYS A 30 4.02 -2.54 -5.51
N GLY A 31 5.01 -1.79 -5.98
CA GLY A 31 5.36 -1.84 -7.40
C GLY A 31 6.22 -3.04 -7.75
N LEU A 32 6.11 -4.09 -6.94
CA LEU A 32 6.88 -5.31 -7.17
C LEU A 32 5.98 -6.54 -7.12
N CYS A 33 4.99 -6.50 -6.24
CA CYS A 33 4.06 -7.61 -6.09
C CYS A 33 2.63 -7.18 -6.44
N GLN A 34 2.44 -5.87 -6.62
CA GLN A 34 1.14 -5.32 -6.95
C GLN A 34 0.13 -5.62 -5.84
N ASP A 35 0.62 -5.80 -4.63
CA ASP A 35 -0.23 -6.10 -3.48
C ASP A 35 -0.60 -4.82 -2.74
N TRP A 36 -1.54 -4.93 -1.81
CA TRP A 36 -1.99 -3.78 -1.04
C TRP A 36 -1.73 -4.00 0.45
N PHE A 37 -1.49 -2.91 1.18
CA PHE A 37 -1.25 -2.98 2.61
C PHE A 37 -1.66 -1.70 3.31
N HIS A 38 -1.78 -1.74 4.63
CA HIS A 38 -2.17 -0.58 5.41
C HIS A 38 -0.96 0.23 5.83
N GLY A 39 -1.11 1.55 5.87
CA GLY A 39 -0.02 2.42 6.25
C GLY A 39 0.45 2.16 7.66
N SER A 40 -0.44 1.67 8.50
CA SER A 40 -0.11 1.39 9.89
C SER A 40 0.57 0.02 10.04
N CYS A 41 0.17 -0.91 9.17
CA CYS A 41 0.74 -2.26 9.19
C CYS A 41 2.15 -2.25 8.61
N VAL A 42 2.37 -1.40 7.62
CA VAL A 42 3.68 -1.30 6.97
C VAL A 42 4.48 -0.12 7.52
N GLY A 43 3.80 1.01 7.68
CA GLY A 43 4.47 2.19 8.20
C GLY A 43 4.55 3.30 7.17
N ILE A 44 3.46 3.53 6.45
CA ILE A 44 3.42 4.57 5.42
C ILE A 44 2.24 5.50 5.64
N GLU A 45 2.51 6.81 5.60
CA GLU A 45 1.46 7.81 5.79
C GLU A 45 0.93 8.30 4.45
N GLU A 46 -0.26 8.88 4.46
CA GLU A 46 -0.87 9.39 3.25
C GLU A 46 -0.10 10.58 2.69
N GLU A 47 0.37 11.44 3.60
CA GLU A 47 1.14 12.63 3.21
C GLU A 47 2.39 12.23 2.43
N ASN A 48 2.90 11.04 2.71
CA ASN A 48 4.09 10.54 2.04
C ASN A 48 3.73 9.79 0.76
N ALA A 49 2.62 9.05 0.80
CA ALA A 49 2.17 8.30 -0.35
C ALA A 49 2.21 9.14 -1.62
N VAL A 50 1.56 10.30 -1.57
CA VAL A 50 1.51 11.21 -2.70
C VAL A 50 2.91 11.43 -3.27
N ASP A 51 3.92 11.22 -2.44
CA ASP A 51 5.31 11.40 -2.87
C ASP A 51 5.94 10.07 -3.25
N ILE A 52 5.33 8.98 -2.79
CA ILE A 52 5.83 7.64 -3.07
C ILE A 52 5.43 7.19 -4.47
N ASP A 53 6.34 7.32 -5.42
CA ASP A 53 6.07 6.93 -6.81
C ASP A 53 5.85 5.43 -6.90
N ILE A 54 6.73 4.66 -6.27
CA ILE A 54 6.64 3.20 -6.30
C ILE A 54 6.88 2.62 -4.90
N TYR A 55 5.79 2.32 -4.20
CA TYR A 55 5.86 1.75 -2.86
C TYR A 55 6.44 0.34 -2.90
N HIS A 56 7.24 0.01 -1.90
CA HIS A 56 7.86 -1.31 -1.81
C HIS A 56 7.44 -2.03 -0.52
N CYS A 57 6.66 -3.09 -0.67
CA CYS A 57 6.19 -3.86 0.47
C CYS A 57 7.35 -4.21 1.40
N PRO A 58 7.02 -4.49 2.67
CA PRO A 58 8.02 -4.85 3.69
C PRO A 58 8.64 -6.22 3.43
N ASP A 59 8.28 -6.82 2.30
CA ASP A 59 8.80 -8.14 1.95
C ASP A 59 9.82 -8.03 0.81
N CYS A 60 9.71 -6.97 0.03
CA CYS A 60 10.62 -6.75 -1.10
C CYS A 60 11.79 -5.87 -0.68
N GLU A 61 11.54 -4.96 0.24
CA GLU A 61 12.58 -4.05 0.73
C GLU A 61 13.73 -4.83 1.36
N ALA A 62 13.51 -6.14 1.54
CA ALA A 62 14.53 -6.99 2.13
C ALA A 62 15.50 -7.51 1.07
N VAL A 63 15.17 -7.23 -0.19
CA VAL A 63 16.01 -7.67 -1.31
C VAL A 63 16.24 -6.55 -2.30
N PHE A 64 15.16 -5.87 -2.68
CA PHE A 64 15.23 -4.77 -3.63
C PHE A 64 15.77 -3.51 -2.96
N GLY A 65 15.21 -3.17 -1.81
CA GLY A 65 15.65 -1.99 -1.09
C GLY A 65 14.52 -1.02 -0.79
N PRO A 66 14.84 0.27 -0.71
CA PRO A 66 13.84 1.32 -0.42
C PRO A 66 12.88 1.53 -1.59
N SER A 67 11.77 2.20 -1.32
CA SER A 67 10.76 2.47 -2.33
C SER A 67 11.10 3.74 -3.11
N ILE A 68 10.73 3.76 -4.39
CA ILE A 68 11.00 4.91 -5.24
C ILE A 68 10.17 6.11 -4.80
N MET A 69 10.61 7.30 -5.20
CA MET A 69 9.91 8.53 -4.85
C MET A 69 9.70 9.41 -6.08
N LYS A 70 8.52 10.00 -6.19
CA LYS A 70 8.19 10.87 -7.32
C LYS A 70 9.15 12.06 -7.39
N ASN A 71 9.44 12.50 -8.61
CA ASN A 71 10.35 13.63 -8.81
C ASN A 71 9.58 14.87 -9.25
N TRP A 72 8.48 15.16 -8.56
CA TRP A 72 7.66 16.32 -8.89
C TRP A 72 8.52 17.51 -9.29
N HIS A 73 9.74 17.56 -8.77
CA HIS A 73 10.67 18.64 -9.08
C HIS A 73 10.06 19.98 -8.72
N SER A 74 9.43 20.06 -7.54
CA SER A 74 8.80 21.29 -7.08
C SER A 74 8.18 22.05 -8.25
N GLY A 75 7.48 21.33 -9.12
CA GLY A 75 6.84 21.95 -10.26
C GLY A 75 5.60 22.73 -9.89
N PRO A 76 4.51 22.01 -9.63
CA PRO A 76 3.23 22.62 -9.26
C PRO A 76 3.27 23.24 -7.86
N SER A 77 2.82 24.49 -7.76
CA SER A 77 2.81 25.20 -6.49
C SER A 77 2.31 24.28 -5.37
N SER A 78 3.19 23.98 -4.41
CA SER A 78 2.83 23.12 -3.29
C SER A 78 2.16 23.92 -2.18
N GLY A 79 2.75 25.06 -1.85
CA GLY A 79 2.20 25.90 -0.80
C GLY A 79 3.26 26.69 -0.06
N GLY A 1 -23.87 8.76 14.12
CA GLY A 1 -23.70 9.01 12.69
C GLY A 1 -24.43 7.98 11.85
N SER A 2 -23.66 7.16 11.13
CA SER A 2 -24.23 6.13 10.28
C SER A 2 -23.39 4.86 10.30
N SER A 3 -24.01 3.74 9.96
CA SER A 3 -23.31 2.46 9.94
C SER A 3 -24.12 1.40 9.18
N GLY A 4 -23.48 0.77 8.21
CA GLY A 4 -24.16 -0.25 7.43
C GLY A 4 -23.51 -0.46 6.07
N SER A 5 -23.03 -1.68 5.83
CA SER A 5 -22.38 -2.00 4.56
C SER A 5 -23.22 -3.01 3.76
N SER A 6 -22.79 -3.28 2.54
CA SER A 6 -23.49 -4.21 1.67
C SER A 6 -22.64 -4.60 0.47
N GLY A 7 -22.99 -5.71 -0.16
CA GLY A 7 -22.25 -6.17 -1.33
C GLY A 7 -21.67 -7.57 -1.12
N MET A 8 -21.17 -7.83 0.08
CA MET A 8 -20.59 -9.13 0.40
C MET A 8 -19.86 -9.71 -0.83
N ALA A 9 -19.12 -8.85 -1.53
CA ALA A 9 -18.38 -9.28 -2.70
C ALA A 9 -17.07 -9.95 -2.30
N LEU A 10 -16.83 -11.14 -2.85
CA LEU A 10 -15.61 -11.89 -2.55
C LEU A 10 -14.37 -11.06 -2.87
N VAL A 11 -13.46 -10.96 -1.91
CA VAL A 11 -12.23 -10.20 -2.09
C VAL A 11 -11.10 -10.79 -1.25
N PRO A 12 -10.02 -11.20 -1.93
CA PRO A 12 -8.85 -11.80 -1.27
C PRO A 12 -8.06 -10.76 -0.46
N VAL A 13 -7.25 -11.24 0.47
CA VAL A 13 -6.44 -10.36 1.30
C VAL A 13 -5.13 -9.99 0.61
N TYR A 14 -4.52 -8.89 1.03
CA TYR A 14 -3.27 -8.42 0.45
C TYR A 14 -2.28 -8.04 1.54
N CYS A 15 -2.77 -7.44 2.61
CA CYS A 15 -1.94 -7.03 3.72
C CYS A 15 -1.48 -8.24 4.55
N LEU A 16 -0.62 -7.99 5.52
CA LEU A 16 -0.11 -9.06 6.38
C LEU A 16 -1.15 -9.45 7.43
N CYS A 17 -1.99 -8.48 7.82
CA CYS A 17 -3.02 -8.72 8.81
C CYS A 17 -4.05 -9.73 8.30
N ARG A 18 -3.91 -10.11 7.03
CA ARG A 18 -4.83 -11.07 6.41
C ARG A 18 -6.20 -10.44 6.19
N GLN A 19 -6.21 -9.19 5.74
CA GLN A 19 -7.46 -8.48 5.50
C GLN A 19 -7.58 -8.09 4.03
N PRO A 20 -8.82 -8.05 3.53
CA PRO A 20 -9.11 -7.70 2.14
C PRO A 20 -8.83 -6.23 1.83
N TYR A 21 -9.44 -5.34 2.62
CA TYR A 21 -9.26 -3.91 2.44
C TYR A 21 -9.99 -3.12 3.52
N ASN A 22 -9.36 -2.06 4.00
CA ASN A 22 -9.95 -1.22 5.04
C ASN A 22 -9.93 0.25 4.64
N VAL A 23 -10.91 0.65 3.83
CA VAL A 23 -11.00 2.03 3.37
C VAL A 23 -10.72 3.01 4.52
N ASN A 24 -11.20 2.68 5.71
CA ASN A 24 -11.01 3.53 6.88
C ASN A 24 -9.52 3.79 7.11
N HIS A 25 -8.71 2.77 6.90
CA HIS A 25 -7.26 2.89 7.08
C HIS A 25 -6.56 3.09 5.74
N PHE A 26 -5.59 4.00 5.71
CA PHE A 26 -4.84 4.28 4.50
C PHE A 26 -4.18 3.01 3.96
N MET A 27 -4.01 2.95 2.64
CA MET A 27 -3.38 1.79 2.01
C MET A 27 -2.60 2.21 0.77
N ILE A 28 -1.69 1.35 0.32
CA ILE A 28 -0.88 1.63 -0.85
C ILE A 28 -0.71 0.39 -1.71
N GLU A 29 0.00 0.54 -2.82
CA GLU A 29 0.24 -0.58 -3.74
C GLU A 29 1.73 -0.72 -4.04
N CYS A 30 2.28 -1.89 -3.76
CA CYS A 30 3.69 -2.16 -4.00
C CYS A 30 3.99 -2.19 -5.49
N GLY A 31 4.97 -1.41 -5.92
CA GLY A 31 5.34 -1.38 -7.32
C GLY A 31 6.31 -2.47 -7.70
N LEU A 32 6.28 -3.57 -6.96
CA LEU A 32 7.16 -4.70 -7.22
C LEU A 32 6.37 -5.99 -7.38
N CYS A 33 5.48 -6.25 -6.43
CA CYS A 33 4.65 -7.45 -6.46
C CYS A 33 3.19 -7.09 -6.71
N GLN A 34 2.90 -5.80 -6.76
CA GLN A 34 1.54 -5.33 -6.98
C GLN A 34 0.61 -5.77 -5.86
N ASP A 35 1.06 -5.57 -4.62
CA ASP A 35 0.27 -5.94 -3.45
C ASP A 35 -0.17 -4.69 -2.68
N TRP A 36 -1.07 -4.89 -1.73
CA TRP A 36 -1.58 -3.79 -0.92
C TRP A 36 -1.20 -3.99 0.56
N PHE A 37 -1.15 -2.88 1.30
CA PHE A 37 -0.81 -2.93 2.72
C PHE A 37 -1.24 -1.65 3.42
N HIS A 38 -1.84 -1.80 4.59
CA HIS A 38 -2.30 -0.66 5.37
C HIS A 38 -1.11 0.17 5.87
N GLY A 39 -1.23 1.49 5.76
CA GLY A 39 -0.17 2.37 6.19
C GLY A 39 0.21 2.14 7.65
N SER A 40 -0.73 1.63 8.43
CA SER A 40 -0.49 1.36 9.84
C SER A 40 0.30 0.06 10.03
N CYS A 41 0.12 -0.86 9.09
CA CYS A 41 0.80 -2.15 9.15
C CYS A 41 2.22 -2.05 8.57
N VAL A 42 2.39 -1.16 7.59
CA VAL A 42 3.68 -0.95 6.96
C VAL A 42 4.37 0.28 7.51
N GLY A 43 3.58 1.26 7.95
CA GLY A 43 4.14 2.48 8.49
C GLY A 43 4.17 3.60 7.48
N ILE A 44 3.13 3.68 6.65
CA ILE A 44 3.05 4.73 5.64
C ILE A 44 1.85 5.63 5.88
N GLU A 45 2.04 6.92 5.63
CA GLU A 45 0.97 7.90 5.83
C GLU A 45 0.48 8.45 4.49
N GLU A 46 -0.78 8.84 4.44
CA GLU A 46 -1.38 9.37 3.22
C GLU A 46 -0.59 10.59 2.72
N GLU A 47 -0.21 11.46 3.65
CA GLU A 47 0.53 12.67 3.31
C GLU A 47 1.85 12.30 2.63
N ASN A 48 2.38 11.13 2.95
CA ASN A 48 3.63 10.66 2.36
C ASN A 48 3.38 9.89 1.07
N ALA A 49 2.30 9.12 1.05
CA ALA A 49 1.93 8.33 -0.13
C ALA A 49 2.02 9.17 -1.40
N VAL A 50 1.31 10.29 -1.40
CA VAL A 50 1.31 11.18 -2.56
C VAL A 50 2.72 11.48 -3.03
N ASP A 51 3.69 11.30 -2.14
CA ASP A 51 5.09 11.55 -2.46
C ASP A 51 5.79 10.26 -2.83
N ILE A 52 5.32 9.15 -2.28
CA ILE A 52 5.91 7.84 -2.56
C ILE A 52 5.68 7.42 -4.00
N ASP A 53 6.67 7.67 -4.85
CA ASP A 53 6.57 7.32 -6.26
C ASP A 53 6.32 5.82 -6.43
N ILE A 54 7.07 5.02 -5.69
CA ILE A 54 6.94 3.56 -5.75
C ILE A 54 7.08 2.93 -4.37
N TYR A 55 5.96 2.51 -3.80
CA TYR A 55 5.97 1.88 -2.48
C TYR A 55 6.52 0.46 -2.55
N HIS A 56 7.37 0.11 -1.58
CA HIS A 56 7.97 -1.21 -1.54
C HIS A 56 7.56 -1.94 -0.25
N CYS A 57 6.76 -2.98 -0.40
CA CYS A 57 6.30 -3.77 0.74
C CYS A 57 7.48 -4.27 1.57
N PRO A 58 7.22 -4.58 2.84
CA PRO A 58 8.24 -5.08 3.77
C PRO A 58 8.71 -6.48 3.41
N ASP A 59 8.31 -6.96 2.24
CA ASP A 59 8.70 -8.29 1.78
C ASP A 59 9.69 -8.19 0.62
N CYS A 60 9.53 -7.17 -0.21
CA CYS A 60 10.42 -6.97 -1.36
C CYS A 60 11.62 -6.13 -0.96
N GLU A 61 11.44 -5.24 0.01
CA GLU A 61 12.51 -4.38 0.47
C GLU A 61 13.70 -5.20 0.95
N ALA A 62 13.45 -6.46 1.28
CA ALA A 62 14.50 -7.35 1.75
C ALA A 62 15.40 -7.80 0.60
N VAL A 63 14.99 -7.47 -0.62
CA VAL A 63 15.77 -7.84 -1.80
C VAL A 63 16.02 -6.63 -2.69
N PHE A 64 14.94 -5.91 -3.02
CA PHE A 64 15.05 -4.72 -3.87
C PHE A 64 15.65 -3.55 -3.09
N GLY A 65 15.03 -3.24 -1.96
CA GLY A 65 15.52 -2.14 -1.14
C GLY A 65 14.40 -1.23 -0.67
N PRO A 66 14.73 0.06 -0.45
CA PRO A 66 13.77 1.06 0.01
C PRO A 66 12.74 1.41 -1.08
N SER A 67 11.75 2.20 -0.70
CA SER A 67 10.70 2.60 -1.63
C SER A 67 11.08 3.89 -2.34
N ILE A 68 10.84 3.93 -3.65
CA ILE A 68 11.16 5.10 -4.45
C ILE A 68 10.31 6.30 -4.03
N MET A 69 10.89 7.49 -4.13
CA MET A 69 10.18 8.72 -3.77
C MET A 69 10.14 9.68 -4.94
N LYS A 70 8.96 10.26 -5.19
CA LYS A 70 8.79 11.21 -6.29
C LYS A 70 9.76 12.39 -6.14
N ASN A 71 9.78 13.24 -7.16
CA ASN A 71 10.67 14.41 -7.14
C ASN A 71 9.90 15.67 -7.50
N TRP A 72 8.94 16.04 -6.65
CA TRP A 72 8.13 17.23 -6.88
C TRP A 72 9.00 18.48 -6.90
N HIS A 73 9.89 18.59 -5.93
CA HIS A 73 10.79 19.74 -5.84
C HIS A 73 12.11 19.35 -5.18
N SER A 74 13.10 20.24 -5.27
CA SER A 74 14.41 19.99 -4.70
C SER A 74 14.28 19.24 -3.37
N GLY A 75 13.43 19.76 -2.49
CA GLY A 75 13.22 19.13 -1.20
C GLY A 75 14.27 19.55 -0.18
N PRO A 76 13.82 20.08 0.96
CA PRO A 76 14.71 20.54 2.03
C PRO A 76 15.40 19.38 2.74
N SER A 77 16.66 19.14 2.38
CA SER A 77 17.43 18.06 2.98
C SER A 77 17.89 18.43 4.38
N SER A 78 17.20 17.89 5.38
CA SER A 78 17.53 18.17 6.77
C SER A 78 18.63 17.23 7.27
N GLY A 79 18.35 15.93 7.23
CA GLY A 79 19.32 14.95 7.68
C GLY A 79 18.75 13.55 7.72
N GLY A 1 -17.91 -19.20 -22.83
CA GLY A 1 -18.40 -19.03 -24.19
C GLY A 1 -19.81 -18.47 -24.24
N SER A 2 -20.73 -19.17 -23.59
CA SER A 2 -22.14 -18.75 -23.55
C SER A 2 -22.94 -19.61 -22.60
N SER A 3 -24.00 -19.03 -22.04
CA SER A 3 -24.86 -19.75 -21.10
C SER A 3 -24.08 -20.16 -19.86
N GLY A 4 -23.23 -19.26 -19.37
CA GLY A 4 -22.44 -19.56 -18.19
C GLY A 4 -23.17 -19.24 -16.90
N SER A 5 -22.53 -19.53 -15.77
CA SER A 5 -23.13 -19.27 -14.47
C SER A 5 -22.10 -18.71 -13.49
N SER A 6 -22.55 -17.86 -12.58
CA SER A 6 -21.66 -17.25 -11.60
C SER A 6 -22.19 -17.48 -10.19
N GLY A 7 -21.33 -17.20 -9.19
CA GLY A 7 -21.73 -17.38 -7.81
C GLY A 7 -21.35 -16.20 -6.95
N MET A 8 -21.05 -16.47 -5.67
CA MET A 8 -20.68 -15.42 -4.74
C MET A 8 -19.17 -15.46 -4.46
N ALA A 9 -18.48 -14.41 -4.87
CA ALA A 9 -17.03 -14.32 -4.66
C ALA A 9 -16.70 -13.39 -3.49
N LEU A 10 -15.53 -13.60 -2.90
CA LEU A 10 -15.09 -12.79 -1.77
C LEU A 10 -13.71 -12.19 -2.03
N VAL A 11 -13.65 -10.88 -2.16
CA VAL A 11 -12.39 -10.19 -2.40
C VAL A 11 -11.27 -10.77 -1.55
N PRO A 12 -10.18 -11.21 -2.21
CA PRO A 12 -9.03 -11.79 -1.54
C PRO A 12 -8.24 -10.75 -0.73
N VAL A 13 -7.52 -11.23 0.28
CA VAL A 13 -6.72 -10.35 1.13
C VAL A 13 -5.35 -10.10 0.52
N TYR A 14 -4.77 -8.95 0.84
CA TYR A 14 -3.45 -8.58 0.32
C TYR A 14 -2.51 -8.19 1.46
N CYS A 15 -3.04 -7.43 2.43
CA CYS A 15 -2.25 -6.99 3.57
C CYS A 15 -1.79 -8.18 4.41
N LEU A 16 -0.98 -7.91 5.43
CA LEU A 16 -0.48 -8.95 6.31
C LEU A 16 -1.51 -9.34 7.34
N CYS A 17 -2.45 -8.44 7.61
CA CYS A 17 -3.50 -8.69 8.58
C CYS A 17 -4.64 -9.49 7.95
N ARG A 18 -4.38 -10.07 6.79
CA ARG A 18 -5.38 -10.86 6.09
C ARG A 18 -6.65 -10.04 5.84
N GLN A 19 -6.47 -8.85 5.27
CA GLN A 19 -7.60 -7.97 4.98
C GLN A 19 -7.69 -7.66 3.48
N PRO A 20 -8.91 -7.61 2.96
CA PRO A 20 -9.15 -7.33 1.54
C PRO A 20 -8.84 -5.88 1.18
N TYR A 21 -9.48 -4.95 1.88
CA TYR A 21 -9.27 -3.53 1.64
C TYR A 21 -10.08 -2.68 2.61
N ASN A 22 -9.41 -1.70 3.22
CA ASN A 22 -10.07 -0.81 4.17
C ASN A 22 -10.19 0.60 3.61
N VAL A 23 -11.28 0.85 2.89
CA VAL A 23 -11.51 2.17 2.30
C VAL A 23 -11.49 3.26 3.36
N ASN A 24 -11.74 2.87 4.61
CA ASN A 24 -11.75 3.82 5.72
C ASN A 24 -10.33 4.23 6.10
N HIS A 25 -9.40 3.29 6.00
CA HIS A 25 -8.00 3.55 6.33
C HIS A 25 -7.18 3.76 5.07
N PHE A 26 -5.91 4.15 5.24
CA PHE A 26 -5.03 4.39 4.11
C PHE A 26 -4.35 3.10 3.68
N MET A 27 -4.13 2.97 2.37
CA MET A 27 -3.49 1.79 1.81
C MET A 27 -2.65 2.15 0.59
N ILE A 28 -1.62 1.34 0.33
CA ILE A 28 -0.74 1.57 -0.81
C ILE A 28 -0.64 0.32 -1.69
N GLU A 29 0.17 0.41 -2.74
CA GLU A 29 0.35 -0.70 -3.65
C GLU A 29 1.83 -0.90 -3.97
N CYS A 30 2.32 -2.12 -3.76
CA CYS A 30 3.72 -2.45 -4.02
C CYS A 30 3.98 -2.56 -5.52
N GLY A 31 4.91 -1.75 -6.02
CA GLY A 31 5.23 -1.78 -7.43
C GLY A 31 6.10 -2.96 -7.80
N LEU A 32 6.08 -3.99 -6.98
CA LEU A 32 6.87 -5.19 -7.21
C LEU A 32 6.00 -6.45 -7.12
N CYS A 33 4.99 -6.40 -6.26
CA CYS A 33 4.09 -7.53 -6.08
C CYS A 33 2.67 -7.17 -6.49
N GLN A 34 2.43 -5.87 -6.68
CA GLN A 34 1.11 -5.38 -7.09
C GLN A 34 0.08 -5.69 -6.01
N ASP A 35 0.52 -5.78 -4.76
CA ASP A 35 -0.37 -6.07 -3.65
C ASP A 35 -0.80 -4.79 -2.95
N TRP A 36 -1.50 -4.94 -1.83
CA TRP A 36 -1.98 -3.79 -1.07
C TRP A 36 -1.77 -3.99 0.43
N PHE A 37 -1.32 -2.95 1.11
CA PHE A 37 -1.07 -3.02 2.54
C PHE A 37 -1.53 -1.74 3.23
N HIS A 38 -1.56 -1.77 4.56
CA HIS A 38 -1.98 -0.61 5.34
C HIS A 38 -0.77 0.19 5.82
N GLY A 39 -0.92 1.51 5.83
CA GLY A 39 0.17 2.38 6.26
C GLY A 39 0.60 2.10 7.68
N SER A 40 -0.32 1.61 8.50
CA SER A 40 -0.02 1.30 9.90
C SER A 40 0.63 -0.07 10.02
N CYS A 41 0.28 -0.97 9.12
CA CYS A 41 0.83 -2.32 9.13
C CYS A 41 2.23 -2.34 8.51
N VAL A 42 2.47 -1.43 7.58
CA VAL A 42 3.77 -1.34 6.91
C VAL A 42 4.60 -0.19 7.48
N GLY A 43 3.94 0.95 7.72
CA GLY A 43 4.64 2.10 8.26
C GLY A 43 4.69 3.25 7.28
N ILE A 44 3.60 3.45 6.54
CA ILE A 44 3.53 4.53 5.57
C ILE A 44 2.34 5.45 5.85
N GLU A 45 2.49 6.72 5.51
CA GLU A 45 1.44 7.70 5.72
C GLU A 45 0.90 8.23 4.40
N GLU A 46 -0.36 8.62 4.38
CA GLU A 46 -0.99 9.15 3.18
C GLU A 46 -0.29 10.42 2.71
N GLU A 47 0.16 11.22 3.67
CA GLU A 47 0.85 12.47 3.36
C GLU A 47 2.14 12.20 2.59
N ASN A 48 2.77 11.06 2.87
CA ASN A 48 4.01 10.68 2.22
C ASN A 48 3.74 9.87 0.97
N ALA A 49 2.64 9.11 0.99
CA ALA A 49 2.26 8.28 -0.15
C ALA A 49 2.25 9.09 -1.44
N VAL A 50 1.66 10.27 -1.40
CA VAL A 50 1.60 11.15 -2.56
C VAL A 50 2.97 11.36 -3.17
N ASP A 51 4.00 11.17 -2.36
CA ASP A 51 5.38 11.34 -2.82
C ASP A 51 5.99 10.00 -3.23
N ILE A 52 5.35 8.92 -2.81
CA ILE A 52 5.83 7.58 -3.13
C ILE A 52 5.36 7.14 -4.52
N ASP A 53 6.26 7.23 -5.49
CA ASP A 53 5.93 6.84 -6.86
C ASP A 53 5.76 5.33 -6.97
N ILE A 54 6.65 4.58 -6.33
CA ILE A 54 6.59 3.13 -6.36
C ILE A 54 6.80 2.54 -4.96
N TYR A 55 5.71 2.32 -4.24
CA TYR A 55 5.78 1.76 -2.90
C TYR A 55 6.35 0.36 -2.92
N HIS A 56 7.11 0.01 -1.89
CA HIS A 56 7.73 -1.31 -1.78
C HIS A 56 7.29 -2.01 -0.51
N CYS A 57 6.48 -3.05 -0.66
CA CYS A 57 5.99 -3.81 0.48
C CYS A 57 7.12 -4.14 1.45
N PRO A 58 6.76 -4.41 2.72
CA PRO A 58 7.74 -4.74 3.76
C PRO A 58 8.36 -6.12 3.55
N ASP A 59 8.12 -6.70 2.38
CA ASP A 59 8.66 -8.01 2.05
C ASP A 59 9.73 -7.90 0.97
N CYS A 60 9.60 -6.91 0.11
CA CYS A 60 10.56 -6.69 -0.97
C CYS A 60 11.68 -5.76 -0.53
N GLU A 61 11.35 -4.84 0.36
CA GLU A 61 12.33 -3.88 0.87
C GLU A 61 13.55 -4.61 1.45
N ALA A 62 13.34 -5.85 1.86
CA ALA A 62 14.41 -6.65 2.43
C ALA A 62 15.40 -7.10 1.37
N VAL A 63 15.11 -6.74 0.12
CA VAL A 63 15.98 -7.10 -1.00
C VAL A 63 16.20 -5.91 -1.93
N PHE A 64 15.12 -5.26 -2.32
CA PHE A 64 15.19 -4.12 -3.21
C PHE A 64 15.59 -2.85 -2.44
N GLY A 65 14.92 -2.63 -1.31
CA GLY A 65 15.22 -1.46 -0.50
C GLY A 65 14.00 -0.61 -0.22
N PRO A 66 14.21 0.69 -0.01
CA PRO A 66 13.12 1.63 0.27
C PRO A 66 12.22 1.87 -0.95
N SER A 67 11.12 2.57 -0.73
CA SER A 67 10.17 2.86 -1.80
C SER A 67 10.63 4.07 -2.63
N ILE A 68 10.42 3.99 -3.93
CA ILE A 68 10.82 5.07 -4.83
C ILE A 68 9.96 6.31 -4.61
N MET A 69 10.41 7.44 -5.14
CA MET A 69 9.67 8.70 -4.99
C MET A 69 9.54 9.40 -6.34
N LYS A 70 8.40 10.05 -6.55
CA LYS A 70 8.14 10.76 -7.79
C LYS A 70 9.10 11.94 -7.96
N ASN A 71 9.77 12.30 -6.87
CA ASN A 71 10.72 13.40 -6.90
C ASN A 71 10.02 14.72 -7.16
N TRP A 72 8.93 14.96 -6.43
CA TRP A 72 8.16 16.19 -6.58
C TRP A 72 9.06 17.42 -6.45
N HIS A 73 9.09 18.24 -7.49
CA HIS A 73 9.90 19.45 -7.50
C HIS A 73 9.02 20.69 -7.48
N SER A 74 7.98 20.67 -6.66
CA SER A 74 7.05 21.79 -6.55
C SER A 74 6.86 22.20 -5.09
N GLY A 75 7.83 22.93 -4.55
CA GLY A 75 7.76 23.37 -3.17
C GLY A 75 9.10 23.79 -2.62
N PRO A 76 9.11 24.93 -1.89
CA PRO A 76 10.33 25.46 -1.29
C PRO A 76 10.84 24.61 -0.15
N SER A 77 12.16 24.40 -0.11
CA SER A 77 12.77 23.59 0.94
C SER A 77 13.47 24.47 1.96
N SER A 78 12.71 24.88 2.98
CA SER A 78 13.24 25.73 4.04
C SER A 78 13.30 24.99 5.36
N GLY A 79 14.37 24.25 5.57
CA GLY A 79 14.53 23.50 6.81
C GLY A 79 13.20 22.98 7.34
N GLY A 1 -18.77 -2.85 16.70
CA GLY A 1 -19.87 -3.21 15.81
C GLY A 1 -19.93 -4.69 15.55
N SER A 2 -20.43 -5.06 14.37
CA SER A 2 -20.55 -6.47 14.00
C SER A 2 -20.45 -6.63 12.49
N SER A 3 -20.33 -7.88 12.04
CA SER A 3 -20.23 -8.18 10.61
C SER A 3 -21.57 -8.61 10.05
N GLY A 4 -21.62 -8.79 8.73
CA GLY A 4 -22.86 -9.21 8.09
C GLY A 4 -22.62 -10.19 6.96
N SER A 5 -23.70 -10.60 6.29
CA SER A 5 -23.60 -11.55 5.19
C SER A 5 -24.04 -10.90 3.88
N SER A 6 -23.33 -11.22 2.80
CA SER A 6 -23.64 -10.66 1.49
C SER A 6 -23.31 -11.67 0.39
N GLY A 7 -23.85 -11.43 -0.81
CA GLY A 7 -23.61 -12.33 -1.92
C GLY A 7 -22.86 -11.65 -3.05
N MET A 8 -21.71 -11.06 -2.72
CA MET A 8 -20.89 -10.37 -3.71
C MET A 8 -19.54 -11.06 -3.88
N ALA A 9 -18.93 -10.91 -5.05
CA ALA A 9 -17.64 -11.51 -5.33
C ALA A 9 -16.69 -11.35 -4.15
N LEU A 10 -16.12 -12.46 -3.70
CA LEU A 10 -15.19 -12.44 -2.57
C LEU A 10 -13.85 -11.82 -2.98
N VAL A 11 -13.29 -11.01 -2.10
CA VAL A 11 -12.00 -10.36 -2.36
C VAL A 11 -10.90 -10.95 -1.50
N PRO A 12 -9.79 -11.33 -2.14
CA PRO A 12 -8.63 -11.91 -1.44
C PRO A 12 -7.91 -10.89 -0.57
N VAL A 13 -7.00 -11.38 0.28
CA VAL A 13 -6.24 -10.51 1.16
C VAL A 13 -4.89 -10.15 0.54
N TYR A 14 -4.36 -9.00 0.95
CA TYR A 14 -3.07 -8.54 0.43
C TYR A 14 -2.14 -8.12 1.58
N CYS A 15 -2.72 -7.49 2.60
CA CYS A 15 -1.95 -7.03 3.75
C CYS A 15 -1.41 -8.23 4.55
N LEU A 16 -0.60 -7.93 5.55
CA LEU A 16 -0.02 -8.98 6.39
C LEU A 16 -1.01 -9.44 7.46
N CYS A 17 -1.94 -8.56 7.80
CA CYS A 17 -2.96 -8.87 8.81
C CYS A 17 -3.98 -9.86 8.26
N ARG A 18 -3.79 -10.26 7.01
CA ARG A 18 -4.69 -11.20 6.36
C ARG A 18 -6.06 -10.56 6.11
N GLN A 19 -6.04 -9.30 5.69
CA GLN A 19 -7.28 -8.57 5.41
C GLN A 19 -7.34 -8.14 3.95
N PRO A 20 -8.56 -8.07 3.40
CA PRO A 20 -8.78 -7.67 2.01
C PRO A 20 -8.49 -6.19 1.79
N TYR A 21 -9.13 -5.33 2.58
CA TYR A 21 -8.94 -3.89 2.46
C TYR A 21 -9.74 -3.15 3.53
N ASN A 22 -9.41 -1.88 3.73
CA ASN A 22 -10.09 -1.06 4.72
C ASN A 22 -10.35 0.36 4.18
N VAL A 23 -11.63 0.71 4.05
CA VAL A 23 -12.00 2.02 3.55
C VAL A 23 -11.63 3.12 4.54
N ASN A 24 -11.84 2.85 5.83
CA ASN A 24 -11.51 3.81 6.87
C ASN A 24 -10.04 4.15 6.86
N HIS A 25 -9.19 3.13 6.93
CA HIS A 25 -7.75 3.33 6.92
C HIS A 25 -7.21 3.44 5.50
N PHE A 26 -6.00 3.94 5.36
CA PHE A 26 -5.39 4.11 4.05
C PHE A 26 -4.54 2.89 3.70
N MET A 27 -4.37 2.64 2.40
CA MET A 27 -3.57 1.51 1.94
C MET A 27 -2.76 1.89 0.70
N ILE A 28 -1.55 1.34 0.60
CA ILE A 28 -0.68 1.62 -0.53
C ILE A 28 -0.57 0.42 -1.45
N GLU A 29 0.12 0.59 -2.58
CA GLU A 29 0.29 -0.48 -3.55
C GLU A 29 1.77 -0.69 -3.88
N CYS A 30 2.25 -1.90 -3.63
CA CYS A 30 3.65 -2.23 -3.90
C CYS A 30 3.91 -2.31 -5.40
N GLY A 31 4.94 -1.59 -5.86
CA GLY A 31 5.27 -1.59 -7.27
C GLY A 31 6.23 -2.71 -7.63
N LEU A 32 6.18 -3.80 -6.88
CA LEU A 32 7.05 -4.95 -7.12
C LEU A 32 6.24 -6.24 -7.19
N CYS A 33 5.34 -6.42 -6.23
CA CYS A 33 4.50 -7.61 -6.18
C CYS A 33 3.05 -7.26 -6.44
N GLN A 34 2.76 -5.96 -6.52
CA GLN A 34 1.39 -5.50 -6.77
C GLN A 34 0.46 -5.92 -5.64
N ASP A 35 0.91 -5.71 -4.40
CA ASP A 35 0.11 -6.06 -3.23
C ASP A 35 -0.25 -4.83 -2.42
N TRP A 36 -1.46 -4.82 -1.88
CA TRP A 36 -1.94 -3.68 -1.09
C TRP A 36 -1.70 -3.93 0.40
N PHE A 37 -1.37 -2.86 1.12
CA PHE A 37 -1.12 -2.96 2.56
C PHE A 37 -1.60 -1.71 3.28
N HIS A 38 -1.73 -1.81 4.60
CA HIS A 38 -2.18 -0.69 5.41
C HIS A 38 -1.00 0.17 5.85
N GLY A 39 -1.10 1.48 5.62
CA GLY A 39 -0.05 2.39 6.01
C GLY A 39 0.39 2.21 7.44
N SER A 40 -0.51 1.69 8.27
CA SER A 40 -0.22 1.48 9.69
C SER A 40 0.49 0.14 9.89
N CYS A 41 0.14 -0.84 9.06
CA CYS A 41 0.75 -2.16 9.15
C CYS A 41 2.15 -2.17 8.56
N VAL A 42 2.36 -1.30 7.56
CA VAL A 42 3.66 -1.20 6.91
C VAL A 42 4.48 -0.04 7.48
N GLY A 43 3.79 1.04 7.83
CA GLY A 43 4.46 2.20 8.38
C GLY A 43 4.55 3.35 7.39
N ILE A 44 3.54 3.47 6.54
CA ILE A 44 3.50 4.53 5.55
C ILE A 44 2.28 5.43 5.76
N GLU A 45 2.54 6.75 5.82
CA GLU A 45 1.47 7.72 6.02
C GLU A 45 0.93 8.20 4.68
N GLU A 46 -0.40 8.30 4.59
CA GLU A 46 -1.05 8.75 3.37
C GLU A 46 -0.39 10.03 2.84
N GLU A 47 -0.03 10.92 3.77
CA GLU A 47 0.61 12.17 3.39
C GLU A 47 1.92 11.93 2.63
N ASN A 48 2.56 10.81 2.94
CA ASN A 48 3.82 10.46 2.29
C ASN A 48 3.57 9.72 0.97
N ALA A 49 2.49 8.95 0.93
CA ALA A 49 2.12 8.19 -0.26
C ALA A 49 2.17 9.08 -1.50
N VAL A 50 1.46 10.21 -1.45
CA VAL A 50 1.42 11.14 -2.56
C VAL A 50 2.82 11.49 -3.05
N ASP A 51 3.81 11.19 -2.21
CA ASP A 51 5.21 11.46 -2.56
C ASP A 51 5.94 10.18 -2.93
N ILE A 52 5.39 9.05 -2.50
CA ILE A 52 6.00 7.75 -2.79
C ILE A 52 5.66 7.29 -4.20
N ASP A 53 6.56 7.55 -5.13
CA ASP A 53 6.36 7.16 -6.53
C ASP A 53 6.13 5.66 -6.64
N ILE A 54 6.94 4.88 -5.93
CA ILE A 54 6.83 3.43 -5.95
C ILE A 54 7.01 2.84 -4.56
N TYR A 55 5.91 2.46 -3.93
CA TYR A 55 5.95 1.88 -2.60
C TYR A 55 6.49 0.45 -2.63
N HIS A 56 7.35 0.14 -1.67
CA HIS A 56 7.94 -1.20 -1.59
C HIS A 56 7.56 -1.89 -0.29
N CYS A 57 6.79 -2.97 -0.40
CA CYS A 57 6.34 -3.71 0.77
C CYS A 57 7.53 -4.19 1.59
N PRO A 58 7.29 -4.47 2.88
CA PRO A 58 8.33 -4.94 3.80
C PRO A 58 8.78 -6.36 3.49
N ASP A 59 8.38 -6.86 2.33
CA ASP A 59 8.75 -8.21 1.91
C ASP A 59 9.70 -8.16 0.71
N CYS A 60 9.55 -7.14 -0.11
CA CYS A 60 10.40 -6.98 -1.29
C CYS A 60 11.62 -6.12 -0.97
N GLU A 61 11.44 -5.16 -0.06
CA GLU A 61 12.52 -4.28 0.34
C GLU A 61 13.75 -5.07 0.78
N ALA A 62 13.52 -6.30 1.24
CA ALA A 62 14.61 -7.16 1.69
C ALA A 62 15.41 -7.69 0.51
N VAL A 63 15.02 -7.29 -0.69
CA VAL A 63 15.71 -7.73 -1.90
C VAL A 63 15.94 -6.56 -2.86
N PHE A 64 14.88 -5.78 -3.09
CA PHE A 64 14.96 -4.63 -3.99
C PHE A 64 15.58 -3.44 -3.27
N GLY A 65 15.08 -3.14 -2.08
CA GLY A 65 15.59 -2.02 -1.31
C GLY A 65 14.50 -1.10 -0.81
N PRO A 66 14.82 0.19 -0.66
CA PRO A 66 13.86 1.19 -0.19
C PRO A 66 12.78 1.49 -1.22
N SER A 67 11.85 2.36 -0.84
CA SER A 67 10.74 2.72 -1.73
C SER A 67 11.08 3.99 -2.52
N ILE A 68 10.80 3.95 -3.83
CA ILE A 68 11.08 5.09 -4.69
C ILE A 68 10.24 6.31 -4.29
N MET A 69 10.74 7.50 -4.59
CA MET A 69 10.03 8.73 -4.27
C MET A 69 9.90 9.62 -5.50
N LYS A 70 8.71 10.18 -5.68
CA LYS A 70 8.45 11.05 -6.82
C LYS A 70 9.25 12.34 -6.72
N ASN A 71 9.48 12.99 -7.86
CA ASN A 71 10.23 14.24 -7.89
C ASN A 71 9.46 15.32 -8.63
N TRP A 72 8.22 15.54 -8.23
CA TRP A 72 7.37 16.56 -8.86
C TRP A 72 6.64 17.39 -7.81
N HIS A 73 6.29 16.75 -6.70
CA HIS A 73 5.59 17.43 -5.62
C HIS A 73 6.28 18.75 -5.27
N SER A 74 5.63 19.54 -4.42
CA SER A 74 6.18 20.83 -4.00
C SER A 74 6.99 20.69 -2.72
N GLY A 75 7.78 19.62 -2.64
CA GLY A 75 8.59 19.39 -1.46
C GLY A 75 7.75 19.16 -0.22
N PRO A 76 8.16 18.18 0.60
CA PRO A 76 7.46 17.83 1.84
C PRO A 76 7.59 18.92 2.91
N SER A 77 8.80 19.44 3.08
CA SER A 77 9.05 20.47 4.06
C SER A 77 7.85 21.40 4.19
N SER A 78 7.48 21.70 5.44
CA SER A 78 6.35 22.58 5.71
C SER A 78 6.77 23.78 6.53
N GLY A 79 7.27 23.53 7.74
CA GLY A 79 7.70 24.60 8.61
C GLY A 79 8.49 24.08 9.81
N GLY A 1 -33.01 -30.48 9.40
CA GLY A 1 -32.62 -29.24 8.74
C GLY A 1 -31.17 -29.24 8.32
N SER A 2 -30.30 -28.80 9.23
CA SER A 2 -28.87 -28.75 8.94
C SER A 2 -28.61 -28.15 7.56
N SER A 3 -29.35 -27.08 7.24
CA SER A 3 -29.20 -26.41 5.96
C SER A 3 -27.86 -25.69 5.87
N GLY A 4 -27.52 -25.24 4.67
CA GLY A 4 -26.27 -24.53 4.47
C GLY A 4 -26.42 -23.03 4.55
N SER A 5 -25.82 -22.32 3.60
CA SER A 5 -25.89 -20.86 3.59
C SER A 5 -25.49 -20.32 2.22
N SER A 6 -25.84 -19.06 1.96
CA SER A 6 -25.52 -18.42 0.69
C SER A 6 -24.25 -17.60 0.80
N GLY A 7 -23.49 -17.53 -0.29
CA GLY A 7 -22.25 -16.76 -0.29
C GLY A 7 -22.19 -15.77 -1.42
N MET A 8 -21.31 -14.77 -1.30
CA MET A 8 -21.16 -13.76 -2.32
C MET A 8 -19.68 -13.48 -2.60
N ALA A 9 -19.34 -13.26 -3.86
CA ALA A 9 -17.97 -12.98 -4.25
C ALA A 9 -17.26 -12.14 -3.19
N LEU A 10 -16.09 -12.61 -2.77
CA LEU A 10 -15.30 -11.91 -1.75
C LEU A 10 -13.91 -11.59 -2.26
N VAL A 11 -13.46 -10.36 -2.02
CA VAL A 11 -12.13 -9.94 -2.45
C VAL A 11 -11.04 -10.53 -1.57
N PRO A 12 -9.96 -11.00 -2.21
CA PRO A 12 -8.82 -11.60 -1.49
C PRO A 12 -8.03 -10.57 -0.69
N VAL A 13 -7.30 -11.05 0.31
CA VAL A 13 -6.50 -10.17 1.16
C VAL A 13 -5.12 -9.94 0.55
N TYR A 14 -4.48 -8.84 0.93
CA TYR A 14 -3.16 -8.50 0.42
C TYR A 14 -2.22 -8.10 1.56
N CYS A 15 -2.79 -7.44 2.57
CA CYS A 15 -2.00 -6.99 3.72
C CYS A 15 -1.59 -8.18 4.58
N LEU A 16 -0.89 -7.90 5.67
CA LEU A 16 -0.43 -8.95 6.59
C LEU A 16 -1.49 -9.25 7.64
N CYS A 17 -2.47 -8.35 7.76
CA CYS A 17 -3.55 -8.52 8.74
C CYS A 17 -4.67 -9.38 8.15
N ARG A 18 -4.42 -9.96 6.99
CA ARG A 18 -5.42 -10.80 6.32
C ARG A 18 -6.67 -10.00 6.00
N GLN A 19 -6.48 -8.78 5.48
CA GLN A 19 -7.60 -7.92 5.12
C GLN A 19 -7.57 -7.58 3.64
N PRO A 20 -8.76 -7.47 3.03
CA PRO A 20 -8.90 -7.15 1.61
C PRO A 20 -8.49 -5.71 1.29
N TYR A 21 -9.14 -4.76 1.97
CA TYR A 21 -8.85 -3.34 1.77
C TYR A 21 -9.71 -2.48 2.70
N ASN A 22 -9.05 -1.75 3.59
CA ASN A 22 -9.74 -0.89 4.52
C ASN A 22 -9.57 0.59 4.14
N VAL A 23 -10.21 0.98 3.05
CA VAL A 23 -10.13 2.36 2.57
C VAL A 23 -10.45 3.34 3.68
N ASN A 24 -11.33 2.94 4.60
CA ASN A 24 -11.72 3.79 5.71
C ASN A 24 -10.50 4.38 6.40
N HIS A 25 -9.35 3.73 6.22
CA HIS A 25 -8.11 4.19 6.82
C HIS A 25 -7.12 4.64 5.75
N PHE A 26 -6.41 3.69 5.15
CA PHE A 26 -5.44 4.00 4.12
C PHE A 26 -4.77 2.72 3.60
N MET A 27 -4.24 2.79 2.39
CA MET A 27 -3.58 1.64 1.79
C MET A 27 -2.75 2.06 0.57
N ILE A 28 -1.77 1.25 0.21
CA ILE A 28 -0.91 1.54 -0.93
C ILE A 28 -0.71 0.30 -1.81
N GLU A 29 0.14 0.42 -2.81
CA GLU A 29 0.42 -0.69 -3.71
C GLU A 29 1.92 -0.81 -3.98
N CYS A 30 2.43 -2.03 -3.88
CA CYS A 30 3.85 -2.29 -4.10
C CYS A 30 4.15 -2.38 -5.59
N GLY A 31 5.11 -1.59 -6.04
CA GLY A 31 5.48 -1.60 -7.45
C GLY A 31 6.45 -2.71 -7.79
N LEU A 32 6.38 -3.80 -7.03
CA LEU A 32 7.26 -4.95 -7.25
C LEU A 32 6.46 -6.24 -7.36
N CYS A 33 5.55 -6.45 -6.41
CA CYS A 33 4.71 -7.65 -6.39
C CYS A 33 3.25 -7.28 -6.60
N GLN A 34 2.97 -5.99 -6.68
CA GLN A 34 1.61 -5.51 -6.88
C GLN A 34 0.71 -5.92 -5.71
N ASP A 35 1.19 -5.70 -4.50
CA ASP A 35 0.43 -6.05 -3.31
C ASP A 35 -0.04 -4.80 -2.58
N TRP A 36 -1.14 -4.93 -1.83
CA TRP A 36 -1.70 -3.80 -1.09
C TRP A 36 -1.49 -3.98 0.41
N PHE A 37 -1.20 -2.89 1.10
CA PHE A 37 -0.97 -2.93 2.55
C PHE A 37 -1.55 -1.68 3.21
N HIS A 38 -1.50 -1.67 4.54
CA HIS A 38 -2.02 -0.54 5.30
C HIS A 38 -0.87 0.37 5.78
N GLY A 39 -1.20 1.63 6.07
CA GLY A 39 -0.19 2.56 6.53
C GLY A 39 0.27 2.28 7.94
N SER A 40 -0.62 1.69 8.75
CA SER A 40 -0.28 1.38 10.12
C SER A 40 0.43 0.03 10.21
N CYS A 41 0.14 -0.85 9.27
CA CYS A 41 0.75 -2.17 9.24
C CYS A 41 2.17 -2.10 8.66
N VAL A 42 2.39 -1.16 7.76
CA VAL A 42 3.69 -0.98 7.14
C VAL A 42 4.40 0.26 7.68
N GLY A 43 3.66 1.36 7.78
CA GLY A 43 4.23 2.59 8.29
C GLY A 43 4.24 3.69 7.24
N ILE A 44 3.15 3.82 6.50
CA ILE A 44 3.04 4.84 5.46
C ILE A 44 1.76 5.64 5.62
N GLU A 45 1.90 6.96 5.81
CA GLU A 45 0.76 7.84 5.97
C GLU A 45 0.23 8.29 4.62
N GLU A 46 -1.07 8.58 4.57
CA GLU A 46 -1.71 9.02 3.34
C GLU A 46 -1.05 10.30 2.82
N GLU A 47 -0.76 11.22 3.73
CA GLU A 47 -0.15 12.49 3.37
C GLU A 47 1.21 12.27 2.71
N ASN A 48 1.85 11.16 3.06
CA ASN A 48 3.16 10.83 2.50
C ASN A 48 3.01 9.95 1.26
N ALA A 49 1.91 9.20 1.19
CA ALA A 49 1.64 8.33 0.05
C ALA A 49 1.71 9.11 -1.26
N VAL A 50 1.15 10.31 -1.26
CA VAL A 50 1.14 11.16 -2.44
C VAL A 50 2.57 11.51 -2.87
N ASP A 51 3.54 11.16 -2.04
CA ASP A 51 4.94 11.45 -2.33
C ASP A 51 5.69 10.16 -2.65
N ILE A 52 5.00 9.02 -2.55
CA ILE A 52 5.61 7.73 -2.82
C ILE A 52 5.35 7.29 -4.25
N ASP A 53 6.28 7.60 -5.14
CA ASP A 53 6.15 7.24 -6.55
C ASP A 53 6.02 5.73 -6.70
N ILE A 54 6.78 4.99 -5.90
CA ILE A 54 6.76 3.53 -5.96
C ILE A 54 6.95 2.93 -4.57
N TYR A 55 5.86 2.42 -3.99
CA TYR A 55 5.92 1.81 -2.67
C TYR A 55 6.52 0.42 -2.73
N HIS A 56 7.31 0.08 -1.71
CA HIS A 56 7.96 -1.23 -1.65
C HIS A 56 7.54 -1.98 -0.38
N CYS A 57 6.73 -3.01 -0.54
CA CYS A 57 6.27 -3.80 0.58
C CYS A 57 7.44 -4.26 1.44
N PRO A 58 7.15 -4.56 2.72
CA PRO A 58 8.18 -5.02 3.67
C PRO A 58 8.68 -6.42 3.36
N ASP A 59 8.26 -6.94 2.21
CA ASP A 59 8.67 -8.28 1.79
C ASP A 59 9.64 -8.21 0.62
N CYS A 60 9.57 -7.12 -0.14
CA CYS A 60 10.44 -6.92 -1.29
C CYS A 60 11.64 -6.04 -0.92
N GLU A 61 11.42 -5.12 0.02
CA GLU A 61 12.47 -4.21 0.45
C GLU A 61 13.71 -4.99 0.90
N ALA A 62 13.49 -6.22 1.36
CA ALA A 62 14.59 -7.06 1.81
C ALA A 62 15.49 -7.48 0.66
N VAL A 63 15.08 -7.12 -0.55
CA VAL A 63 15.85 -7.46 -1.75
C VAL A 63 16.04 -6.23 -2.64
N PHE A 64 14.94 -5.55 -2.94
CA PHE A 64 14.98 -4.37 -3.79
C PHE A 64 15.54 -3.17 -3.02
N GLY A 65 15.00 -2.95 -1.82
CA GLY A 65 15.46 -1.84 -1.00
C GLY A 65 14.31 -0.98 -0.52
N PRO A 66 14.59 0.31 -0.26
CA PRO A 66 13.59 1.26 0.23
C PRO A 66 12.57 1.61 -0.85
N SER A 67 11.55 2.38 -0.46
CA SER A 67 10.50 2.78 -1.39
C SER A 67 10.88 4.06 -2.12
N ILE A 68 10.47 4.17 -3.37
CA ILE A 68 10.76 5.35 -4.17
C ILE A 68 9.83 6.50 -3.82
N MET A 69 10.24 7.72 -4.19
CA MET A 69 9.43 8.91 -3.91
C MET A 69 9.32 9.79 -5.16
N LYS A 70 8.12 10.30 -5.40
CA LYS A 70 7.87 11.16 -6.55
C LYS A 70 8.80 12.38 -6.53
N ASN A 71 8.72 13.19 -7.58
CA ASN A 71 9.55 14.38 -7.68
C ASN A 71 8.72 15.59 -8.11
N TRP A 72 7.77 15.98 -7.26
CA TRP A 72 6.91 17.12 -7.55
C TRP A 72 7.73 18.40 -7.67
N HIS A 73 8.68 18.57 -6.77
CA HIS A 73 9.54 19.76 -6.78
C HIS A 73 11.02 19.37 -6.66
N SER A 74 11.34 18.60 -5.64
CA SER A 74 12.71 18.16 -5.42
C SER A 74 13.38 17.78 -6.73
N GLY A 75 12.72 16.90 -7.49
CA GLY A 75 13.27 16.47 -8.76
C GLY A 75 14.05 15.17 -8.65
N PRO A 76 15.10 15.03 -9.47
CA PRO A 76 15.94 13.83 -9.47
C PRO A 76 16.78 13.70 -8.21
N SER A 77 16.19 13.13 -7.16
CA SER A 77 16.88 12.95 -5.89
C SER A 77 16.38 11.70 -5.18
N SER A 78 17.18 11.21 -4.23
CA SER A 78 16.82 10.02 -3.46
C SER A 78 16.29 10.40 -2.08
N GLY A 79 15.01 10.14 -1.86
CA GLY A 79 14.40 10.46 -0.58
C GLY A 79 14.03 9.22 0.21
N GLY A 1 -18.54 -9.32 15.96
CA GLY A 1 -18.47 -10.28 14.85
C GLY A 1 -18.64 -9.61 13.50
N SER A 2 -19.70 -8.82 13.35
CA SER A 2 -19.97 -8.13 12.10
C SER A 2 -19.51 -8.97 10.91
N SER A 3 -19.83 -10.26 10.94
CA SER A 3 -19.44 -11.17 9.87
C SER A 3 -20.65 -11.97 9.38
N GLY A 4 -20.68 -12.22 8.08
CA GLY A 4 -21.79 -12.98 7.51
C GLY A 4 -21.64 -13.18 6.01
N SER A 5 -21.89 -14.40 5.54
CA SER A 5 -21.77 -14.71 4.13
C SER A 5 -22.72 -15.85 3.74
N SER A 6 -23.21 -15.80 2.51
CA SER A 6 -24.13 -16.83 2.01
C SER A 6 -23.51 -17.61 0.87
N GLY A 7 -22.96 -16.89 -0.11
CA GLY A 7 -22.34 -17.54 -1.26
C GLY A 7 -22.06 -16.57 -2.38
N MET A 8 -21.23 -15.57 -2.12
CA MET A 8 -20.87 -14.58 -3.12
C MET A 8 -19.36 -14.41 -3.23
N ALA A 9 -18.92 -13.58 -4.16
CA ALA A 9 -17.51 -13.33 -4.36
C ALA A 9 -16.87 -12.72 -3.12
N LEU A 10 -15.73 -13.26 -2.71
CA LEU A 10 -15.02 -12.76 -1.54
C LEU A 10 -13.64 -12.24 -1.91
N VAL A 11 -13.43 -10.94 -1.71
CA VAL A 11 -12.14 -10.32 -2.03
C VAL A 11 -11.03 -10.94 -1.20
N PRO A 12 -9.93 -11.31 -1.87
CA PRO A 12 -8.76 -11.90 -1.21
C PRO A 12 -8.01 -10.90 -0.33
N VAL A 13 -6.99 -11.40 0.37
CA VAL A 13 -6.20 -10.55 1.25
C VAL A 13 -4.85 -10.20 0.61
N TYR A 14 -4.24 -9.11 1.06
CA TYR A 14 -2.96 -8.67 0.53
C TYR A 14 -2.01 -8.28 1.65
N CYS A 15 -2.53 -7.54 2.63
CA CYS A 15 -1.73 -7.09 3.77
C CYS A 15 -1.23 -8.29 4.57
N LEU A 16 -0.41 -8.01 5.59
CA LEU A 16 0.14 -9.05 6.43
C LEU A 16 -0.87 -9.49 7.48
N CYS A 17 -1.77 -8.60 7.84
CA CYS A 17 -2.80 -8.90 8.84
C CYS A 17 -3.81 -9.92 8.29
N ARG A 18 -3.61 -10.31 7.03
CA ARG A 18 -4.50 -11.27 6.40
C ARG A 18 -5.88 -10.66 6.15
N GLN A 19 -5.91 -9.40 5.76
CA GLN A 19 -7.16 -8.70 5.50
C GLN A 19 -7.24 -8.26 4.04
N PRO A 20 -8.47 -8.14 3.52
CA PRO A 20 -8.72 -7.74 2.14
C PRO A 20 -8.38 -6.27 1.90
N TYR A 21 -8.99 -5.39 2.68
CA TYR A 21 -8.75 -3.95 2.55
C TYR A 21 -9.54 -3.18 3.60
N ASN A 22 -8.93 -2.13 4.13
CA ASN A 22 -9.57 -1.29 5.14
C ASN A 22 -9.86 0.11 4.60
N VAL A 23 -10.76 0.82 5.26
CA VAL A 23 -11.13 2.17 4.84
C VAL A 23 -10.67 3.20 5.87
N ASN A 24 -10.58 2.77 7.12
CA ASN A 24 -10.16 3.65 8.20
C ASN A 24 -8.65 3.85 8.19
N HIS A 25 -7.93 2.88 7.61
CA HIS A 25 -6.48 2.94 7.53
C HIS A 25 -6.01 2.95 6.07
N PHE A 26 -5.46 4.07 5.65
CA PHE A 26 -4.97 4.22 4.28
C PHE A 26 -4.26 2.95 3.82
N MET A 27 -4.29 2.71 2.51
CA MET A 27 -3.65 1.52 1.95
C MET A 27 -2.80 1.90 0.74
N ILE A 28 -1.61 1.31 0.65
CA ILE A 28 -0.70 1.58 -0.45
C ILE A 28 -0.61 0.38 -1.39
N GLU A 29 0.09 0.57 -2.52
CA GLU A 29 0.25 -0.50 -3.50
C GLU A 29 1.72 -0.71 -3.83
N CYS A 30 2.20 -1.93 -3.59
CA CYS A 30 3.59 -2.26 -3.87
C CYS A 30 3.87 -2.27 -5.37
N GLY A 31 4.90 -1.55 -5.78
CA GLY A 31 5.25 -1.50 -7.19
C GLY A 31 6.23 -2.58 -7.60
N LEU A 32 6.27 -3.65 -6.81
CA LEU A 32 7.17 -4.77 -7.08
C LEU A 32 6.40 -6.08 -7.21
N CYS A 33 5.45 -6.28 -6.30
CA CYS A 33 4.63 -7.49 -6.31
C CYS A 33 3.18 -7.17 -6.65
N GLN A 34 2.88 -5.88 -6.78
CA GLN A 34 1.54 -5.43 -7.10
C GLN A 34 0.55 -5.84 -6.01
N ASP A 35 0.93 -5.61 -4.76
CA ASP A 35 0.09 -5.96 -3.62
C ASP A 35 -0.40 -4.70 -2.91
N TRP A 36 -1.23 -4.88 -1.89
CA TRP A 36 -1.78 -3.77 -1.13
C TRP A 36 -1.56 -3.96 0.36
N PHE A 37 -1.18 -2.89 1.05
CA PHE A 37 -0.93 -2.95 2.48
C PHE A 37 -1.46 -1.69 3.17
N HIS A 38 -1.60 -1.76 4.50
CA HIS A 38 -2.09 -0.64 5.27
C HIS A 38 -0.94 0.25 5.73
N GLY A 39 -1.15 1.57 5.66
CA GLY A 39 -0.12 2.50 6.07
C GLY A 39 0.29 2.32 7.52
N SER A 40 -0.54 1.63 8.28
CA SER A 40 -0.27 1.39 9.70
C SER A 40 0.52 0.10 9.88
N CYS A 41 0.17 -0.92 9.10
CA CYS A 41 0.85 -2.21 9.18
C CYS A 41 2.25 -2.12 8.59
N VAL A 42 2.41 -1.28 7.58
CA VAL A 42 3.70 -1.10 6.92
C VAL A 42 4.47 0.07 7.51
N GLY A 43 3.73 1.05 8.03
CA GLY A 43 4.36 2.21 8.63
C GLY A 43 4.48 3.37 7.66
N ILE A 44 3.51 3.48 6.75
CA ILE A 44 3.51 4.55 5.76
C ILE A 44 2.28 5.44 5.92
N GLU A 45 2.51 6.74 6.08
CA GLU A 45 1.42 7.69 6.24
C GLU A 45 0.83 8.08 4.89
N GLU A 46 -0.44 8.44 4.90
CA GLU A 46 -1.14 8.83 3.67
C GLU A 46 -0.52 10.09 3.08
N GLU A 47 -0.20 11.04 3.95
CA GLU A 47 0.39 12.30 3.51
C GLU A 47 1.73 12.07 2.82
N ASN A 48 2.38 10.97 3.17
CA ASN A 48 3.68 10.63 2.58
C ASN A 48 3.50 9.79 1.32
N ALA A 49 2.42 9.01 1.29
CA ALA A 49 2.13 8.17 0.13
C ALA A 49 2.15 8.97 -1.16
N VAL A 50 1.40 10.06 -1.19
CA VAL A 50 1.33 10.91 -2.37
C VAL A 50 2.73 11.27 -2.87
N ASP A 51 3.73 11.08 -2.01
CA ASP A 51 5.11 11.38 -2.36
C ASP A 51 5.84 10.11 -2.79
N ILE A 52 5.35 8.96 -2.34
CA ILE A 52 5.95 7.68 -2.68
C ILE A 52 5.55 7.23 -4.08
N ASP A 53 6.45 7.42 -5.04
CA ASP A 53 6.18 7.04 -6.41
C ASP A 53 5.98 5.53 -6.53
N ILE A 54 6.86 4.77 -5.90
CA ILE A 54 6.78 3.31 -5.93
C ILE A 54 6.98 2.72 -4.54
N TYR A 55 5.88 2.44 -3.85
CA TYR A 55 5.92 1.88 -2.51
C TYR A 55 6.47 0.45 -2.55
N HIS A 56 7.40 0.17 -1.64
CA HIS A 56 8.02 -1.16 -1.57
C HIS A 56 7.61 -1.87 -0.28
N CYS A 57 6.80 -2.91 -0.42
CA CYS A 57 6.32 -3.68 0.73
C CYS A 57 7.50 -4.18 1.56
N PRO A 58 7.23 -4.45 2.85
CA PRO A 58 8.26 -4.95 3.78
C PRO A 58 8.70 -6.37 3.47
N ASP A 59 8.24 -6.88 2.33
CA ASP A 59 8.59 -8.24 1.90
C ASP A 59 9.54 -8.21 0.71
N CYS A 60 9.48 -7.14 -0.06
CA CYS A 60 10.34 -6.98 -1.23
C CYS A 60 11.57 -6.14 -0.90
N GLU A 61 11.41 -5.20 0.03
CA GLU A 61 12.51 -4.33 0.43
C GLU A 61 13.70 -5.16 0.91
N ALA A 62 13.46 -6.41 1.26
CA ALA A 62 14.51 -7.30 1.74
C ALA A 62 15.33 -7.84 0.58
N VAL A 63 14.97 -7.45 -0.64
CA VAL A 63 15.67 -7.88 -1.83
C VAL A 63 15.91 -6.72 -2.79
N PHE A 64 14.87 -5.92 -3.02
CA PHE A 64 14.97 -4.78 -3.91
C PHE A 64 15.60 -3.58 -3.18
N GLY A 65 15.08 -3.28 -2.01
CA GLY A 65 15.59 -2.16 -1.23
C GLY A 65 14.49 -1.23 -0.76
N PRO A 66 14.82 0.06 -0.57
CA PRO A 66 13.87 1.07 -0.11
C PRO A 66 12.82 1.39 -1.15
N SER A 67 11.83 2.19 -0.76
CA SER A 67 10.75 2.58 -1.66
C SER A 67 11.11 3.85 -2.43
N ILE A 68 10.89 3.83 -3.74
CA ILE A 68 11.19 4.98 -4.58
C ILE A 68 10.34 6.17 -4.20
N MET A 69 10.81 7.37 -4.56
CA MET A 69 10.08 8.61 -4.25
C MET A 69 9.82 9.40 -5.52
N LYS A 70 8.62 9.99 -5.60
CA LYS A 70 8.24 10.78 -6.76
C LYS A 70 9.20 11.96 -6.96
N ASN A 71 9.04 12.67 -8.07
CA ASN A 71 9.89 13.82 -8.37
C ASN A 71 9.05 15.00 -8.85
N TRP A 72 8.02 15.33 -8.09
CA TRP A 72 7.14 16.44 -8.43
C TRP A 72 6.44 17.00 -7.19
N HIS A 73 6.05 18.26 -7.25
CA HIS A 73 5.37 18.91 -6.13
C HIS A 73 4.57 20.12 -6.61
N SER A 74 3.25 19.98 -6.63
CA SER A 74 2.38 21.07 -7.06
C SER A 74 2.07 22.01 -5.90
N GLY A 75 1.91 21.44 -4.71
CA GLY A 75 1.60 22.25 -3.53
C GLY A 75 2.80 22.39 -2.61
N PRO A 76 2.97 23.59 -2.04
CA PRO A 76 4.08 23.88 -1.14
C PRO A 76 3.94 23.17 0.20
N SER A 77 4.35 21.91 0.24
CA SER A 77 4.25 21.11 1.47
C SER A 77 5.47 21.35 2.36
N SER A 78 5.45 22.46 3.08
CA SER A 78 6.55 22.80 3.97
C SER A 78 6.31 22.25 5.37
N GLY A 79 7.37 22.22 6.18
CA GLY A 79 7.25 21.71 7.53
C GLY A 79 6.74 20.28 7.57
#